data_7Q5W
#
_entry.id   7Q5W
#
_cell.length_a   117.949
_cell.length_b   131.928
_cell.length_c   141.526
_cell.angle_alpha   90.000
_cell.angle_beta   90.000
_cell.angle_gamma   90.000
#
_symmetry.space_group_name_H-M   'P 21 21 21'
#
loop_
_entity.id
_entity.type
_entity.pdbx_description
1 polymer 'Tyrosine-protein kinase SYK'
2 polymer 'TYRO protein tyrosine kinase-binding protein'
3 non-polymer 'PHOSPHATE ION'
4 non-polymer 1,2-ETHANEDIOL
5 non-polymer DI(HYDROXYETHYL)ETHER
6 non-polymer 1-ETHOXY-2-(2-ETHOXYETHOXY)ETHANE
7 water water
#
loop_
_entity_poly.entity_id
_entity_poly.type
_entity_poly.pdbx_seq_one_letter_code
_entity_poly.pdbx_strand_id
1 'polypeptide(L)'
;SMADSANHLPFFFGNITREEAEDYLVQGGMSDGLYLLRQSRNYLGGFALSVAHGRKAHHYTIERELNGTYAIAGGRTHAS
PADLCHYHSQESDGLVCLLKKPFNRPQGVQPKTGPFEDLKENLIREYVKQTWNLQGQALEQAIISQKPQLEKLIATTAHE
KMPWFHGKISREESEQIVLIGSKTNGKFLIRARDNNGSYALCLLHEGKVLHYRIDKDKTGKLSIPEGKKFDTLWQLVEHY
SYKADGLLRVLTVPCQKIGTQGNVN
;
AAA,BBB,CCC,DDD,EEE,FFF
2 'polypeptide(L)' ESP(PTR)QELQGQRSDV(PTR)SDLNT GGG,HHH,III,JJJ,KKK,LLL
#
# COMPACT_ATOMS: atom_id res chain seq x y z
N SER A 5 -0.31 1.68 40.28
CA SER A 5 -0.61 1.34 41.70
C SER A 5 0.24 0.14 42.15
N ALA A 6 1.47 0.00 41.62
CA ALA A 6 2.51 -0.94 42.13
C ALA A 6 3.30 -0.35 43.32
N ASN A 7 3.09 0.90 43.70
CA ASN A 7 3.76 1.55 44.86
C ASN A 7 3.38 0.83 46.17
N HIS A 8 2.22 0.18 46.20
CA HIS A 8 1.66 -0.53 47.38
C HIS A 8 2.44 -1.82 47.63
N LEU A 9 3.16 -2.36 46.65
CA LEU A 9 3.96 -3.60 46.81
C LEU A 9 5.23 -3.28 47.60
N PRO A 10 5.54 -4.01 48.69
CA PRO A 10 6.73 -3.71 49.49
C PRO A 10 8.06 -4.11 48.81
N PHE A 11 7.97 -4.90 47.73
CA PHE A 11 9.11 -5.41 46.94
C PHE A 11 9.23 -4.68 45.59
N PHE A 12 8.54 -3.56 45.41
CA PHE A 12 8.64 -2.66 44.23
C PHE A 12 9.61 -1.53 44.55
N PHE A 13 10.67 -1.39 43.75
CA PHE A 13 11.77 -0.43 44.03
C PHE A 13 11.67 0.78 43.13
N GLY A 14 10.64 0.87 42.29
CA GLY A 14 10.49 1.94 41.30
C GLY A 14 11.63 1.95 40.30
N ASN A 15 12.11 3.16 39.96
CA ASN A 15 13.05 3.40 38.84
C ASN A 15 14.50 3.15 39.29
N ILE A 16 14.84 1.93 39.68
CA ILE A 16 16.25 1.51 39.93
C ILE A 16 16.73 0.82 38.66
N THR A 17 18.03 0.68 38.49
CA THR A 17 18.65 0.08 37.29
C THR A 17 18.76 -1.43 37.47
N ARG A 18 18.96 -2.15 36.37
CA ARG A 18 19.27 -3.59 36.42
C ARG A 18 20.39 -3.82 37.44
N GLU A 19 21.43 -2.98 37.42
CA GLU A 19 22.65 -3.17 38.26
C GLU A 19 22.26 -2.97 39.72
N GLU A 20 21.46 -1.97 40.03
CA GLU A 20 21.01 -1.71 41.42
C GLU A 20 20.13 -2.88 41.87
N ALA A 21 19.26 -3.41 40.99
CA ALA A 21 18.39 -4.57 41.30
C ALA A 21 19.28 -5.75 41.66
N GLU A 22 20.34 -5.99 40.87
CA GLU A 22 21.29 -7.10 41.13
C GLU A 22 22.02 -6.88 42.46
N ASP A 23 22.40 -5.64 42.80
CA ASP A 23 23.07 -5.32 44.10
C ASP A 23 22.11 -5.68 45.24
N TYR A 24 20.82 -5.36 45.08
CA TYR A 24 19.79 -5.61 46.12
C TYR A 24 19.59 -7.13 46.27
N LEU A 25 19.56 -7.88 45.18
CA LEU A 25 19.40 -9.36 45.26
C LEU A 25 20.62 -9.95 45.98
N VAL A 26 21.83 -9.48 45.69
CA VAL A 26 23.08 -9.93 46.38
C VAL A 26 22.92 -9.63 47.88
N GLN A 27 22.54 -8.41 48.23
CA GLN A 27 22.34 -7.96 49.63
C GLN A 27 21.28 -8.84 50.33
N GLY A 28 20.29 -9.33 49.59
CA GLY A 28 19.19 -10.15 50.13
C GLY A 28 19.55 -11.63 50.21
N GLY A 29 20.75 -12.02 49.75
CA GLY A 29 21.28 -13.38 49.92
C GLY A 29 21.38 -14.16 48.61
N MET A 30 20.77 -13.67 47.52
CA MET A 30 20.86 -14.30 46.17
C MET A 30 20.36 -15.75 46.22
N SER A 31 19.38 -16.02 47.09
CA SER A 31 18.72 -17.35 47.24
C SER A 31 17.79 -17.60 46.05
N ASP A 32 17.70 -18.85 45.62
CA ASP A 32 16.74 -19.32 44.58
C ASP A 32 15.34 -18.79 44.90
N GLY A 33 14.69 -18.18 43.91
CA GLY A 33 13.33 -17.61 44.03
C GLY A 33 13.29 -16.28 44.74
N LEU A 34 14.41 -15.71 45.17
CA LEU A 34 14.44 -14.31 45.68
C LEU A 34 14.13 -13.38 44.49
N TYR A 35 13.27 -12.39 44.67
CA TYR A 35 12.81 -11.56 43.54
C TYR A 35 12.39 -10.18 44.03
N LEU A 36 12.45 -9.22 43.11
CA LEU A 36 11.90 -7.85 43.31
C LEU A 36 11.31 -7.37 41.99
N LEU A 37 10.58 -6.28 42.07
CA LEU A 37 9.90 -5.61 40.95
C LEU A 37 10.51 -4.21 40.83
N ARG A 38 10.67 -3.75 39.60
CA ARG A 38 11.12 -2.37 39.32
C ARG A 38 10.31 -1.85 38.13
N GLN A 39 10.31 -0.55 37.97
CA GLN A 39 9.71 0.12 36.79
C GLN A 39 10.60 -0.16 35.58
N SER A 40 10.02 -0.54 34.45
CA SER A 40 10.78 -0.69 33.19
C SER A 40 11.35 0.67 32.84
N ARG A 41 12.60 0.69 32.39
CA ARG A 41 13.32 1.93 32.02
C ARG A 41 13.20 2.16 30.51
N ASN A 42 12.65 1.21 29.75
CA ASN A 42 12.55 1.35 28.28
C ASN A 42 11.16 0.99 27.72
N TYR A 43 10.22 0.46 28.52
CA TYR A 43 8.83 0.22 28.07
C TYR A 43 7.87 1.04 28.93
N LEU A 44 7.20 1.99 28.28
CA LEU A 44 6.25 2.92 28.94
C LEU A 44 5.16 2.12 29.65
N GLY A 45 4.86 2.44 30.91
CA GLY A 45 3.87 1.74 31.74
C GLY A 45 4.32 0.35 32.14
N GLY A 46 5.51 -0.08 31.71
CA GLY A 46 6.04 -1.43 31.94
C GLY A 46 6.72 -1.57 33.29
N PHE A 47 7.00 -2.83 33.66
CA PHE A 47 7.74 -3.22 34.88
C PHE A 47 8.80 -4.23 34.45
N ALA A 48 9.74 -4.51 35.35
CA ALA A 48 10.72 -5.58 35.17
C ALA A 48 10.72 -6.41 36.46
N LEU A 49 10.82 -7.71 36.29
CA LEU A 49 10.89 -8.71 37.38
C LEU A 49 12.34 -9.19 37.39
N SER A 50 13.01 -9.10 38.53
CA SER A 50 14.40 -9.56 38.69
C SER A 50 14.41 -10.67 39.71
N VAL A 51 14.91 -11.85 39.33
CA VAL A 51 14.83 -13.10 40.14
C VAL A 51 16.23 -13.71 40.26
N ALA A 52 16.60 -14.16 41.45
CA ALA A 52 17.81 -14.97 41.70
C ALA A 52 17.50 -16.45 41.50
N HIS A 53 18.30 -17.13 40.67
CA HIS A 53 18.30 -18.61 40.53
C HIS A 53 19.67 -19.07 40.03
N GLY A 54 20.22 -20.12 40.63
CA GLY A 54 21.54 -20.68 40.28
C GLY A 54 22.64 -19.66 40.48
N ARG A 55 22.50 -18.81 41.52
CA ARG A 55 23.46 -17.74 41.90
C ARG A 55 23.55 -16.65 40.83
N LYS A 56 22.65 -16.63 39.84
CA LYS A 56 22.61 -15.62 38.75
C LYS A 56 21.34 -14.78 38.88
N ALA A 57 21.30 -13.63 38.21
CA ALA A 57 20.13 -12.74 38.11
C ALA A 57 19.46 -13.02 36.77
N HIS A 58 18.12 -13.07 36.79
CA HIS A 58 17.27 -13.21 35.58
C HIS A 58 16.28 -12.05 35.59
N HIS A 59 16.16 -11.35 34.46
CA HIS A 59 15.35 -10.13 34.30
C HIS A 59 14.32 -10.35 33.20
N TYR A 60 13.05 -10.04 33.48
CA TYR A 60 11.90 -10.19 32.58
C TYR A 60 11.19 -8.85 32.48
N THR A 61 10.96 -8.37 31.27
CA THR A 61 10.13 -7.17 31.03
C THR A 61 8.67 -7.61 31.12
N ILE A 62 7.89 -6.90 31.94
CA ILE A 62 6.41 -7.01 32.00
C ILE A 62 5.85 -5.80 31.26
N GLU A 63 5.34 -6.02 30.04
CA GLU A 63 4.76 -4.93 29.21
C GLU A 63 3.32 -4.69 29.65
N ARG A 64 2.87 -3.44 29.57
CA ARG A 64 1.45 -3.06 29.60
C ARG A 64 0.91 -3.25 28.17
N GLU A 65 -0.03 -4.19 28.00
CA GLU A 65 -0.67 -4.48 26.68
C GLU A 65 -1.62 -3.31 26.35
N LEU A 66 -2.04 -3.20 25.09
CA LEU A 66 -3.00 -2.18 24.58
C LEU A 66 -4.25 -2.08 25.47
N ASN A 67 -4.75 -3.22 25.96
CA ASN A 67 -6.02 -3.31 26.75
C ASN A 67 -5.76 -3.08 28.26
N GLY A 68 -4.53 -2.75 28.67
CA GLY A 68 -4.21 -2.39 30.07
C GLY A 68 -3.98 -3.61 30.96
N THR A 69 -3.80 -4.78 30.37
CA THR A 69 -3.31 -6.01 31.05
C THR A 69 -1.78 -6.01 30.98
N TYR A 70 -1.14 -6.96 31.65
CA TYR A 70 0.34 -7.04 31.82
C TYR A 70 0.81 -8.43 31.45
N ALA A 71 1.88 -8.54 30.67
CA ALA A 71 2.41 -9.83 30.20
C ALA A 71 3.90 -9.71 29.89
N ILE A 72 4.65 -10.72 30.28
CA ILE A 72 5.97 -11.10 29.73
C ILE A 72 5.71 -11.68 28.33
N ALA A 73 6.51 -11.32 27.33
CA ALA A 73 6.47 -11.89 25.97
C ALA A 73 6.39 -13.43 26.07
N GLY A 74 5.35 -14.02 25.46
CA GLY A 74 5.11 -15.47 25.37
C GLY A 74 4.24 -15.99 26.50
N GLY A 75 3.74 -15.11 27.37
CA GLY A 75 3.03 -15.47 28.61
C GLY A 75 1.59 -15.02 28.56
N ARG A 76 0.76 -15.50 29.48
CA ARG A 76 -0.65 -15.06 29.61
C ARG A 76 -0.69 -13.62 30.12
N THR A 77 -1.78 -12.91 29.85
CA THR A 77 -2.03 -11.54 30.39
C THR A 77 -2.51 -11.67 31.84
N HIS A 78 -2.23 -10.67 32.66
CA HIS A 78 -2.70 -10.54 34.07
C HIS A 78 -3.25 -9.13 34.24
N ALA A 79 -4.06 -8.91 35.26
CA ALA A 79 -4.76 -7.61 35.49
C ALA A 79 -3.74 -6.58 35.98
N SER A 80 -2.70 -7.05 36.67
CA SER A 80 -1.71 -6.18 37.36
C SER A 80 -0.38 -6.90 37.51
N PRO A 81 0.73 -6.14 37.73
CA PRO A 81 2.03 -6.75 38.05
C PRO A 81 1.99 -7.61 39.32
N ALA A 82 1.24 -7.16 40.34
CA ALA A 82 1.00 -7.93 41.58
C ALA A 82 0.42 -9.32 41.23
N ASP A 83 -0.60 -9.38 40.37
CA ASP A 83 -1.27 -10.66 39.99
C ASP A 83 -0.26 -11.56 39.29
N LEU A 84 0.58 -10.98 38.42
CA LEU A 84 1.59 -11.73 37.63
C LEU A 84 2.58 -12.36 38.63
N CYS A 85 3.04 -11.60 39.62
CA CYS A 85 3.99 -12.07 40.66
C CYS A 85 3.30 -13.16 41.51
N HIS A 86 2.05 -12.95 41.92
CA HIS A 86 1.28 -13.94 42.72
C HIS A 86 1.17 -15.25 41.93
N TYR A 87 0.75 -15.16 40.67
CA TYR A 87 0.63 -16.32 39.74
C TYR A 87 1.95 -17.09 39.67
N HIS A 88 3.09 -16.40 39.46
CA HIS A 88 4.41 -17.03 39.24
C HIS A 88 5.02 -17.51 40.56
N SER A 89 4.40 -17.17 41.70
CA SER A 89 4.71 -17.80 43.02
C SER A 89 4.08 -19.21 43.11
N GLN A 90 3.09 -19.54 42.24
CA GLN A 90 2.35 -20.84 42.23
C GLN A 90 2.76 -21.71 41.05
N GLU A 91 2.90 -21.13 39.87
CA GLU A 91 3.25 -21.84 38.60
C GLU A 91 4.44 -21.13 37.94
N SER A 92 5.50 -21.87 37.65
CA SER A 92 6.69 -21.37 36.94
C SER A 92 6.25 -20.89 35.56
N ASP A 93 5.45 -21.70 34.85
CA ASP A 93 4.85 -21.40 33.52
C ASP A 93 5.89 -20.75 32.59
N GLY A 94 7.12 -21.28 32.57
CA GLY A 94 8.17 -20.88 31.62
C GLY A 94 9.25 -19.99 32.26
N LEU A 95 8.99 -19.46 33.45
CA LEU A 95 9.95 -18.65 34.23
C LEU A 95 11.07 -19.57 34.72
N VAL A 96 12.26 -19.00 34.96
CA VAL A 96 13.47 -19.77 35.38
C VAL A 96 13.16 -20.60 36.64
N CYS A 97 12.33 -20.08 37.55
CA CYS A 97 11.90 -20.78 38.79
C CYS A 97 10.66 -20.09 39.38
N LEU A 98 10.10 -20.68 40.42
CA LEU A 98 8.95 -20.13 41.17
C LEU A 98 9.45 -18.90 41.94
N LEU A 99 8.65 -17.85 41.98
CA LEU A 99 8.88 -16.71 42.89
C LEU A 99 8.59 -17.15 44.35
N LYS A 100 9.64 -17.32 45.15
CA LYS A 100 9.55 -17.92 46.51
C LYS A 100 9.54 -16.80 47.54
N LYS A 101 10.55 -15.94 47.54
CA LYS A 101 10.73 -14.89 48.58
C LYS A 101 10.88 -13.51 47.94
N PRO A 102 9.93 -12.57 48.16
CA PRO A 102 10.15 -11.18 47.82
C PRO A 102 11.32 -10.63 48.64
N PHE A 103 12.19 -9.85 47.98
CA PHE A 103 13.15 -8.95 48.65
C PHE A 103 12.45 -7.60 48.78
N ASN A 104 12.12 -7.20 50.00
CA ASN A 104 11.37 -5.95 50.25
C ASN A 104 12.37 -4.79 50.33
N ARG A 105 11.89 -3.58 50.02
CA ARG A 105 12.62 -2.31 50.25
C ARG A 105 13.11 -2.32 51.70
N PRO A 106 14.43 -2.18 51.96
CA PRO A 106 14.90 -2.02 53.34
C PRO A 106 14.23 -0.79 53.97
N GLN A 107 14.21 -0.72 55.31
CA GLN A 107 13.52 0.36 56.07
C GLN A 107 14.02 1.72 55.59
N GLY A 108 13.10 2.65 55.34
CA GLY A 108 13.40 4.03 54.92
C GLY A 108 13.50 4.19 53.40
N VAL A 109 13.75 3.11 52.67
CA VAL A 109 13.97 3.13 51.20
C VAL A 109 12.59 3.20 50.50
N GLN A 110 12.39 4.25 49.70
CA GLN A 110 11.16 4.50 48.91
C GLN A 110 11.39 3.99 47.49
N PRO A 111 10.31 3.78 46.71
CA PRO A 111 10.45 3.60 45.25
C PRO A 111 11.19 4.81 44.68
N LYS A 112 12.23 4.57 43.87
CA LYS A 112 12.96 5.65 43.17
C LYS A 112 12.05 6.16 42.04
N THR A 113 12.03 7.47 41.87
CA THR A 113 11.43 8.18 40.74
C THR A 113 12.56 8.88 40.00
N GLY A 114 12.47 8.96 38.68
CA GLY A 114 13.40 9.70 37.81
C GLY A 114 12.84 11.09 37.47
N PRO A 115 13.58 11.91 36.69
CA PRO A 115 13.15 13.26 36.32
C PRO A 115 11.75 13.34 35.68
N PHE A 116 11.40 12.47 34.73
CA PHE A 116 10.06 12.51 34.06
C PHE A 116 8.98 12.26 35.13
N GLU A 117 9.19 11.25 35.97
CA GLU A 117 8.19 10.81 36.97
C GLU A 117 7.87 11.97 37.93
N ASP A 118 8.82 12.88 38.15
CA ASP A 118 8.66 14.05 39.06
C ASP A 118 7.83 15.16 38.39
N LEU A 119 7.81 15.23 37.06
CA LEU A 119 7.07 16.25 36.29
C LEU A 119 5.68 15.73 35.93
N LYS A 120 5.51 14.41 35.80
CA LYS A 120 4.35 13.70 35.19
C LYS A 120 3.03 14.26 35.76
N GLU A 121 2.86 14.24 37.09
CA GLU A 121 1.56 14.54 37.75
C GLU A 121 1.21 16.00 37.51
N ASN A 122 2.17 16.91 37.66
CA ASN A 122 1.93 18.35 37.38
C ASN A 122 1.62 18.56 35.90
N LEU A 123 2.31 17.89 34.97
CA LEU A 123 2.07 18.07 33.51
C LEU A 123 0.66 17.59 33.13
N ILE A 124 0.22 16.44 33.66
CA ILE A 124 -1.15 15.90 33.40
C ILE A 124 -2.17 16.92 33.94
N ARG A 125 -1.98 17.37 35.18
CA ARG A 125 -2.88 18.34 35.84
C ARG A 125 -3.01 19.60 34.95
N GLU A 126 -1.90 20.20 34.55
CA GLU A 126 -1.89 21.50 33.81
C GLU A 126 -2.51 21.29 32.43
N TYR A 127 -2.30 20.14 31.80
CA TYR A 127 -2.89 19.82 30.47
C TYR A 127 -4.42 19.77 30.59
N VAL A 128 -4.96 19.03 31.58
CA VAL A 128 -6.43 18.87 31.74
C VAL A 128 -7.04 20.24 32.07
N LYS A 129 -6.38 21.06 32.89
CA LYS A 129 -6.87 22.40 33.34
C LYS A 129 -6.99 23.33 32.13
N GLN A 130 -5.97 23.35 31.27
CA GLN A 130 -5.91 24.24 30.09
C GLN A 130 -6.84 23.73 28.98
N THR A 131 -6.90 22.41 28.75
CA THR A 131 -7.71 21.78 27.67
C THR A 131 -9.21 21.79 27.99
N TRP A 132 -9.61 21.52 29.23
CA TRP A 132 -11.00 21.24 29.65
C TRP A 132 -11.55 22.31 30.63
N ASN A 133 -10.77 23.30 31.05
CA ASN A 133 -11.17 24.38 31.99
C ASN A 133 -11.83 23.79 33.24
N LEU A 134 -11.11 22.92 33.93
CA LEU A 134 -11.57 22.29 35.20
C LEU A 134 -10.74 22.77 36.39
N GLN A 135 -11.33 22.73 37.58
CA GLN A 135 -10.68 23.05 38.86
C GLN A 135 -11.08 22.02 39.91
N GLY A 136 -10.35 22.04 41.02
CA GLY A 136 -10.65 21.30 42.25
C GLY A 136 -10.93 19.83 41.98
N GLN A 137 -12.05 19.34 42.52
CA GLN A 137 -12.38 17.89 42.58
C GLN A 137 -12.78 17.43 41.17
N ALA A 138 -13.42 18.30 40.39
CA ALA A 138 -13.77 18.05 38.97
C ALA A 138 -12.47 17.71 38.21
N LEU A 139 -11.45 18.55 38.36
CA LEU A 139 -10.11 18.35 37.77
C LEU A 139 -9.54 16.98 38.17
N GLU A 140 -9.57 16.64 39.44
CA GLU A 140 -9.02 15.34 39.96
C GLU A 140 -9.84 14.19 39.40
N GLN A 141 -11.15 14.33 39.30
CA GLN A 141 -12.07 13.26 38.81
C GLN A 141 -11.78 13.02 37.32
N ALA A 142 -11.58 14.10 36.55
CA ALA A 142 -11.19 14.03 35.13
C ALA A 142 -9.87 13.26 34.98
N ILE A 143 -8.83 13.66 35.73
CA ILE A 143 -7.47 13.04 35.70
C ILE A 143 -7.64 11.55 35.94
N ILE A 144 -8.32 11.15 37.01
CA ILE A 144 -8.56 9.71 37.39
C ILE A 144 -9.37 9.03 36.29
N SER A 145 -10.42 9.67 35.79
CA SER A 145 -11.35 9.11 34.78
C SER A 145 -10.60 8.68 33.50
N GLN A 146 -9.58 9.44 33.05
CA GLN A 146 -8.79 9.11 31.82
C GLN A 146 -7.30 8.92 32.11
N LYS A 147 -6.91 8.50 33.31
CA LYS A 147 -5.50 8.47 33.76
C LYS A 147 -4.64 7.75 32.73
N PRO A 148 -4.96 6.51 32.31
CA PRO A 148 -4.10 5.79 31.36
C PRO A 148 -3.84 6.53 30.04
N GLN A 149 -4.86 7.15 29.45
CA GLN A 149 -4.73 7.89 28.17
C GLN A 149 -3.88 9.15 28.39
N LEU A 150 -4.11 9.86 29.49
CA LEU A 150 -3.39 11.12 29.86
C LEU A 150 -1.90 10.79 30.09
N GLU A 151 -1.63 9.71 30.81
CA GLU A 151 -0.23 9.24 31.10
C GLU A 151 0.49 9.02 29.78
N LYS A 152 -0.16 8.34 28.83
CA LYS A 152 0.40 8.04 27.49
C LYS A 152 0.65 9.34 26.73
N LEU A 153 -0.32 10.25 26.68
CA LEU A 153 -0.23 11.52 25.92
C LEU A 153 0.94 12.32 26.47
N ILE A 154 1.01 12.52 27.78
CA ILE A 154 2.03 13.41 28.43
C ILE A 154 3.42 12.78 28.29
N ALA A 155 3.54 11.44 28.32
CA ALA A 155 4.83 10.73 28.22
C ALA A 155 5.44 10.92 26.82
N THR A 156 4.61 10.89 25.78
CA THR A 156 5.05 10.96 24.36
C THR A 156 5.42 12.40 23.97
N THR A 157 5.05 13.41 24.78
CA THR A 157 5.21 14.84 24.43
C THR A 157 6.08 15.58 25.46
N ALA A 158 6.37 14.96 26.61
CA ALA A 158 7.02 15.65 27.76
C ALA A 158 8.39 16.17 27.37
N HIS A 159 9.07 15.49 26.42
CA HIS A 159 10.45 15.85 26.00
C HIS A 159 10.50 17.27 25.45
N GLU A 160 9.40 17.74 24.86
CA GLU A 160 9.33 19.04 24.13
C GLU A 160 9.75 20.20 25.05
N LYS A 161 9.47 20.12 26.35
CA LYS A 161 9.75 21.21 27.31
C LYS A 161 10.88 20.82 28.27
N MET A 162 11.56 19.71 28.04
CA MET A 162 12.72 19.31 28.89
C MET A 162 13.94 20.06 28.39
N PRO A 163 14.88 20.43 29.29
CA PRO A 163 15.92 21.40 28.94
C PRO A 163 16.91 20.93 27.85
N TRP A 164 17.03 19.61 27.63
CA TRP A 164 18.04 19.06 26.70
C TRP A 164 17.47 18.97 25.29
N PHE A 165 16.18 19.22 25.08
CA PHE A 165 15.54 19.11 23.74
C PHE A 165 15.49 20.49 23.08
N HIS A 166 16.11 20.63 21.91
CA HIS A 166 16.33 21.91 21.20
C HIS A 166 15.50 21.97 19.91
N GLY A 167 14.58 21.02 19.70
CA GLY A 167 13.65 21.00 18.56
C GLY A 167 14.37 20.85 17.24
N LYS A 168 13.84 21.43 16.15
CA LYS A 168 14.40 21.25 14.78
C LYS A 168 15.47 22.33 14.57
N ILE A 169 16.72 22.00 14.89
CA ILE A 169 17.94 22.81 14.63
C ILE A 169 18.88 21.92 13.82
N SER A 170 19.80 22.56 13.08
CA SER A 170 20.74 21.92 12.14
C SER A 170 21.86 21.24 12.92
N ARG A 171 22.58 20.31 12.29
CA ARG A 171 23.86 19.76 12.82
C ARG A 171 24.76 20.94 13.22
N GLU A 172 24.99 21.87 12.28
CA GLU A 172 25.92 23.02 12.44
C GLU A 172 25.49 23.86 13.64
N GLU A 173 24.19 24.16 13.75
CA GLU A 173 23.64 24.96 14.87
C GLU A 173 23.93 24.24 16.20
N SER A 174 23.76 22.93 16.23
CA SER A 174 23.90 22.13 17.48
C SER A 174 25.35 22.17 17.94
N GLU A 175 26.32 22.09 17.01
CA GLU A 175 27.76 22.19 17.34
C GLU A 175 28.05 23.55 17.98
N GLN A 176 27.54 24.61 17.38
CA GLN A 176 27.79 26.01 17.84
C GLN A 176 27.26 26.14 19.27
N ILE A 177 26.02 25.72 19.53
CA ILE A 177 25.35 25.92 20.85
C ILE A 177 26.07 25.06 21.91
N VAL A 178 26.53 23.85 21.55
CA VAL A 178 27.20 22.92 22.52
C VAL A 178 28.59 23.46 22.85
N LEU A 179 29.28 24.09 21.90
CA LEU A 179 30.69 24.53 22.05
C LEU A 179 30.78 25.92 22.71
N ILE A 180 29.66 26.58 22.93
CA ILE A 180 29.62 27.87 23.69
C ILE A 180 29.81 27.54 25.17
N GLY A 181 30.66 28.29 25.86
CA GLY A 181 30.77 28.24 27.31
C GLY A 181 31.71 27.16 27.77
N SER A 182 31.66 26.86 29.06
CA SER A 182 32.43 25.77 29.71
C SER A 182 32.21 24.47 28.93
N LYS A 183 33.32 23.83 28.57
CA LYS A 183 33.32 22.59 27.75
C LYS A 183 33.23 21.37 28.68
N THR A 184 32.27 21.38 29.60
CA THR A 184 31.93 20.26 30.51
C THR A 184 31.74 18.99 29.69
N ASN A 185 32.55 17.98 29.97
CA ASN A 185 32.40 16.64 29.35
C ASN A 185 31.00 16.09 29.66
N GLY A 186 30.31 15.56 28.65
CA GLY A 186 28.96 15.00 28.79
C GLY A 186 27.86 16.01 28.53
N LYS A 187 28.19 17.29 28.42
CA LYS A 187 27.22 18.32 27.97
C LYS A 187 26.55 17.80 26.69
N PHE A 188 25.23 17.89 26.60
CA PHE A 188 24.50 17.19 25.51
C PHE A 188 23.21 17.94 25.18
N LEU A 189 22.71 17.71 23.97
CA LEU A 189 21.32 18.03 23.61
C LEU A 189 20.81 16.99 22.63
N ILE A 190 19.50 16.95 22.44
CA ILE A 190 18.84 16.13 21.39
C ILE A 190 18.10 17.08 20.45
N ARG A 191 18.19 16.83 19.15
CA ARG A 191 17.53 17.66 18.10
C ARG A 191 16.72 16.76 17.16
N ALA A 192 15.62 17.29 16.62
CA ALA A 192 14.80 16.63 15.57
C ALA A 192 15.52 16.77 14.23
N ARG A 193 15.45 15.73 13.38
CA ARG A 193 15.91 15.75 11.96
C ARG A 193 14.67 15.72 11.05
N ASP A 194 14.85 15.47 9.75
CA ASP A 194 13.80 15.55 8.70
C ASP A 194 12.63 14.62 9.08
N ASN A 195 12.83 13.30 9.01
CA ASN A 195 11.78 12.26 9.22
C ASN A 195 11.20 12.44 10.63
N ASN A 196 9.86 12.54 10.73
CA ASN A 196 9.13 12.94 11.95
C ASN A 196 9.07 11.74 12.90
N GLY A 197 10.17 11.51 13.59
CA GLY A 197 10.48 10.25 14.29
C GLY A 197 11.99 10.06 14.39
N SER A 198 12.78 10.79 13.59
CA SER A 198 14.27 10.73 13.62
C SER A 198 14.82 11.90 14.45
N TYR A 199 15.90 11.63 15.20
CA TYR A 199 16.54 12.60 16.10
C TYR A 199 18.05 12.37 16.06
N ALA A 200 18.79 13.28 16.69
CA ALA A 200 20.24 13.13 16.92
C ALA A 200 20.56 13.53 18.36
N LEU A 201 21.46 12.78 18.97
CA LEU A 201 22.07 13.08 20.29
C LEU A 201 23.41 13.76 20.00
N CYS A 202 23.60 14.95 20.56
CA CYS A 202 24.86 15.74 20.42
C CYS A 202 25.53 15.81 21.77
N LEU A 203 26.76 15.33 21.87
CA LEU A 203 27.45 15.00 23.13
C LEU A 203 28.88 15.56 23.07
N LEU A 204 29.28 16.35 24.05
CA LEU A 204 30.62 16.96 24.11
C LEU A 204 31.57 15.96 24.78
N HIS A 205 32.60 15.56 24.05
CA HIS A 205 33.67 14.61 24.49
C HIS A 205 35.04 15.22 24.19
N GLU A 206 35.79 15.61 25.22
CA GLU A 206 37.16 16.20 25.13
C GLU A 206 37.16 17.29 24.05
N GLY A 207 36.29 18.29 24.18
CA GLY A 207 36.19 19.46 23.28
C GLY A 207 35.63 19.15 21.90
N LYS A 208 35.33 17.88 21.56
CA LYS A 208 34.73 17.52 20.25
C LYS A 208 33.24 17.21 20.42
N VAL A 209 32.41 17.57 19.44
CA VAL A 209 30.96 17.29 19.47
C VAL A 209 30.69 15.99 18.71
N LEU A 210 30.18 14.97 19.41
CA LEU A 210 29.76 13.68 18.82
C LEU A 210 28.29 13.80 18.43
N HIS A 211 27.93 13.26 17.28
CA HIS A 211 26.55 13.14 16.79
C HIS A 211 26.21 11.66 16.67
N TYR A 212 25.21 11.22 17.44
CA TYR A 212 24.64 9.86 17.35
C TYR A 212 23.23 10.01 16.80
N ARG A 213 22.92 9.17 15.82
CA ARG A 213 21.58 9.11 15.17
C ARG A 213 20.63 8.40 16.12
N ILE A 214 19.40 8.90 16.25
CA ILE A 214 18.30 8.21 16.96
C ILE A 214 17.16 8.00 15.96
N ASP A 215 16.87 6.73 15.67
CA ASP A 215 15.88 6.28 14.64
C ASP A 215 14.65 5.67 15.32
N LYS A 216 13.48 5.96 14.77
CA LYS A 216 12.19 5.29 15.07
C LYS A 216 12.10 4.04 14.17
N ASP A 217 11.99 2.84 14.75
CA ASP A 217 11.80 1.59 13.99
C ASP A 217 10.29 1.42 13.76
N LYS A 218 9.87 0.29 13.19
CA LYS A 218 8.45 0.05 12.78
C LYS A 218 7.52 0.01 14.00
N THR A 219 8.01 -0.46 15.17
CA THR A 219 7.25 -0.52 16.45
C THR A 219 6.88 0.87 16.96
N GLY A 220 7.64 1.91 16.57
CA GLY A 220 7.64 3.24 17.22
C GLY A 220 8.76 3.38 18.23
N LYS A 221 9.69 2.42 18.28
CA LYS A 221 10.79 2.37 19.28
C LYS A 221 12.00 3.16 18.79
N LEU A 222 12.55 3.99 19.68
CA LEU A 222 13.69 4.90 19.45
C LEU A 222 14.97 4.21 19.90
N SER A 223 15.99 4.23 19.06
CA SER A 223 17.33 3.68 19.37
C SER A 223 18.39 4.37 18.52
N ILE A 224 19.57 4.48 19.09
CA ILE A 224 20.86 4.60 18.38
C ILE A 224 21.09 3.23 17.74
N PRO A 225 21.56 3.16 16.48
CA PRO A 225 21.84 1.87 15.85
C PRO A 225 22.66 0.96 16.77
N GLU A 226 22.22 -0.31 16.93
CA GLU A 226 22.86 -1.38 17.75
C GLU A 226 22.62 -1.13 19.24
N GLY A 227 21.82 -0.12 19.60
CA GLY A 227 21.63 0.32 20.99
C GLY A 227 20.31 -0.18 21.57
N LYS A 228 20.15 -0.08 22.89
CA LYS A 228 18.88 -0.35 23.60
C LYS A 228 17.76 0.46 22.94
N LYS A 229 16.57 -0.13 22.86
CA LYS A 229 15.33 0.48 22.29
C LYS A 229 14.46 1.03 23.41
N PHE A 230 13.87 2.19 23.20
CA PHE A 230 13.08 2.94 24.20
C PHE A 230 11.78 3.40 23.57
N ASP A 231 10.73 3.55 24.38
CA ASP A 231 9.45 4.12 23.92
C ASP A 231 9.57 5.65 23.82
N THR A 232 10.42 6.30 24.61
CA THR A 232 10.52 7.78 24.66
C THR A 232 11.98 8.26 24.73
N LEU A 233 12.19 9.50 24.33
CA LEU A 233 13.50 10.21 24.39
C LEU A 233 13.91 10.41 25.85
N TRP A 234 12.97 10.69 26.75
CA TRP A 234 13.33 10.92 28.16
C TRP A 234 13.83 9.61 28.78
N GLN A 235 13.35 8.45 28.35
CA GLN A 235 13.89 7.14 28.83
C GLN A 235 15.32 7.00 28.34
N LEU A 236 15.56 7.36 27.07
CA LEU A 236 16.88 7.25 26.42
C LEU A 236 17.89 8.12 27.19
N VAL A 237 17.56 9.37 27.48
CA VAL A 237 18.44 10.30 28.23
C VAL A 237 18.70 9.75 29.65
N GLU A 238 17.69 9.27 30.36
CA GLU A 238 17.90 8.70 31.73
C GLU A 238 18.91 7.53 31.64
N HIS A 239 18.74 6.65 30.65
CA HIS A 239 19.62 5.46 30.49
C HIS A 239 21.07 5.91 30.30
N TYR A 240 21.31 6.77 29.29
CA TYR A 240 22.66 7.16 28.86
C TYR A 240 23.24 8.18 29.84
N SER A 241 22.45 8.74 30.75
CA SER A 241 22.94 9.53 31.91
C SER A 241 23.43 8.62 33.03
N TYR A 242 22.99 7.36 33.09
CA TYR A 242 23.40 6.39 34.15
C TYR A 242 24.70 5.68 33.74
N LYS A 243 24.78 5.22 32.49
CA LYS A 243 26.00 4.56 31.97
C LYS A 243 26.12 4.81 30.47
N ALA A 244 27.34 4.69 29.94
CA ALA A 244 27.71 5.07 28.57
C ALA A 244 27.06 4.08 27.60
N ASP A 245 27.13 2.78 27.92
CA ASP A 245 26.47 1.70 27.17
C ASP A 245 26.67 1.90 25.66
N GLY A 246 27.90 2.15 25.23
CA GLY A 246 28.27 2.28 23.79
C GLY A 246 28.66 3.72 23.42
N LEU A 247 28.12 4.71 24.11
CA LEU A 247 28.56 6.13 23.93
C LEU A 247 30.01 6.22 24.42
N LEU A 248 30.76 7.23 23.96
CA LEU A 248 32.15 7.44 24.44
C LEU A 248 32.11 7.88 25.90
N ARG A 249 31.00 8.43 26.37
CA ARG A 249 30.88 8.80 27.81
C ARG A 249 29.40 9.00 28.13
N VAL A 250 29.11 9.12 29.42
CA VAL A 250 27.76 9.32 29.96
C VAL A 250 27.33 10.76 29.71
N LEU A 251 26.02 10.98 29.52
CA LEU A 251 25.43 12.33 29.43
C LEU A 251 25.50 12.94 30.83
N THR A 252 25.81 14.23 30.93
CA THR A 252 25.85 15.00 32.21
C THR A 252 24.88 16.17 32.09
N VAL A 253 25.36 17.38 31.80
CA VAL A 253 24.56 18.64 31.92
C VAL A 253 23.83 18.90 30.60
N PRO A 254 22.52 19.20 30.65
CA PRO A 254 21.80 19.60 29.46
C PRO A 254 22.39 20.91 28.94
N CYS A 255 22.57 21.00 27.63
CA CYS A 255 22.97 22.26 26.95
C CYS A 255 21.79 23.24 27.04
N GLN A 256 21.96 24.36 27.72
CA GLN A 256 20.91 25.41 27.92
C GLN A 256 20.40 25.91 26.55
N LYS A 257 19.11 26.16 26.41
CA LYS A 257 18.54 26.81 25.19
C LYS A 257 18.86 28.30 25.22
N ILE A 258 18.70 29.01 24.09
CA ILE A 258 19.00 30.47 23.90
C ILE A 258 17.71 31.20 23.49
N SER B 5 -24.11 30.74 17.43
CA SER B 5 -23.08 31.59 16.80
C SER B 5 -23.68 32.44 15.67
N ALA B 6 -25.02 32.55 15.55
CA ALA B 6 -25.71 33.18 14.40
C ALA B 6 -27.23 33.22 14.54
N ASN B 7 -27.82 32.65 15.60
CA ASN B 7 -29.30 32.70 15.85
C ASN B 7 -29.77 34.14 16.03
N HIS B 8 -28.89 35.02 16.49
CA HIS B 8 -29.17 36.43 16.82
C HIS B 8 -29.34 37.24 15.53
N LEU B 9 -28.82 36.76 14.40
CA LEU B 9 -28.87 37.51 13.11
C LEU B 9 -30.28 37.42 12.54
N PRO B 10 -30.91 38.56 12.18
CA PRO B 10 -32.30 38.53 11.72
C PRO B 10 -32.48 37.92 10.32
N PHE B 11 -31.38 37.75 9.56
CA PHE B 11 -31.35 37.19 8.19
C PHE B 11 -30.79 35.75 8.17
N PHE B 12 -30.69 35.10 9.32
CA PHE B 12 -30.27 33.69 9.48
C PHE B 12 -31.52 32.81 9.61
N PHE B 13 -31.69 31.83 8.71
CA PHE B 13 -32.94 31.03 8.61
C PHE B 13 -32.72 29.64 9.21
N GLY B 14 -31.54 29.36 9.74
CA GLY B 14 -31.17 28.03 10.25
C GLY B 14 -31.20 26.98 9.14
N ASN B 15 -31.69 25.78 9.45
CA ASN B 15 -31.62 24.56 8.59
C ASN B 15 -32.74 24.58 7.54
N ILE B 16 -32.74 25.56 6.63
CA ILE B 16 -33.61 25.54 5.41
C ILE B 16 -32.75 24.99 4.27
N THR B 17 -33.38 24.54 3.20
CA THR B 17 -32.71 23.96 2.02
C THR B 17 -32.34 25.08 1.05
N ARG B 18 -31.44 24.78 0.12
CA ARG B 18 -31.10 25.69 -0.99
C ARG B 18 -32.41 26.17 -1.62
N GLU B 19 -33.36 25.26 -1.87
CA GLU B 19 -34.61 25.55 -2.63
C GLU B 19 -35.46 26.51 -1.79
N GLU B 20 -35.58 26.28 -0.48
CA GLU B 20 -36.34 27.18 0.42
C GLU B 20 -35.65 28.57 0.42
N ALA B 21 -34.31 28.62 0.46
CA ALA B 21 -33.55 29.88 0.45
C ALA B 21 -33.88 30.63 -0.85
N GLU B 22 -33.89 29.92 -1.98
CA GLU B 22 -34.19 30.54 -3.30
C GLU B 22 -35.65 31.04 -3.32
N ASP B 23 -36.60 30.31 -2.71
CA ASP B 23 -38.03 30.76 -2.63
C ASP B 23 -38.08 32.08 -1.85
N TYR B 24 -37.31 32.17 -0.77
CA TYR B 24 -37.28 33.37 0.12
C TYR B 24 -36.68 34.55 -0.65
N LEU B 25 -35.61 34.33 -1.42
CA LEU B 25 -35.00 35.42 -2.22
C LEU B 25 -36.00 35.92 -3.26
N VAL B 26 -36.73 35.02 -3.92
CA VAL B 26 -37.79 35.40 -4.90
C VAL B 26 -38.84 36.26 -4.18
N GLN B 27 -39.33 35.79 -3.02
CA GLN B 27 -40.34 36.49 -2.19
C GLN B 27 -39.82 37.89 -1.79
N GLY B 28 -38.51 38.03 -1.57
CA GLY B 28 -37.88 39.28 -1.13
C GLY B 28 -37.56 40.21 -2.28
N GLY B 29 -37.83 39.80 -3.52
CA GLY B 29 -37.74 40.68 -4.70
C GLY B 29 -36.66 40.27 -5.67
N MET B 30 -35.72 39.41 -5.26
CA MET B 30 -34.63 38.90 -6.13
C MET B 30 -33.80 40.08 -6.66
N SER B 31 -33.68 41.14 -5.85
CA SER B 31 -32.89 42.36 -6.16
C SER B 31 -31.41 42.05 -6.01
N ASP B 32 -30.58 42.64 -6.86
CA ASP B 32 -29.10 42.52 -6.81
C ASP B 32 -28.64 42.84 -5.38
N GLY B 33 -27.80 41.96 -4.82
CA GLY B 33 -27.25 42.10 -3.47
C GLY B 33 -28.23 41.71 -2.36
N LEU B 34 -29.43 41.25 -2.67
CA LEU B 34 -30.32 40.64 -1.65
C LEU B 34 -29.68 39.32 -1.19
N TYR B 35 -29.64 39.05 0.10
CA TYR B 35 -28.90 37.90 0.64
C TYR B 35 -29.51 37.42 1.96
N LEU B 36 -29.29 36.15 2.26
CA LEU B 36 -29.64 35.54 3.57
C LEU B 36 -28.57 34.51 3.93
N LEU B 37 -28.60 34.07 5.17
CA LEU B 37 -27.68 33.09 5.75
C LEU B 37 -28.51 31.88 6.17
N ARG B 38 -27.95 30.68 6.02
CA ARG B 38 -28.56 29.43 6.50
C ARG B 38 -27.46 28.54 7.06
N GLN B 39 -27.84 27.56 7.87
CA GLN B 39 -26.93 26.54 8.41
C GLN B 39 -26.53 25.61 7.24
N SER B 40 -25.24 25.33 7.07
CA SER B 40 -24.79 24.34 6.07
C SER B 40 -25.43 22.98 6.39
N ARG B 41 -25.90 22.29 5.36
CA ARG B 41 -26.53 20.95 5.51
C ARG B 41 -25.51 19.85 5.24
N ASN B 42 -24.28 20.20 4.82
CA ASN B 42 -23.25 19.18 4.53
C ASN B 42 -21.88 19.49 5.17
N TYR B 43 -21.67 20.66 5.78
CA TYR B 43 -20.43 21.00 6.53
C TYR B 43 -20.82 21.29 7.97
N LEU B 44 -20.37 20.42 8.88
CA LEU B 44 -20.62 20.56 10.32
C LEU B 44 -20.10 21.91 10.84
N GLY B 45 -20.91 22.65 11.61
CA GLY B 45 -20.61 24.00 12.12
C GLY B 45 -20.52 25.06 11.03
N GLY B 46 -20.80 24.68 9.78
CA GLY B 46 -20.73 25.60 8.62
C GLY B 46 -22.03 26.39 8.44
N PHE B 47 -21.99 27.36 7.56
CA PHE B 47 -23.13 28.21 7.12
C PHE B 47 -23.09 28.26 5.61
N ALA B 48 -24.18 28.68 5.00
CA ALA B 48 -24.24 29.00 3.55
C ALA B 48 -24.82 30.40 3.40
N LEU B 49 -24.25 31.14 2.46
CA LEU B 49 -24.64 32.50 2.07
C LEU B 49 -25.34 32.36 0.73
N SER B 50 -26.57 32.85 0.62
CA SER B 50 -27.35 32.82 -0.64
C SER B 50 -27.62 34.26 -1.06
N VAL B 51 -27.23 34.62 -2.29
CA VAL B 51 -27.24 36.01 -2.82
C VAL B 51 -27.97 36.04 -4.15
N ALA B 52 -28.85 37.03 -4.35
CA ALA B 52 -29.48 37.34 -5.65
C ALA B 52 -28.57 38.29 -6.44
N HIS B 53 -28.27 37.93 -7.69
CA HIS B 53 -27.63 38.82 -8.69
C HIS B 53 -27.99 38.34 -10.09
N GLY B 54 -28.38 39.28 -10.96
CA GLY B 54 -28.74 39.00 -12.36
C GLY B 54 -29.95 38.08 -12.44
N ARG B 55 -30.88 38.22 -11.48
CA ARG B 55 -32.14 37.43 -11.37
C ARG B 55 -31.86 35.96 -11.07
N LYS B 56 -30.61 35.60 -10.72
CA LYS B 56 -30.22 34.21 -10.36
C LYS B 56 -29.84 34.15 -8.88
N ALA B 57 -29.77 32.95 -8.34
CA ALA B 57 -29.31 32.65 -6.96
C ALA B 57 -27.86 32.18 -7.04
N HIS B 58 -27.02 32.66 -6.12
CA HIS B 58 -25.61 32.23 -5.95
C HIS B 58 -25.45 31.81 -4.49
N HIS B 59 -24.86 30.64 -4.26
CA HIS B 59 -24.73 29.99 -2.94
C HIS B 59 -23.24 29.75 -2.66
N TYR B 60 -22.78 30.12 -1.47
CA TYR B 60 -21.39 30.00 -1.00
C TYR B 60 -21.41 29.30 0.35
N THR B 61 -20.59 28.27 0.52
CA THR B 61 -20.40 27.59 1.82
C THR B 61 -19.42 28.43 2.64
N ILE B 62 -19.78 28.77 3.87
CA ILE B 62 -18.89 29.38 4.88
C ILE B 62 -18.48 28.27 5.85
N GLU B 63 -17.24 27.79 5.74
CA GLU B 63 -16.71 26.71 6.60
C GLU B 63 -16.21 27.33 7.91
N ARG B 64 -16.34 26.58 9.01
CA ARG B 64 -15.61 26.84 10.28
C ARG B 64 -14.21 26.23 10.14
N GLU B 65 -13.17 27.07 10.13
CA GLU B 65 -11.76 26.62 10.03
C GLU B 65 -11.36 25.98 11.37
N LEU B 66 -10.26 25.24 11.37
CA LEU B 66 -9.69 24.53 12.56
C LEU B 66 -9.56 25.50 13.74
N ASN B 67 -9.18 26.76 13.50
CA ASN B 67 -8.89 27.77 14.55
C ASN B 67 -10.16 28.55 14.95
N GLY B 68 -11.35 28.18 14.43
CA GLY B 68 -12.63 28.77 14.85
C GLY B 68 -12.96 30.06 14.13
N THR B 69 -12.23 30.37 13.06
CA THR B 69 -12.58 31.44 12.10
C THR B 69 -13.49 30.84 11.03
N TYR B 70 -14.02 31.70 10.15
CA TYR B 70 -15.00 31.34 9.10
C TYR B 70 -14.49 31.85 7.75
N ALA B 71 -14.58 31.03 6.70
CA ALA B 71 -14.11 31.39 5.35
C ALA B 71 -14.87 30.61 4.28
N ILE B 72 -15.23 31.30 3.21
CA ILE B 72 -15.50 30.72 1.87
C ILE B 72 -14.15 30.25 1.30
N ALA B 73 -14.10 29.08 0.67
CA ALA B 73 -12.93 28.55 -0.07
C ALA B 73 -12.36 29.67 -0.96
N GLY B 74 -11.08 29.99 -0.77
CA GLY B 74 -10.31 30.96 -1.57
C GLY B 74 -10.33 32.37 -0.96
N GLY B 75 -10.95 32.53 0.21
CA GLY B 75 -11.23 33.85 0.81
C GLY B 75 -10.49 34.00 2.11
N ARG B 76 -10.43 35.22 2.64
CA ARG B 76 -9.81 35.50 3.97
C ARG B 76 -10.67 34.90 5.07
N THR B 77 -10.08 34.64 6.24
CA THR B 77 -10.81 34.19 7.45
C THR B 77 -11.49 35.39 8.10
N HIS B 78 -12.61 35.17 8.80
CA HIS B 78 -13.35 36.19 9.58
C HIS B 78 -13.69 35.57 10.93
N ALA B 79 -14.00 36.38 11.93
CA ALA B 79 -14.23 35.92 13.32
C ALA B 79 -15.59 35.23 13.39
N SER B 80 -16.53 35.63 12.53
CA SER B 80 -17.94 35.17 12.56
C SER B 80 -18.57 35.30 11.18
N PRO B 81 -19.70 34.60 10.93
CA PRO B 81 -20.48 34.78 9.70
C PRO B 81 -21.00 36.22 9.54
N ALA B 82 -21.40 36.85 10.64
CA ALA B 82 -21.80 38.29 10.66
C ALA B 82 -20.67 39.16 10.09
N ASP B 83 -19.43 38.96 10.54
CA ASP B 83 -18.26 39.78 10.10
C ASP B 83 -18.06 39.57 8.61
N LEU B 84 -18.19 38.32 8.14
CA LEU B 84 -17.98 37.96 6.72
C LEU B 84 -19.01 38.73 5.88
N CYS B 85 -20.28 38.74 6.32
CA CYS B 85 -21.39 39.44 5.61
C CYS B 85 -21.11 40.95 5.63
N HIS B 86 -20.71 41.50 6.79
CA HIS B 86 -20.39 42.96 6.91
C HIS B 86 -19.26 43.33 5.93
N TYR B 87 -18.17 42.56 5.94
CA TYR B 87 -17.03 42.74 5.03
C TYR B 87 -17.48 42.75 3.57
N HIS B 88 -18.31 41.79 3.14
CA HIS B 88 -18.72 41.63 1.72
C HIS B 88 -19.81 42.64 1.34
N SER B 89 -20.32 43.38 2.32
CA SER B 89 -21.16 44.59 2.07
C SER B 89 -20.27 45.79 1.64
N GLN B 90 -18.96 45.74 1.90
CA GLN B 90 -17.98 46.84 1.59
C GLN B 90 -17.11 46.48 0.38
N GLU B 91 -16.59 45.24 0.33
CA GLU B 91 -15.70 44.76 -0.75
C GLU B 91 -16.25 43.44 -1.31
N SER B 92 -16.42 43.37 -2.62
CA SER B 92 -16.87 42.17 -3.34
C SER B 92 -15.86 41.06 -3.10
N ASP B 93 -14.56 41.36 -3.24
CA ASP B 93 -13.41 40.45 -3.00
C ASP B 93 -13.69 39.06 -3.57
N GLY B 94 -14.21 39.00 -4.80
CA GLY B 94 -14.40 37.75 -5.56
C GLY B 94 -15.82 37.22 -5.54
N LEU B 95 -16.69 37.76 -4.68
CA LEU B 95 -18.13 37.41 -4.62
C LEU B 95 -18.81 37.96 -5.86
N VAL B 96 -19.92 37.35 -6.28
CA VAL B 96 -20.66 37.73 -7.52
C VAL B 96 -21.02 39.22 -7.49
N CYS B 97 -21.33 39.77 -6.30
CA CYS B 97 -21.62 41.22 -6.12
C CYS B 97 -21.49 41.59 -4.64
N LEU B 98 -21.61 42.88 -4.34
CA LEU B 98 -21.63 43.42 -2.97
C LEU B 98 -22.94 42.98 -2.31
N LEU B 99 -22.88 42.60 -1.05
CA LEU B 99 -24.08 42.39 -0.21
C LEU B 99 -24.72 43.75 0.10
N LYS B 100 -25.89 44.03 -0.48
CA LYS B 100 -26.63 45.30 -0.33
C LYS B 100 -27.68 45.16 0.80
N LYS B 101 -28.61 44.21 0.65
CA LYS B 101 -29.85 44.15 1.46
C LYS B 101 -30.03 42.77 2.07
N PRO B 102 -29.96 42.61 3.40
CA PRO B 102 -30.35 41.35 4.04
C PRO B 102 -31.84 41.12 3.81
N PHE B 103 -32.24 39.88 3.47
CA PHE B 103 -33.63 39.41 3.55
C PHE B 103 -33.81 38.81 4.93
N ASN B 104 -34.60 39.45 5.78
CA ASN B 104 -34.81 39.01 7.19
C ASN B 104 -35.90 37.96 7.21
N ARG B 105 -35.87 37.11 8.23
CA ARG B 105 -36.96 36.17 8.58
C ARG B 105 -38.25 36.98 8.63
N PRO B 106 -39.29 36.65 7.86
CA PRO B 106 -40.60 37.29 8.01
C PRO B 106 -41.09 37.12 9.46
N GLN B 107 -42.01 37.98 9.92
CA GLN B 107 -42.45 38.01 11.35
C GLN B 107 -42.96 36.63 11.74
N GLY B 108 -42.53 36.13 12.91
CA GLY B 108 -42.96 34.83 13.47
C GLY B 108 -42.12 33.65 13.02
N VAL B 109 -41.38 33.79 11.90
CA VAL B 109 -40.51 32.71 11.34
C VAL B 109 -39.22 32.62 12.17
N GLN B 110 -38.95 31.45 12.76
CA GLN B 110 -37.73 31.17 13.56
C GLN B 110 -36.69 30.47 12.68
N PRO B 111 -35.41 30.45 13.09
CA PRO B 111 -34.44 29.53 12.51
C PRO B 111 -34.96 28.09 12.61
N LYS B 112 -34.95 27.34 11.51
CA LYS B 112 -35.24 25.88 11.54
C LYS B 112 -34.05 25.17 12.18
N THR B 113 -34.30 24.18 13.03
CA THR B 113 -33.32 23.17 13.50
C THR B 113 -33.74 21.80 12.96
N GLY B 114 -32.78 20.92 12.69
CA GLY B 114 -33.04 19.55 12.19
C GLY B 114 -32.96 18.51 13.30
N PRO B 115 -33.23 17.21 13.00
CA PRO B 115 -33.29 16.17 14.04
C PRO B 115 -32.02 16.04 14.90
N PHE B 116 -30.84 16.01 14.27
CA PHE B 116 -29.56 15.86 15.01
C PHE B 116 -29.36 17.06 15.92
N GLU B 117 -29.62 18.27 15.43
CA GLU B 117 -29.42 19.54 16.19
C GLU B 117 -30.20 19.48 17.51
N ASP B 118 -31.35 18.78 17.53
CA ASP B 118 -32.24 18.66 18.72
C ASP B 118 -31.66 17.65 19.73
N LEU B 119 -30.83 16.68 19.28
CA LEU B 119 -30.22 15.62 20.14
C LEU B 119 -28.82 16.03 20.60
N LYS B 120 -28.17 16.92 19.84
CA LYS B 120 -26.70 17.20 19.89
C LYS B 120 -26.25 17.44 21.33
N GLU B 121 -26.93 18.36 22.04
CA GLU B 121 -26.52 18.87 23.36
C GLU B 121 -26.55 17.74 24.38
N ASN B 122 -27.61 16.94 24.37
CA ASN B 122 -27.71 15.77 25.29
C ASN B 122 -26.61 14.76 24.97
N LEU B 123 -26.32 14.48 23.70
CA LEU B 123 -25.32 13.43 23.32
C LEU B 123 -23.91 13.89 23.77
N ILE B 124 -23.58 15.16 23.55
CA ILE B 124 -22.27 15.74 24.00
C ILE B 124 -22.17 15.64 25.52
N ARG B 125 -23.21 16.07 26.22
CA ARG B 125 -23.30 16.06 27.71
C ARG B 125 -23.02 14.64 28.19
N GLU B 126 -23.73 13.64 27.69
CA GLU B 126 -23.66 12.24 28.21
C GLU B 126 -22.27 11.67 27.92
N TYR B 127 -21.67 12.01 26.77
CA TYR B 127 -20.31 11.55 26.42
C TYR B 127 -19.29 12.12 27.45
N VAL B 128 -19.33 13.43 27.71
CA VAL B 128 -18.35 14.10 28.60
C VAL B 128 -18.53 13.57 30.03
N LYS B 129 -19.78 13.34 30.46
CA LYS B 129 -20.11 12.83 31.82
C LYS B 129 -19.52 11.43 32.00
N GLN B 130 -19.69 10.55 31.02
CA GLN B 130 -19.23 9.14 31.08
C GLN B 130 -17.70 9.07 30.92
N THR B 131 -17.11 9.88 30.03
CA THR B 131 -15.67 9.87 29.69
C THR B 131 -14.82 10.51 30.81
N TRP B 132 -15.26 11.64 31.36
CA TRP B 132 -14.47 12.51 32.26
C TRP B 132 -15.02 12.53 33.71
N ASN B 133 -16.12 11.86 34.01
CA ASN B 133 -16.77 11.84 35.36
C ASN B 133 -16.95 13.27 35.90
N LEU B 134 -17.61 14.11 35.14
CA LEU B 134 -17.94 15.52 35.51
C LEU B 134 -19.44 15.68 35.74
N GLN B 135 -19.79 16.65 36.59
CA GLN B 135 -21.17 17.06 36.89
C GLN B 135 -21.24 18.59 36.88
N GLY B 136 -22.46 19.10 36.87
CA GLY B 136 -22.79 20.51 37.08
C GLY B 136 -21.96 21.44 36.22
N GLN B 137 -21.33 22.44 36.85
CA GLN B 137 -20.69 23.58 36.14
C GLN B 137 -19.39 23.10 35.50
N ALA B 138 -18.70 22.15 36.14
CA ALA B 138 -17.48 21.49 35.60
C ALA B 138 -17.84 20.86 34.25
N LEU B 139 -18.93 20.10 34.20
CA LEU B 139 -19.47 19.47 32.97
C LEU B 139 -19.71 20.52 31.90
N GLU B 140 -20.42 21.62 32.23
CA GLU B 140 -20.72 22.71 31.27
C GLU B 140 -19.42 23.36 30.79
N GLN B 141 -18.47 23.58 31.68
CA GLN B 141 -17.19 24.27 31.35
C GLN B 141 -16.37 23.38 30.40
N ALA B 142 -16.34 22.08 30.66
CA ALA B 142 -15.71 21.07 29.76
C ALA B 142 -16.33 21.15 28.36
N ILE B 143 -17.67 21.04 28.28
CA ILE B 143 -18.43 21.06 27.00
C ILE B 143 -18.03 22.32 26.23
N ILE B 144 -18.12 23.49 26.85
CA ILE B 144 -17.79 24.83 26.25
C ILE B 144 -16.32 24.83 25.85
N SER B 145 -15.43 24.37 26.73
CA SER B 145 -13.95 24.41 26.55
C SER B 145 -13.54 23.68 25.25
N GLN B 146 -14.18 22.55 24.91
CA GLN B 146 -13.83 21.78 23.68
C GLN B 146 -15.03 21.63 22.72
N LYS B 147 -15.97 22.58 22.70
CA LYS B 147 -17.28 22.43 21.99
C LYS B 147 -17.05 21.97 20.57
N PRO B 148 -16.24 22.69 19.74
CA PRO B 148 -16.04 22.28 18.34
C PRO B 148 -15.54 20.84 18.14
N GLN B 149 -14.59 20.36 18.95
CA GLN B 149 -14.03 18.98 18.83
C GLN B 149 -15.11 17.97 19.26
N LEU B 150 -15.85 18.27 20.34
CA LEU B 150 -16.91 17.39 20.89
C LEU B 150 -18.05 17.28 19.87
N GLU B 151 -18.44 18.41 19.26
CA GLU B 151 -19.50 18.45 18.21
C GLU B 151 -19.10 17.50 17.08
N LYS B 152 -17.85 17.59 16.62
CA LYS B 152 -17.30 16.72 15.54
C LYS B 152 -17.34 15.26 15.97
N LEU B 153 -16.83 14.93 17.14
CA LEU B 153 -16.73 13.53 17.63
C LEU B 153 -18.14 12.93 17.71
N ILE B 154 -19.08 13.62 18.35
CA ILE B 154 -20.47 13.11 18.61
C ILE B 154 -21.22 13.00 17.28
N ALA B 155 -20.98 13.89 16.31
CA ALA B 155 -21.69 13.88 15.00
C ALA B 155 -21.27 12.65 14.18
N THR B 156 -19.99 12.28 14.23
CA THR B 156 -19.40 11.15 13.45
C THR B 156 -19.70 9.82 14.11
N THR B 157 -20.29 9.79 15.32
CA THR B 157 -20.68 8.52 16.01
C THR B 157 -22.20 8.46 16.26
N ALA B 158 -22.94 9.58 16.10
CA ALA B 158 -24.35 9.74 16.48
C ALA B 158 -25.22 8.75 15.70
N HIS B 159 -24.81 8.41 14.47
CA HIS B 159 -25.54 7.49 13.57
C HIS B 159 -25.73 6.12 14.23
N GLU B 160 -24.80 5.71 15.10
CA GLU B 160 -24.75 4.34 15.69
C GLU B 160 -26.05 4.04 16.44
N LYS B 161 -26.72 5.04 17.00
CA LYS B 161 -27.94 4.88 17.83
C LYS B 161 -29.19 5.31 17.06
N MET B 162 -29.06 5.80 15.82
CA MET B 162 -30.22 6.26 15.01
C MET B 162 -30.87 5.04 14.37
N PRO B 163 -32.22 5.04 14.22
CA PRO B 163 -32.95 3.82 13.89
C PRO B 163 -32.62 3.21 12.52
N TRP B 164 -32.10 4.01 11.58
CA TRP B 164 -31.84 3.57 10.18
C TRP B 164 -30.46 2.91 10.06
N PHE B 165 -29.63 2.94 11.09
CA PHE B 165 -28.28 2.33 11.05
C PHE B 165 -28.32 0.90 11.64
N HIS B 166 -27.94 -0.10 10.82
CA HIS B 166 -28.07 -1.55 11.11
C HIS B 166 -26.69 -2.21 11.29
N GLY B 167 -25.63 -1.41 11.45
CA GLY B 167 -24.28 -1.90 11.80
C GLY B 167 -23.67 -2.70 10.65
N LYS B 168 -22.79 -3.64 10.99
CA LYS B 168 -21.99 -4.42 10.01
C LYS B 168 -22.79 -5.66 9.61
N ILE B 169 -23.63 -5.56 8.58
CA ILE B 169 -24.43 -6.67 8.01
C ILE B 169 -24.09 -6.77 6.52
N SER B 170 -24.30 -7.94 5.94
CA SER B 170 -23.98 -8.28 4.53
C SER B 170 -24.99 -7.62 3.58
N ARG B 171 -24.66 -7.50 2.31
CA ARG B 171 -25.61 -7.11 1.24
C ARG B 171 -26.86 -8.00 1.37
N GLU B 172 -26.66 -9.33 1.39
CA GLU B 172 -27.73 -10.35 1.39
C GLU B 172 -28.62 -10.14 2.62
N GLU B 173 -28.01 -9.95 3.80
CA GLU B 173 -28.75 -9.74 5.07
C GLU B 173 -29.62 -8.47 4.94
N SER B 174 -29.06 -7.40 4.36
CA SER B 174 -29.75 -6.09 4.26
C SER B 174 -30.98 -6.23 3.37
N GLU B 175 -30.90 -6.99 2.28
CA GLU B 175 -32.07 -7.26 1.38
C GLU B 175 -33.17 -7.95 2.19
N GLN B 176 -32.81 -8.99 2.95
CA GLN B 176 -33.78 -9.78 3.74
C GLN B 176 -34.49 -8.86 4.75
N ILE B 177 -33.74 -8.04 5.50
CA ILE B 177 -34.29 -7.17 6.58
C ILE B 177 -35.19 -6.08 5.95
N VAL B 178 -34.83 -5.55 4.78
CA VAL B 178 -35.60 -4.48 4.09
C VAL B 178 -36.90 -5.07 3.54
N LEU B 179 -36.89 -6.33 3.07
CA LEU B 179 -38.00 -6.97 2.36
C LEU B 179 -38.99 -7.61 3.34
N ILE B 180 -38.67 -7.63 4.64
CA ILE B 180 -39.62 -8.10 5.69
C ILE B 180 -40.65 -6.99 5.91
N GLY B 181 -41.92 -7.36 6.00
CA GLY B 181 -42.99 -6.43 6.38
C GLY B 181 -43.46 -5.61 5.18
N SER B 182 -44.18 -4.55 5.47
CA SER B 182 -44.77 -3.63 4.43
C SER B 182 -43.65 -3.12 3.54
N LYS B 183 -43.80 -3.25 2.23
CA LYS B 183 -42.79 -2.88 1.21
C LYS B 183 -42.98 -1.41 0.80
N THR B 184 -43.07 -0.53 1.81
CA THR B 184 -43.16 0.93 1.66
C THR B 184 -41.99 1.43 0.78
N ASN B 185 -42.30 2.05 -0.34
CA ASN B 185 -41.30 2.75 -1.19
C ASN B 185 -40.51 3.78 -0.38
N GLY B 186 -39.19 3.74 -0.50
CA GLY B 186 -38.29 4.65 0.23
C GLY B 186 -37.82 4.07 1.56
N LYS B 187 -38.39 2.97 2.01
CA LYS B 187 -37.87 2.24 3.20
C LYS B 187 -36.37 2.04 3.00
N PHE B 188 -35.57 2.32 4.01
CA PHE B 188 -34.11 2.40 3.81
C PHE B 188 -33.39 2.02 5.09
N LEU B 189 -32.14 1.58 4.92
CA LEU B 189 -31.20 1.48 6.04
C LEU B 189 -29.82 1.79 5.51
N ILE B 190 -28.90 2.08 6.42
CA ILE B 190 -27.45 2.22 6.10
C ILE B 190 -26.69 1.13 6.87
N ARG B 191 -25.73 0.49 6.21
CA ARG B 191 -24.91 -0.60 6.80
C ARG B 191 -23.43 -0.26 6.62
N ALA B 192 -22.60 -0.69 7.57
CA ALA B 192 -21.12 -0.61 7.48
C ALA B 192 -20.62 -1.73 6.56
N ARG B 193 -19.59 -1.47 5.76
CA ARG B 193 -18.83 -2.47 4.96
C ARG B 193 -17.45 -2.68 5.61
N ASP B 194 -16.53 -3.36 4.91
CA ASP B 194 -15.19 -3.76 5.44
C ASP B 194 -14.42 -2.54 5.95
N ASN B 195 -13.98 -1.67 5.03
CA ASN B 195 -13.15 -0.46 5.32
C ASN B 195 -13.91 0.42 6.31
N ASN B 196 -13.25 0.81 7.42
CA ASN B 196 -13.89 1.39 8.63
C ASN B 196 -14.29 2.86 8.42
N GLY B 197 -14.48 3.30 7.17
CA GLY B 197 -15.25 4.50 6.83
C GLY B 197 -16.18 4.29 5.64
N SER B 198 -16.32 3.04 5.15
CA SER B 198 -17.19 2.70 3.99
C SER B 198 -18.55 2.21 4.50
N TYR B 199 -19.61 2.57 3.78
CA TYR B 199 -21.01 2.21 4.11
C TYR B 199 -21.75 1.91 2.81
N ALA B 200 -22.98 1.43 2.95
CA ALA B 200 -23.95 1.30 1.85
C ALA B 200 -25.30 1.81 2.32
N LEU B 201 -26.02 2.44 1.41
CA LEU B 201 -27.43 2.84 1.57
C LEU B 201 -28.27 1.79 0.86
N CYS B 202 -29.21 1.18 1.56
CA CYS B 202 -30.14 0.17 1.02
C CYS B 202 -31.54 0.78 1.00
N LEU B 203 -32.14 0.81 -0.20
CA LEU B 203 -33.34 1.60 -0.48
C LEU B 203 -34.34 0.72 -1.23
N LEU B 204 -35.57 0.64 -0.74
CA LEU B 204 -36.63 -0.14 -1.40
C LEU B 204 -37.31 0.71 -2.47
N HIS B 205 -37.26 0.22 -3.71
CA HIS B 205 -37.88 0.85 -4.91
C HIS B 205 -38.70 -0.19 -5.67
N GLU B 206 -40.03 -0.08 -5.66
CA GLU B 206 -40.99 -0.98 -6.37
C GLU B 206 -40.60 -2.44 -6.10
N GLY B 207 -40.53 -2.83 -4.82
CA GLY B 207 -40.20 -4.20 -4.37
C GLY B 207 -38.75 -4.63 -4.59
N LYS B 208 -37.91 -3.81 -5.23
CA LYS B 208 -36.48 -4.15 -5.47
C LYS B 208 -35.59 -3.37 -4.49
N VAL B 209 -34.51 -4.02 -4.01
CA VAL B 209 -33.59 -3.39 -3.04
C VAL B 209 -32.41 -2.81 -3.81
N LEU B 210 -32.25 -1.48 -3.76
CA LEU B 210 -31.13 -0.75 -4.37
C LEU B 210 -30.01 -0.65 -3.34
N HIS B 211 -28.78 -0.83 -3.79
CA HIS B 211 -27.57 -0.62 -2.96
C HIS B 211 -26.74 0.49 -3.57
N TYR B 212 -26.54 1.55 -2.78
CA TYR B 212 -25.67 2.68 -3.15
C TYR B 212 -24.48 2.63 -2.20
N ARG B 213 -23.27 2.72 -2.73
CA ARG B 213 -22.03 2.72 -1.90
C ARG B 213 -21.84 4.13 -1.33
N ILE B 214 -21.41 4.20 -0.08
CA ILE B 214 -21.01 5.46 0.59
C ILE B 214 -19.53 5.33 1.01
N ASP B 215 -18.68 6.16 0.41
CA ASP B 215 -17.20 6.14 0.59
C ASP B 215 -16.74 7.37 1.40
N LYS B 216 -15.78 7.14 2.29
CA LYS B 216 -15.03 8.19 3.02
C LYS B 216 -13.84 8.59 2.16
N ASP B 217 -13.72 9.87 1.79
CA ASP B 217 -12.52 10.40 1.08
C ASP B 217 -11.44 10.77 2.12
N LYS B 218 -10.34 11.36 1.68
CA LYS B 218 -9.18 11.68 2.55
C LYS B 218 -9.56 12.70 3.64
N THR B 219 -10.49 13.63 3.37
CA THR B 219 -10.98 14.66 4.34
C THR B 219 -11.74 14.01 5.51
N GLY B 220 -12.29 12.81 5.32
CA GLY B 220 -13.33 12.23 6.20
C GLY B 220 -14.75 12.46 5.65
N LYS B 221 -14.88 12.95 4.42
CA LYS B 221 -16.18 13.31 3.80
C LYS B 221 -16.82 12.09 3.11
N LEU B 222 -18.10 11.87 3.41
CA LEU B 222 -18.92 10.73 2.97
C LEU B 222 -19.71 11.14 1.73
N SER B 223 -19.67 10.33 0.69
CA SER B 223 -20.49 10.51 -0.53
C SER B 223 -20.75 9.17 -1.19
N ILE B 224 -21.91 9.08 -1.83
CA ILE B 224 -22.17 8.17 -2.96
C ILE B 224 -21.35 8.70 -4.12
N PRO B 225 -20.69 7.84 -4.92
CA PRO B 225 -19.95 8.30 -6.09
C PRO B 225 -20.78 9.28 -6.93
N GLU B 226 -20.17 10.41 -7.31
CA GLU B 226 -20.77 11.49 -8.17
C GLU B 226 -21.74 12.34 -7.34
N GLY B 227 -21.89 12.07 -6.03
CA GLY B 227 -22.95 12.65 -5.18
C GLY B 227 -22.39 13.76 -4.29
N LYS B 228 -23.28 14.52 -3.67
CA LYS B 228 -22.93 15.57 -2.69
C LYS B 228 -22.10 14.91 -1.58
N LYS B 229 -21.11 15.64 -1.05
CA LYS B 229 -20.25 15.20 0.07
C LYS B 229 -20.77 15.77 1.38
N PHE B 230 -20.72 14.97 2.45
CA PHE B 230 -21.25 15.30 3.78
C PHE B 230 -20.19 14.99 4.83
N ASP B 231 -20.20 15.69 5.96
CA ASP B 231 -19.35 15.39 7.13
C ASP B 231 -19.90 14.16 7.86
N THR B 232 -21.22 13.94 7.85
CA THR B 232 -21.86 12.86 8.62
C THR B 232 -22.94 12.12 7.82
N LEU B 233 -23.24 10.90 8.26
CA LEU B 233 -24.33 10.05 7.71
C LEU B 233 -25.68 10.69 8.00
N TRP B 234 -25.87 11.32 9.15
CA TRP B 234 -27.20 11.93 9.46
C TRP B 234 -27.45 13.13 8.50
N GLN B 235 -26.42 13.83 8.04
CA GLN B 235 -26.58 14.91 7.03
C GLN B 235 -27.02 14.26 5.72
N LEU B 236 -26.41 13.14 5.36
CA LEU B 236 -26.68 12.40 4.11
C LEU B 236 -28.14 11.95 4.09
N VAL B 237 -28.61 11.33 5.17
CA VAL B 237 -30.02 10.87 5.32
C VAL B 237 -30.98 12.07 5.23
N GLU B 238 -30.70 13.18 5.91
CA GLU B 238 -31.61 14.37 5.85
C GLU B 238 -31.68 14.85 4.40
N HIS B 239 -30.55 14.94 3.70
CA HIS B 239 -30.51 15.44 2.30
C HIS B 239 -31.40 14.54 1.41
N TYR B 240 -31.15 13.23 1.41
CA TYR B 240 -31.79 12.29 0.48
C TYR B 240 -33.21 11.98 0.96
N SER B 241 -33.59 12.37 2.17
CA SER B 241 -35.01 12.38 2.63
C SER B 241 -35.77 13.60 2.10
N TYR B 242 -35.08 14.68 1.71
CA TYR B 242 -35.70 15.94 1.22
C TYR B 242 -35.89 15.85 -0.29
N LYS B 243 -34.89 15.36 -1.03
CA LYS B 243 -35.00 15.16 -2.49
C LYS B 243 -34.11 14.00 -2.93
N ALA B 244 -34.44 13.42 -4.09
CA ALA B 244 -33.81 12.18 -4.60
C ALA B 244 -32.38 12.47 -5.01
N ASP B 245 -32.19 13.60 -5.71
CA ASP B 245 -30.85 14.11 -6.10
C ASP B 245 -29.99 12.98 -6.65
N GLY B 246 -30.54 12.17 -7.58
CA GLY B 246 -29.81 11.09 -8.27
C GLY B 246 -30.27 9.70 -7.85
N LEU B 247 -30.76 9.53 -6.62
CA LEU B 247 -31.39 8.26 -6.17
C LEU B 247 -32.64 8.03 -7.03
N LEU B 248 -33.11 6.79 -7.16
CA LEU B 248 -34.34 6.51 -7.93
C LEU B 248 -35.55 7.09 -7.20
N ARG B 249 -35.44 7.32 -5.90
CA ARG B 249 -36.51 7.98 -5.12
C ARG B 249 -35.93 8.47 -3.80
N VAL B 250 -36.71 9.25 -3.07
CA VAL B 250 -36.32 9.84 -1.78
C VAL B 250 -36.40 8.74 -0.71
N LEU B 251 -35.58 8.85 0.32
CA LEU B 251 -35.68 8.02 1.54
C LEU B 251 -36.96 8.43 2.27
N THR B 252 -37.69 7.46 2.82
CA THR B 252 -38.91 7.68 3.64
C THR B 252 -38.68 7.05 5.02
N VAL B 253 -39.20 5.87 5.27
CA VAL B 253 -39.30 5.24 6.62
C VAL B 253 -38.01 4.47 6.91
N PRO B 254 -37.39 4.69 8.09
CA PRO B 254 -36.25 3.87 8.49
C PRO B 254 -36.71 2.43 8.63
N CYS B 255 -35.92 1.49 8.12
CA CYS B 255 -36.14 0.04 8.32
C CYS B 255 -35.83 -0.27 9.79
N GLN B 256 -36.83 -0.71 10.57
CA GLN B 256 -36.67 -1.07 12.01
C GLN B 256 -35.60 -2.15 12.17
N LYS B 257 -34.80 -2.06 13.23
CA LYS B 257 -33.82 -3.11 13.62
C LYS B 257 -34.52 -4.39 14.12
N ILE B 258 -33.76 -5.49 14.12
CA ILE B 258 -34.21 -6.90 14.34
C ILE B 258 -33.45 -7.49 15.53
N ASP C 4 38.09 4.23 -14.47
CA ASP C 4 38.91 4.04 -13.24
C ASP C 4 38.70 2.63 -12.70
N SER C 5 38.36 2.51 -11.42
CA SER C 5 37.85 1.27 -10.81
C SER C 5 36.42 0.99 -11.30
N ALA C 6 35.89 1.68 -12.36
CA ALA C 6 34.46 1.54 -12.70
C ALA C 6 34.00 1.99 -14.09
N ASN C 7 34.84 2.54 -14.96
CA ASN C 7 34.44 2.98 -16.33
C ASN C 7 33.92 1.79 -17.17
N HIS C 8 34.46 0.61 -16.91
CA HIS C 8 34.20 -0.62 -17.71
C HIS C 8 32.81 -1.18 -17.35
N LEU C 9 32.25 -0.79 -16.18
CA LEU C 9 30.94 -1.30 -15.69
C LEU C 9 29.81 -0.72 -16.54
N PRO C 10 28.90 -1.55 -17.11
CA PRO C 10 27.89 -1.06 -18.05
C PRO C 10 26.78 -0.22 -17.39
N PHE C 11 26.69 -0.25 -16.06
CA PHE C 11 25.67 0.49 -15.26
C PHE C 11 26.31 1.67 -14.50
N PHE C 12 27.55 2.06 -14.84
CA PHE C 12 28.24 3.28 -14.32
C PHE C 12 28.03 4.44 -15.29
N PHE C 13 27.46 5.54 -14.82
CA PHE C 13 27.06 6.70 -15.67
C PHE C 13 28.04 7.86 -15.52
N GLY C 14 29.10 7.69 -14.75
CA GLY C 14 30.08 8.76 -14.45
C GLY C 14 29.44 9.95 -13.74
N ASN C 15 29.82 11.17 -14.13
CA ASN C 15 29.45 12.43 -13.43
C ASN C 15 28.07 12.92 -13.90
N ILE C 16 27.01 12.13 -13.64
CA ILE C 16 25.61 12.62 -13.80
C ILE C 16 25.13 13.09 -12.43
N THR C 17 24.05 13.86 -12.39
CA THR C 17 23.48 14.42 -11.14
C THR C 17 22.50 13.41 -10.54
N ARG C 18 22.18 13.60 -9.27
CA ARG C 18 21.12 12.83 -8.59
C ARG C 18 19.88 12.84 -9.49
N GLU C 19 19.52 14.01 -10.02
CA GLU C 19 18.26 14.22 -10.78
C GLU C 19 18.34 13.42 -12.09
N GLU C 20 19.48 13.45 -12.77
CA GLU C 20 19.68 12.65 -14.01
C GLU C 20 19.58 11.17 -13.67
N ALA C 21 20.17 10.73 -12.54
CA ALA C 21 20.14 9.32 -12.11
C ALA C 21 18.68 8.92 -11.90
N GLU C 22 17.89 9.78 -11.25
CA GLU C 22 16.45 9.52 -11.01
C GLU C 22 15.68 9.46 -12.34
N ASP C 23 16.01 10.31 -13.32
CA ASP C 23 15.36 10.30 -14.67
C ASP C 23 15.64 8.93 -15.31
N TYR C 24 16.87 8.44 -15.17
CA TYR C 24 17.30 7.16 -15.78
C TYR C 24 16.56 6.00 -15.11
N LEU C 25 16.40 6.02 -13.78
CA LEU C 25 15.67 4.95 -13.06
C LEU C 25 14.20 4.95 -13.51
N VAL C 26 13.59 6.13 -13.67
CA VAL C 26 12.19 6.25 -14.19
C VAL C 26 12.13 5.62 -15.59
N GLN C 27 13.05 5.99 -16.47
CA GLN C 27 13.14 5.47 -17.86
C GLN C 27 13.31 3.95 -17.84
N GLY C 28 14.00 3.40 -16.84
CA GLY C 28 14.28 1.96 -16.71
C GLY C 28 13.14 1.19 -16.06
N GLY C 29 12.08 1.87 -15.62
CA GLY C 29 10.85 1.23 -15.13
C GLY C 29 10.61 1.45 -13.65
N MET C 30 11.61 1.93 -12.90
CA MET C 30 11.49 2.25 -11.45
C MET C 30 11.06 0.99 -10.67
N SER C 31 11.48 -0.18 -11.14
CA SER C 31 11.23 -1.49 -10.49
C SER C 31 12.07 -1.62 -9.21
N ASP C 32 11.52 -2.26 -8.19
CA ASP C 32 12.23 -2.57 -6.92
C ASP C 32 13.57 -3.24 -7.25
N GLY C 33 14.66 -2.74 -6.66
CA GLY C 33 16.02 -3.26 -6.87
C GLY C 33 16.65 -2.82 -8.18
N LEU C 34 16.00 -1.98 -8.99
CA LEU C 34 16.66 -1.35 -10.16
C LEU C 34 17.70 -0.37 -9.62
N TYR C 35 18.90 -0.36 -10.17
CA TYR C 35 20.02 0.42 -9.59
C TYR C 35 21.02 0.82 -10.66
N LEU C 36 21.75 1.90 -10.40
CA LEU C 36 22.89 2.34 -11.23
C LEU C 36 23.95 2.93 -10.31
N LEU C 37 25.13 3.12 -10.88
CA LEU C 37 26.30 3.69 -10.18
C LEU C 37 26.68 4.99 -10.86
N ARG C 38 27.14 5.97 -10.10
CA ARG C 38 27.60 7.28 -10.65
C ARG C 38 28.79 7.72 -9.80
N GLN C 39 29.59 8.64 -10.34
CA GLN C 39 30.71 9.27 -9.62
C GLN C 39 30.15 10.19 -8.54
N SER C 40 30.65 10.12 -7.31
CA SER C 40 30.23 11.06 -6.25
C SER C 40 30.63 12.46 -6.71
N ARG C 41 29.75 13.43 -6.48
CA ARG C 41 29.97 14.83 -6.90
C ARG C 41 30.52 15.63 -5.71
N ASN C 42 30.60 15.04 -4.51
CA ASN C 42 31.11 15.76 -3.31
C ASN C 42 32.15 14.96 -2.50
N TYR C 43 32.41 13.68 -2.79
CA TYR C 43 33.47 12.89 -2.13
C TYR C 43 34.48 12.41 -3.17
N LEU C 44 35.71 12.93 -3.07
CA LEU C 44 36.79 12.63 -4.01
C LEU C 44 37.07 11.12 -4.05
N GLY C 45 37.15 10.52 -5.24
CA GLY C 45 37.34 9.08 -5.45
C GLY C 45 36.12 8.26 -5.08
N GLY C 46 35.05 8.91 -4.63
CA GLY C 46 33.81 8.24 -4.22
C GLY C 46 32.89 7.94 -5.40
N PHE C 47 31.86 7.15 -5.11
CA PHE C 47 30.75 6.78 -6.02
C PHE C 47 29.46 7.00 -5.27
N ALA C 48 28.36 7.03 -6.00
CA ALA C 48 26.99 7.00 -5.44
C ALA C 48 26.24 5.85 -6.09
N LEU C 49 25.49 5.14 -5.26
CA LEU C 49 24.57 4.05 -5.66
C LEU C 49 23.17 4.63 -5.59
N SER C 50 22.42 4.54 -6.68
CA SER C 50 21.02 5.02 -6.76
C SER C 50 20.13 3.80 -7.04
N VAL C 51 19.14 3.58 -6.18
CA VAL C 51 18.28 2.35 -6.17
C VAL C 51 16.82 2.76 -6.16
N ALA C 52 16.00 2.12 -7.00
CA ALA C 52 14.53 2.23 -6.95
C ALA C 52 13.95 1.23 -5.95
N HIS C 53 13.13 1.70 -5.02
CA HIS C 53 12.30 0.85 -4.12
C HIS C 53 11.06 1.65 -3.68
N GLY C 54 9.89 1.02 -3.74
CA GLY C 54 8.61 1.64 -3.34
C GLY C 54 8.28 2.83 -4.22
N ARG C 55 8.69 2.78 -5.49
CA ARG C 55 8.47 3.84 -6.52
C ARG C 55 9.24 5.12 -6.17
N LYS C 56 10.17 5.06 -5.20
CA LYS C 56 11.03 6.22 -4.81
C LYS C 56 12.49 5.92 -5.18
N ALA C 57 13.34 6.93 -5.19
CA ALA C 57 14.79 6.82 -5.41
C ALA C 57 15.49 6.90 -4.05
N HIS C 58 16.50 6.04 -3.85
CA HIS C 58 17.36 6.02 -2.64
C HIS C 58 18.81 6.11 -3.12
N HIS C 59 19.57 7.02 -2.51
CA HIS C 59 20.96 7.37 -2.92
C HIS C 59 21.88 7.14 -1.73
N TYR C 60 22.98 6.42 -1.96
CA TYR C 60 24.01 6.08 -0.95
C TYR C 60 25.36 6.52 -1.49
N THR C 61 26.14 7.23 -0.68
CA THR C 61 27.54 7.58 -1.01
C THR C 61 28.41 6.37 -0.69
N ILE C 62 29.21 5.94 -1.66
CA ILE C 62 30.28 4.91 -1.49
C ILE C 62 31.60 5.66 -1.41
N GLU C 63 32.17 5.80 -0.22
CA GLU C 63 33.46 6.52 0.01
C GLU C 63 34.60 5.57 -0.30
N ARG C 64 35.70 6.11 -0.83
CA ARG C 64 37.02 5.42 -0.88
C ARG C 64 37.68 5.62 0.48
N GLU C 65 37.89 4.54 1.23
CA GLU C 65 38.54 4.56 2.56
C GLU C 65 40.03 4.84 2.36
N LEU C 66 40.72 5.22 3.43
CA LEU C 66 42.19 5.52 3.46
C LEU C 66 42.98 4.37 2.79
N ASN C 67 42.58 3.12 3.03
CA ASN C 67 43.31 1.89 2.57
C ASN C 67 42.88 1.48 1.16
N GLY C 68 42.02 2.26 0.47
CA GLY C 68 41.67 2.03 -0.95
C GLY C 68 40.54 1.03 -1.11
N THR C 69 39.86 0.69 -0.01
CA THR C 69 38.60 -0.09 -0.04
C THR C 69 37.44 0.92 -0.16
N TYR C 70 36.22 0.41 -0.33
CA TYR C 70 35.00 1.22 -0.57
C TYR C 70 33.93 0.81 0.43
N ALA C 71 33.23 1.78 1.02
CA ALA C 71 32.15 1.54 2.00
C ALA C 71 31.13 2.67 1.98
N ILE C 72 29.86 2.31 2.11
CA ILE C 72 28.79 3.19 2.64
C ILE C 72 29.01 3.34 4.15
N ALA C 73 28.90 4.55 4.69
CA ALA C 73 29.06 4.83 6.14
C ALA C 73 28.22 3.81 6.94
N GLY C 74 28.87 3.06 7.85
CA GLY C 74 28.24 2.09 8.75
C GLY C 74 28.24 0.67 8.19
N GLY C 75 28.85 0.46 7.01
CA GLY C 75 28.85 -0.81 6.27
C GLY C 75 30.24 -1.40 6.21
N ARG C 76 30.36 -2.66 5.82
CA ARG C 76 31.66 -3.33 5.63
C ARG C 76 32.41 -2.72 4.43
N THR C 77 33.73 -2.86 4.41
CA THR C 77 34.59 -2.42 3.27
C THR C 77 34.48 -3.47 2.16
N HIS C 78 34.64 -3.04 0.91
CA HIS C 78 34.69 -3.91 -0.30
C HIS C 78 35.89 -3.47 -1.14
N ALA C 79 36.38 -4.32 -2.03
CA ALA C 79 37.58 -4.05 -2.83
C ALA C 79 37.25 -3.01 -3.90
N SER C 80 36.00 -2.97 -4.34
CA SER C 80 35.55 -2.14 -5.49
C SER C 80 34.05 -1.85 -5.38
N PRO C 81 33.56 -0.81 -6.09
CA PRO C 81 32.13 -0.54 -6.18
C PRO C 81 31.33 -1.70 -6.80
N ALA C 82 31.91 -2.38 -7.80
CA ALA C 82 31.33 -3.59 -8.42
C ALA C 82 31.09 -4.65 -7.32
N ASP C 83 32.08 -4.91 -6.47
CA ASP C 83 31.98 -5.95 -5.41
C ASP C 83 30.86 -5.56 -4.44
N LEU C 84 30.76 -4.27 -4.10
CA LEU C 84 29.73 -3.76 -3.17
C LEU C 84 28.35 -4.04 -3.77
N CYS C 85 28.18 -3.75 -5.06
CA CYS C 85 26.90 -3.98 -5.78
C CYS C 85 26.60 -5.49 -5.82
N HIS C 86 27.60 -6.33 -6.12
CA HIS C 86 27.44 -7.80 -6.18
C HIS C 86 27.00 -8.32 -4.80
N TYR C 87 27.70 -7.91 -3.74
CA TYR C 87 27.38 -8.25 -2.33
C TYR C 87 25.92 -7.89 -2.01
N HIS C 88 25.47 -6.68 -2.35
CA HIS C 88 24.12 -6.15 -1.99
C HIS C 88 23.04 -6.74 -2.90
N SER C 89 23.44 -7.48 -3.94
CA SER C 89 22.52 -8.34 -4.74
C SER C 89 22.21 -9.65 -3.98
N GLN C 90 23.01 -10.01 -2.96
CA GLN C 90 22.87 -11.26 -2.17
C GLN C 90 22.29 -10.94 -0.77
N GLU C 91 22.78 -9.89 -0.11
CA GLU C 91 22.38 -9.50 1.27
C GLU C 91 22.02 -8.01 1.29
N SER C 92 20.83 -7.67 1.78
CA SER C 92 20.39 -6.27 1.96
C SER C 92 21.37 -5.56 2.91
N ASP C 93 21.71 -6.19 4.03
CA ASP C 93 22.70 -5.73 5.04
C ASP C 93 22.54 -4.21 5.30
N GLY C 94 21.29 -3.76 5.47
CA GLY C 94 20.99 -2.38 5.91
C GLY C 94 20.54 -1.48 4.76
N LEU C 95 20.69 -1.92 3.52
CA LEU C 95 20.21 -1.19 2.32
C LEU C 95 18.68 -1.28 2.30
N VAL C 96 18.02 -0.32 1.66
CA VAL C 96 16.54 -0.26 1.52
C VAL C 96 16.02 -1.59 0.95
N CYS C 97 16.75 -2.23 0.04
CA CYS C 97 16.35 -3.54 -0.56
C CYS C 97 17.54 -4.23 -1.23
N LEU C 98 17.33 -5.45 -1.69
CA LEU C 98 18.32 -6.22 -2.49
C LEU C 98 18.46 -5.53 -3.85
N LEU C 99 19.68 -5.41 -4.36
CA LEU C 99 19.96 -5.02 -5.76
C LEU C 99 19.56 -6.19 -6.66
N LYS C 100 18.51 -6.01 -7.46
CA LYS C 100 18.00 -7.04 -8.41
C LYS C 100 18.60 -6.81 -9.81
N LYS C 101 18.36 -5.63 -10.39
CA LYS C 101 18.56 -5.38 -11.84
C LYS C 101 19.38 -4.11 -12.05
N PRO C 102 20.61 -4.20 -12.60
CA PRO C 102 21.33 -3.01 -13.03
C PRO C 102 20.55 -2.34 -14.17
N PHE C 103 20.44 -1.01 -14.15
CA PHE C 103 20.04 -0.19 -15.31
C PHE C 103 21.33 0.20 -16.03
N ASN C 104 21.54 -0.34 -17.23
CA ASN C 104 22.78 -0.10 -18.02
C ASN C 104 22.62 1.22 -18.80
N ARG C 105 23.75 1.85 -19.12
CA ARG C 105 23.85 2.98 -20.05
C ARG C 105 23.13 2.58 -21.33
N PRO C 106 22.10 3.34 -21.78
CA PRO C 106 21.51 3.10 -23.10
C PRO C 106 22.60 3.16 -24.19
N GLN C 107 22.33 2.56 -25.36
CA GLN C 107 23.26 2.47 -26.51
C GLN C 107 23.78 3.88 -26.84
N GLY C 108 25.10 4.02 -27.01
CA GLY C 108 25.77 5.28 -27.39
C GLY C 108 26.15 6.14 -26.20
N VAL C 109 25.50 5.97 -25.04
CA VAL C 109 25.69 6.83 -23.84
C VAL C 109 26.97 6.41 -23.10
N GLN C 110 27.93 7.32 -22.96
CA GLN C 110 29.21 7.12 -22.24
C GLN C 110 29.08 7.64 -20.80
N PRO C 111 29.99 7.23 -19.89
CA PRO C 111 30.15 7.92 -18.61
C PRO C 111 30.40 9.42 -18.84
N LYS C 112 29.64 10.30 -18.18
CA LYS C 112 29.90 11.75 -18.22
C LYS C 112 31.16 12.07 -17.42
N THR C 113 31.96 13.00 -17.93
CA THR C 113 33.13 13.59 -17.25
C THR C 113 32.84 15.07 -16.99
N GLY C 114 33.33 15.63 -15.89
CA GLY C 114 33.23 17.07 -15.57
C GLY C 114 34.51 17.82 -15.94
N PRO C 115 34.56 19.16 -15.74
CA PRO C 115 35.72 19.98 -16.10
C PRO C 115 37.06 19.51 -15.51
N PHE C 116 37.08 19.16 -14.23
CA PHE C 116 38.29 18.67 -13.54
C PHE C 116 38.81 17.40 -14.23
N GLU C 117 37.91 16.46 -14.51
CA GLU C 117 38.26 15.14 -15.08
C GLU C 117 38.96 15.33 -16.41
N ASP C 118 38.65 16.41 -17.15
CA ASP C 118 39.20 16.73 -18.49
C ASP C 118 40.63 17.30 -18.36
N LEU C 119 40.99 17.90 -17.22
CA LEU C 119 42.33 18.51 -16.97
C LEU C 119 43.28 17.49 -16.31
N LYS C 120 42.71 16.52 -15.60
CA LYS C 120 43.38 15.68 -14.59
C LYS C 120 44.67 15.06 -15.14
N GLU C 121 44.62 14.42 -16.30
CA GLU C 121 45.75 13.64 -16.89
C GLU C 121 46.94 14.56 -17.18
N ASN C 122 46.69 15.72 -17.75
CA ASN C 122 47.78 16.69 -18.04
C ASN C 122 48.36 17.20 -16.70
N LEU C 123 47.52 17.47 -15.70
CA LEU C 123 48.01 18.04 -14.42
C LEU C 123 48.88 17.01 -13.70
N ILE C 124 48.47 15.73 -13.68
CA ILE C 124 49.26 14.64 -13.05
C ILE C 124 50.60 14.52 -13.78
N ARG C 125 50.59 14.51 -15.11
CA ARG C 125 51.83 14.40 -15.92
C ARG C 125 52.79 15.53 -15.52
N GLU C 126 52.33 16.78 -15.53
CA GLU C 126 53.20 17.96 -15.28
C GLU C 126 53.71 17.94 -13.83
N TYR C 127 52.91 17.49 -12.88
CA TYR C 127 53.28 17.39 -11.45
C TYR C 127 54.42 16.38 -11.30
N VAL C 128 54.30 15.18 -11.88
CA VAL C 128 55.34 14.11 -11.72
C VAL C 128 56.64 14.59 -12.36
N LYS C 129 56.57 15.28 -13.51
CA LYS C 129 57.76 15.81 -14.23
C LYS C 129 58.49 16.85 -13.36
N GLN C 130 57.76 17.79 -12.78
CA GLN C 130 58.32 18.97 -12.08
C GLN C 130 58.76 18.58 -10.66
N THR C 131 57.82 18.01 -9.91
CA THR C 131 57.91 17.79 -8.43
C THR C 131 58.76 16.56 -8.14
N TRP C 132 58.60 15.48 -8.91
CA TRP C 132 59.36 14.22 -8.66
C TRP C 132 60.57 14.16 -9.58
N ASN C 133 60.70 15.10 -10.53
CA ASN C 133 61.86 15.23 -11.46
C ASN C 133 62.13 13.87 -12.14
N LEU C 134 61.10 13.30 -12.76
CA LEU C 134 61.18 12.03 -13.52
C LEU C 134 60.98 12.32 -15.01
N GLN C 135 61.60 11.50 -15.85
CA GLN C 135 61.38 11.48 -17.32
C GLN C 135 61.31 10.02 -17.79
N GLY C 136 60.99 9.88 -19.08
CA GLY C 136 60.95 8.58 -19.79
C GLY C 136 60.13 7.55 -19.03
N GLN C 137 60.72 6.37 -18.83
CA GLN C 137 60.02 5.16 -18.35
C GLN C 137 59.68 5.32 -16.87
N ALA C 138 60.60 5.97 -16.13
CA ALA C 138 60.44 6.32 -14.69
C ALA C 138 59.14 7.14 -14.55
N LEU C 139 58.99 8.19 -15.37
CA LEU C 139 57.80 9.07 -15.40
C LEU C 139 56.54 8.24 -15.60
N GLU C 140 56.52 7.35 -16.61
CA GLU C 140 55.32 6.56 -16.97
C GLU C 140 55.01 5.60 -15.82
N GLN C 141 56.05 5.00 -15.24
CA GLN C 141 55.90 3.97 -14.19
C GLN C 141 55.35 4.63 -12.94
N ALA C 142 55.85 5.82 -12.59
CA ALA C 142 55.39 6.64 -11.46
C ALA C 142 53.90 6.93 -11.63
N ILE C 143 53.49 7.48 -12.79
CA ILE C 143 52.07 7.88 -13.05
C ILE C 143 51.19 6.67 -12.75
N ILE C 144 51.50 5.53 -13.38
CA ILE C 144 50.72 4.26 -13.25
C ILE C 144 50.77 3.79 -11.78
N SER C 145 51.97 3.75 -11.20
CA SER C 145 52.23 3.05 -9.91
C SER C 145 51.43 3.70 -8.78
N GLN C 146 51.35 5.04 -8.75
CA GLN C 146 50.69 5.80 -7.66
C GLN C 146 49.65 6.75 -8.29
N LYS C 147 48.92 6.30 -9.32
CA LYS C 147 47.75 7.04 -9.86
C LYS C 147 46.84 7.52 -8.74
N PRO C 148 46.35 6.67 -7.80
CA PRO C 148 45.45 7.12 -6.75
C PRO C 148 45.98 8.30 -5.88
N GLN C 149 47.25 8.27 -5.49
CA GLN C 149 47.86 9.34 -4.64
C GLN C 149 48.00 10.62 -5.47
N LEU C 150 48.42 10.49 -6.74
CA LEU C 150 48.59 11.64 -7.68
C LEU C 150 47.22 12.31 -7.92
N GLU C 151 46.17 11.50 -8.14
CA GLU C 151 44.79 11.98 -8.37
C GLU C 151 44.36 12.84 -7.18
N LYS C 152 44.59 12.35 -5.95
CA LYS C 152 44.25 13.07 -4.69
C LYS C 152 45.03 14.40 -4.61
N LEU C 153 46.35 14.36 -4.83
CA LEU C 153 47.20 15.58 -4.74
C LEU C 153 46.72 16.64 -5.73
N ILE C 154 46.52 16.25 -7.00
CA ILE C 154 46.18 17.19 -8.11
C ILE C 154 44.75 17.72 -7.91
N ALA C 155 43.84 16.93 -7.34
CA ALA C 155 42.43 17.33 -7.11
C ALA C 155 42.35 18.46 -6.08
N THR C 156 43.19 18.40 -5.04
CA THR C 156 43.25 19.37 -3.93
C THR C 156 43.82 20.73 -4.37
N THR C 157 44.50 20.80 -5.52
CA THR C 157 45.22 22.02 -5.99
C THR C 157 44.68 22.50 -7.35
N ALA C 158 43.85 21.69 -8.02
CA ALA C 158 43.41 21.93 -9.41
C ALA C 158 42.68 23.28 -9.55
N HIS C 159 42.01 23.74 -8.49
CA HIS C 159 41.21 25.00 -8.49
C HIS C 159 42.10 26.20 -8.81
N GLU C 160 43.39 26.13 -8.44
CA GLU C 160 44.34 27.27 -8.50
C GLU C 160 44.44 27.81 -9.92
N LYS C 161 44.29 26.96 -10.96
CA LYS C 161 44.46 27.42 -12.36
C LYS C 161 43.11 27.47 -13.10
N MET C 162 41.99 27.25 -12.40
CA MET C 162 40.66 27.33 -13.04
C MET C 162 40.22 28.78 -13.12
N PRO C 163 39.46 29.17 -14.17
CA PRO C 163 39.25 30.59 -14.47
C PRO C 163 38.48 31.38 -13.40
N TRP C 164 37.70 30.71 -12.55
CA TRP C 164 36.81 31.39 -11.55
C TRP C 164 37.56 31.65 -10.25
N PHE C 165 38.79 31.14 -10.10
CA PHE C 165 39.57 31.28 -8.85
C PHE C 165 40.54 32.46 -8.99
N HIS C 166 40.40 33.46 -8.12
CA HIS C 166 41.11 34.78 -8.20
C HIS C 166 42.12 34.90 -7.06
N GLY C 167 42.38 33.82 -6.30
CA GLY C 167 43.39 33.79 -5.23
C GLY C 167 43.04 34.73 -4.10
N LYS C 168 44.04 35.30 -3.42
CA LYS C 168 43.82 36.18 -2.22
C LYS C 168 43.62 37.62 -2.71
N ILE C 169 42.36 38.00 -2.94
CA ILE C 169 41.91 39.38 -3.23
C ILE C 169 40.88 39.77 -2.17
N SER C 170 40.70 41.06 -1.95
CA SER C 170 39.83 41.66 -0.90
C SER C 170 38.36 41.53 -1.31
N ARG C 171 37.44 41.63 -0.35
CA ARG C 171 35.99 41.80 -0.63
C ARG C 171 35.83 42.91 -1.68
N GLU C 172 36.39 44.08 -1.39
CA GLU C 172 36.23 45.32 -2.20
C GLU C 172 36.74 45.06 -3.61
N GLU C 173 37.91 44.43 -3.76
CA GLU C 173 38.51 44.10 -5.08
C GLU C 173 37.55 43.20 -5.86
N SER C 174 36.96 42.20 -5.19
CA SER C 174 36.10 41.19 -5.85
C SER C 174 34.85 41.89 -6.39
N GLU C 175 34.27 42.83 -5.64
CA GLU C 175 33.08 43.61 -6.10
C GLU C 175 33.44 44.38 -7.36
N GLN C 176 34.58 45.05 -7.37
CA GLN C 176 35.04 45.88 -8.51
C GLN C 176 35.17 45.00 -9.76
N ILE C 177 35.86 43.86 -9.63
CA ILE C 177 36.17 42.98 -10.80
C ILE C 177 34.85 42.38 -11.33
N VAL C 178 33.90 42.03 -10.45
CA VAL C 178 32.61 41.39 -10.84
C VAL C 178 31.72 42.43 -11.52
N LEU C 179 31.77 43.70 -11.10
CA LEU C 179 30.85 44.76 -11.57
C LEU C 179 31.35 45.40 -12.88
N ILE C 180 32.58 45.09 -13.29
CA ILE C 180 33.11 45.61 -14.58
C ILE C 180 32.49 44.79 -15.71
N GLY C 181 32.11 45.46 -16.79
CA GLY C 181 31.72 44.77 -18.04
C GLY C 181 30.28 44.32 -17.99
N SER C 182 29.94 43.39 -18.88
CA SER C 182 28.58 42.79 -19.02
C SER C 182 28.13 42.28 -17.65
N LYS C 183 26.95 42.69 -17.21
CA LYS C 183 26.40 42.35 -15.89
C LYS C 183 25.56 41.06 -16.01
N THR C 184 26.13 40.03 -16.62
CA THR C 184 25.54 38.67 -16.75
C THR C 184 25.17 38.17 -15.35
N ASN C 185 23.89 37.88 -15.13
CA ASN C 185 23.42 37.23 -13.88
C ASN C 185 24.12 35.88 -13.71
N GLY C 186 24.64 35.62 -12.52
CA GLY C 186 25.37 34.37 -12.21
C GLY C 186 26.87 34.51 -12.42
N LYS C 187 27.35 35.60 -13.02
CA LYS C 187 28.80 35.87 -13.11
C LYS C 187 29.38 35.73 -11.70
N PHE C 188 30.50 35.02 -11.55
CA PHE C 188 30.96 34.63 -10.20
C PHE C 188 32.47 34.48 -10.18
N LEU C 189 33.04 34.60 -8.97
CA LEU C 189 34.41 34.14 -8.69
C LEU C 189 34.47 33.60 -7.27
N ILE C 190 35.54 32.86 -6.98
CA ILE C 190 35.87 32.44 -5.60
C ILE C 190 37.22 33.06 -5.22
N ARG C 191 37.31 33.56 -3.99
CA ARG C 191 38.55 34.19 -3.47
C ARG C 191 38.93 33.54 -2.13
N ALA C 192 40.23 33.48 -1.84
CA ALA C 192 40.79 33.07 -0.53
C ALA C 192 40.61 34.21 0.47
N ARG C 193 40.32 33.88 1.73
CA ARG C 193 40.33 34.82 2.89
C ARG C 193 41.56 34.50 3.76
N ASP C 194 41.64 35.07 4.96
CA ASP C 194 42.79 34.94 5.91
C ASP C 194 43.16 33.46 6.13
N ASN C 195 42.32 32.73 6.89
CA ASN C 195 42.53 31.30 7.27
C ASN C 195 42.68 30.46 5.98
N ASN C 196 43.76 29.68 5.84
CA ASN C 196 44.17 29.05 4.55
C ASN C 196 43.33 27.80 4.26
N GLY C 197 42.10 27.73 4.78
CA GLY C 197 41.00 26.87 4.32
C GLY C 197 39.70 27.62 4.15
N SER C 198 39.67 28.95 4.35
CA SER C 198 38.44 29.79 4.24
C SER C 198 38.43 30.50 2.88
N TYR C 199 37.25 30.63 2.29
CA TYR C 199 37.04 31.24 0.95
C TYR C 199 35.72 32.01 0.97
N ALA C 200 35.49 32.78 -0.10
CA ALA C 200 34.19 33.42 -0.37
C ALA C 200 33.81 33.18 -1.83
N LEU C 201 32.53 32.94 -2.06
CA LEU C 201 31.89 32.89 -3.39
C LEU C 201 31.26 34.27 -3.63
N CYS C 202 31.63 34.91 -4.73
CA CYS C 202 31.10 36.24 -5.13
C CYS C 202 30.27 36.06 -6.39
N LEU C 203 29.03 36.49 -6.36
CA LEU C 203 27.97 36.12 -7.32
C LEU C 203 27.19 37.38 -7.69
N LEU C 204 27.06 37.67 -8.99
CA LEU C 204 26.31 38.85 -9.49
C LEU C 204 24.83 38.46 -9.60
N HIS C 205 23.98 39.17 -8.86
CA HIS C 205 22.50 38.99 -8.85
C HIS C 205 21.82 40.36 -9.03
N GLU C 206 21.19 40.57 -10.20
CA GLU C 206 20.47 41.83 -10.56
C GLU C 206 21.34 43.03 -10.21
N GLY C 207 22.55 43.10 -10.75
CA GLY C 207 23.50 44.22 -10.58
C GLY C 207 24.12 44.32 -9.18
N LYS C 208 23.74 43.48 -8.21
CA LYS C 208 24.32 43.49 -6.84
C LYS C 208 25.29 42.32 -6.67
N VAL C 209 26.39 42.51 -5.92
CA VAL C 209 27.36 41.42 -5.67
C VAL C 209 27.04 40.74 -4.34
N LEU C 210 26.70 39.45 -4.39
CA LEU C 210 26.45 38.60 -3.19
C LEU C 210 27.78 37.97 -2.78
N HIS C 211 28.04 37.93 -1.48
CA HIS C 211 29.20 37.23 -0.89
C HIS C 211 28.67 36.11 0.01
N TYR C 212 29.03 34.88 -0.32
CA TYR C 212 28.76 33.67 0.50
C TYR C 212 30.11 33.20 1.03
N ARG C 213 30.15 32.90 2.33
CA ARG C 213 31.31 32.36 3.07
C ARG C 213 31.46 30.89 2.68
N ILE C 214 32.69 30.45 2.46
CA ILE C 214 33.03 29.00 2.30
C ILE C 214 34.05 28.65 3.39
N ASP C 215 33.66 27.75 4.29
CA ASP C 215 34.43 27.33 5.49
C ASP C 215 34.91 25.89 5.33
N LYS C 216 36.13 25.62 5.78
CA LYS C 216 36.69 24.27 5.99
C LYS C 216 36.28 23.82 7.40
N ASP C 217 35.56 22.71 7.53
CA ASP C 217 35.18 22.13 8.85
C ASP C 217 36.32 21.21 9.30
N LYS C 218 36.14 20.50 10.41
CA LYS C 218 37.19 19.66 11.05
C LYS C 218 37.59 18.50 10.13
N THR C 219 36.68 17.96 9.32
CA THR C 219 36.93 16.84 8.36
C THR C 219 37.91 17.27 7.25
N GLY C 220 38.00 18.58 6.98
CA GLY C 220 38.63 19.15 5.76
C GLY C 220 37.60 19.47 4.68
N LYS C 221 36.30 19.38 5.01
CA LYS C 221 35.18 19.56 4.04
C LYS C 221 34.80 21.04 3.92
N LEU C 222 34.62 21.49 2.68
CA LEU C 222 34.25 22.87 2.31
C LEU C 222 32.73 22.96 2.15
N SER C 223 32.14 24.00 2.74
CA SER C 223 30.71 24.31 2.60
C SER C 223 30.47 25.80 2.86
N ILE C 224 29.45 26.31 2.21
CA ILE C 224 28.67 27.49 2.65
C ILE C 224 27.88 27.03 3.87
N PRO C 225 27.78 27.84 4.95
CA PRO C 225 27.00 27.44 6.12
C PRO C 225 25.63 26.89 5.74
N GLU C 226 25.27 25.73 6.30
CA GLU C 226 23.97 25.02 6.12
C GLU C 226 23.89 24.35 4.73
N GLY C 227 25.00 24.37 3.98
CA GLY C 227 25.04 23.91 2.58
C GLY C 227 25.68 22.53 2.47
N LYS C 228 25.54 21.90 1.31
CA LYS C 228 26.20 20.62 0.97
C LYS C 228 27.72 20.78 1.21
N LYS C 229 28.36 19.71 1.69
CA LYS C 229 29.80 19.64 1.98
C LYS C 229 30.53 18.94 0.83
N PHE C 230 31.71 19.44 0.48
CA PHE C 230 32.52 18.98 -0.67
C PHE C 230 33.96 18.81 -0.23
N ASP C 231 34.69 17.92 -0.89
CA ASP C 231 36.15 17.75 -0.69
C ASP C 231 36.91 18.88 -1.38
N THR C 232 36.40 19.45 -2.48
CA THR C 232 37.14 20.47 -3.28
C THR C 232 36.22 21.61 -3.73
N LEU C 233 36.83 22.76 -4.04
CA LEU C 233 36.15 23.96 -4.58
C LEU C 233 35.59 23.65 -5.95
N TRP C 234 36.28 22.86 -6.78
CA TRP C 234 35.79 22.57 -8.14
C TRP C 234 34.50 21.72 -8.04
N GLN C 235 34.35 20.87 -7.03
CA GLN C 235 33.09 20.11 -6.81
C GLN C 235 31.98 21.11 -6.46
N LEU C 236 32.30 22.07 -5.59
CA LEU C 236 31.35 23.09 -5.10
C LEU C 236 30.81 23.91 -6.28
N VAL C 237 31.72 24.39 -7.14
CA VAL C 237 31.34 25.20 -8.35
C VAL C 237 30.48 24.36 -9.30
N GLU C 238 30.84 23.09 -9.56
CA GLU C 238 30.02 22.23 -10.45
C GLU C 238 28.62 22.11 -9.87
N HIS C 239 28.49 21.88 -8.57
CA HIS C 239 27.16 21.71 -7.93
C HIS C 239 26.32 22.97 -8.12
N TYR C 240 26.84 24.14 -7.73
CA TYR C 240 26.07 25.40 -7.70
C TYR C 240 25.94 25.97 -9.11
N SER C 241 26.68 25.43 -10.09
CA SER C 241 26.46 25.73 -11.53
C SER C 241 25.30 24.89 -12.09
N TYR C 242 24.94 23.77 -11.45
CA TYR C 242 23.86 22.87 -11.91
C TYR C 242 22.52 23.34 -11.34
N LYS C 243 22.48 23.68 -10.06
CA LYS C 243 21.25 24.22 -9.41
C LYS C 243 21.63 25.15 -8.25
N ALA C 244 20.70 26.01 -7.85
CA ALA C 244 20.94 27.13 -6.91
C ALA C 244 21.15 26.58 -5.51
N ASP C 245 20.30 25.63 -5.12
CA ASP C 245 20.40 24.88 -3.84
C ASP C 245 20.67 25.85 -2.69
N GLY C 246 19.91 26.94 -2.60
CA GLY C 246 20.00 27.93 -1.51
C GLY C 246 20.58 29.26 -1.94
N LEU C 247 21.41 29.29 -2.98
CA LEU C 247 21.93 30.57 -3.55
C LEU C 247 20.74 31.29 -4.16
N LEU C 248 20.80 32.61 -4.33
CA LEU C 248 19.70 33.37 -4.99
C LEU C 248 19.62 32.97 -6.46
N ARG C 249 20.69 32.43 -7.04
CA ARG C 249 20.65 31.92 -8.43
C ARG C 249 21.85 31.00 -8.65
N VAL C 250 21.85 30.31 -9.77
CA VAL C 250 22.90 29.37 -10.19
C VAL C 250 24.11 30.17 -10.68
N LEU C 251 25.31 29.63 -10.50
CA LEU C 251 26.55 30.21 -11.08
C LEU C 251 26.48 30.00 -12.59
N THR C 252 26.91 31.00 -13.36
CA THR C 252 26.98 30.94 -14.85
C THR C 252 28.44 31.17 -15.27
N VAL C 253 28.80 32.40 -15.68
CA VAL C 253 30.10 32.66 -16.37
C VAL C 253 31.16 33.00 -15.33
N PRO C 254 32.35 32.36 -15.39
CA PRO C 254 33.45 32.75 -14.52
C PRO C 254 33.83 34.20 -14.81
N CYS C 255 34.07 34.97 -13.78
CA CYS C 255 34.57 36.35 -13.88
C CYS C 255 36.03 36.28 -14.39
N GLN C 256 36.30 36.84 -15.57
CA GLN C 256 37.68 36.96 -16.14
C GLN C 256 38.66 37.62 -15.17
N LYS C 257 39.96 37.33 -15.24
CA LYS C 257 40.99 38.24 -14.67
C LYS C 257 41.54 39.17 -15.75
N ALA D 3 -23.13 -25.51 -31.82
CA ALA D 3 -23.83 -24.20 -31.85
C ALA D 3 -23.50 -23.41 -30.57
N ASP D 4 -23.66 -24.05 -29.39
CA ASP D 4 -23.73 -23.38 -28.05
C ASP D 4 -22.74 -24.00 -27.05
N SER D 5 -21.71 -24.71 -27.51
CA SER D 5 -20.95 -25.68 -26.68
C SER D 5 -19.92 -24.95 -25.81
N ALA D 6 -19.08 -24.09 -26.44
CA ALA D 6 -17.93 -23.37 -25.83
C ALA D 6 -16.65 -24.26 -25.73
N ASN D 7 -16.69 -25.50 -26.20
CA ASN D 7 -15.55 -26.45 -26.13
C ASN D 7 -14.35 -25.93 -26.92
N HIS D 8 -14.61 -25.12 -27.94
CA HIS D 8 -13.56 -24.60 -28.87
C HIS D 8 -12.76 -23.48 -28.19
N LEU D 9 -13.30 -22.87 -27.12
CA LEU D 9 -12.63 -21.74 -26.41
C LEU D 9 -11.45 -22.28 -25.59
N PRO D 10 -10.24 -21.72 -25.73
CA PRO D 10 -9.07 -22.28 -25.06
C PRO D 10 -9.04 -22.04 -23.54
N PHE D 11 -9.89 -21.15 -23.03
CA PHE D 11 -9.99 -20.77 -21.59
C PHE D 11 -11.28 -21.34 -20.96
N PHE D 12 -11.96 -22.28 -21.65
CA PHE D 12 -13.11 -23.04 -21.12
C PHE D 12 -12.64 -24.37 -20.53
N PHE D 13 -12.91 -24.62 -19.25
CA PHE D 13 -12.39 -25.79 -18.50
C PHE D 13 -13.45 -26.87 -18.35
N GLY D 14 -14.66 -26.64 -18.89
CA GLY D 14 -15.80 -27.57 -18.73
C GLY D 14 -16.19 -27.71 -17.26
N ASN D 15 -16.54 -28.92 -16.84
CA ASN D 15 -17.14 -29.25 -15.51
C ASN D 15 -16.07 -29.34 -14.42
N ILE D 16 -15.35 -28.26 -14.14
CA ILE D 16 -14.45 -28.16 -12.95
C ILE D 16 -15.23 -27.45 -11.86
N THR D 17 -14.80 -27.59 -10.61
CA THR D 17 -15.48 -27.00 -9.43
C THR D 17 -14.97 -25.58 -9.21
N ARG D 18 -15.69 -24.82 -8.42
CA ARG D 18 -15.26 -23.47 -8.00
C ARG D 18 -13.82 -23.58 -7.48
N GLU D 19 -13.55 -24.60 -6.65
CA GLU D 19 -12.26 -24.75 -5.94
C GLU D 19 -11.17 -25.02 -6.99
N GLU D 20 -11.43 -25.88 -7.96
CA GLU D 20 -10.46 -26.18 -9.04
C GLU D 20 -10.21 -24.90 -9.85
N ALA D 21 -11.27 -24.11 -10.14
CA ALA D 21 -11.13 -22.86 -10.90
C ALA D 21 -10.21 -21.92 -10.13
N GLU D 22 -10.40 -21.81 -8.82
CA GLU D 22 -9.56 -20.94 -7.96
C GLU D 22 -8.11 -21.46 -7.96
N ASP D 23 -7.88 -22.77 -7.93
CA ASP D 23 -6.51 -23.37 -7.98
C ASP D 23 -5.85 -22.94 -9.30
N TYR D 24 -6.60 -22.97 -10.39
CA TYR D 24 -6.09 -22.62 -11.75
C TYR D 24 -5.74 -21.13 -11.79
N LEU D 25 -6.57 -20.27 -11.22
CA LEU D 25 -6.28 -18.81 -11.19
C LEU D 25 -5.02 -18.56 -10.37
N VAL D 26 -4.83 -19.25 -9.24
CA VAL D 26 -3.59 -19.15 -8.41
C VAL D 26 -2.39 -19.57 -9.28
N GLN D 27 -2.49 -20.71 -9.95
CA GLN D 27 -1.44 -21.26 -10.84
C GLN D 27 -1.12 -20.26 -11.95
N GLY D 28 -2.11 -19.51 -12.43
CA GLY D 28 -1.97 -18.53 -13.53
C GLY D 28 -1.46 -17.18 -13.06
N GLY D 29 -1.26 -17.00 -11.76
CA GLY D 29 -0.61 -15.79 -11.19
C GLY D 29 -1.56 -14.94 -10.36
N MET D 30 -2.86 -15.16 -10.45
CA MET D 30 -3.88 -14.42 -9.65
C MET D 30 -3.77 -12.91 -9.95
N SER D 31 -3.39 -12.57 -11.19
CA SER D 31 -3.28 -11.17 -11.68
C SER D 31 -4.69 -10.59 -11.91
N ASP D 32 -4.85 -9.30 -11.63
CA ASP D 32 -6.13 -8.57 -11.84
C ASP D 32 -6.58 -8.79 -13.29
N GLY D 33 -7.84 -9.16 -13.47
CA GLY D 33 -8.43 -9.42 -14.80
C GLY D 33 -8.07 -10.77 -15.37
N LEU D 34 -7.33 -11.62 -14.65
CA LEU D 34 -7.13 -13.03 -15.08
C LEU D 34 -8.48 -13.75 -14.94
N TYR D 35 -8.88 -14.53 -15.93
CA TYR D 35 -10.24 -15.11 -15.94
C TYR D 35 -10.27 -16.43 -16.71
N LEU D 36 -11.24 -17.26 -16.36
CA LEU D 36 -11.54 -18.50 -17.11
C LEU D 36 -13.05 -18.71 -17.12
N LEU D 37 -13.48 -19.61 -17.96
CA LEU D 37 -14.89 -20.02 -18.13
C LEU D 37 -14.99 -21.49 -17.73
N ARG D 38 -16.10 -21.87 -17.10
CA ARG D 38 -16.41 -23.27 -16.75
C ARG D 38 -17.90 -23.47 -16.97
N GLN D 39 -18.30 -24.73 -17.08
CA GLN D 39 -19.72 -25.12 -17.15
C GLN D 39 -20.35 -24.90 -15.77
N SER D 40 -21.53 -24.28 -15.73
CA SER D 40 -22.27 -24.13 -14.46
C SER D 40 -22.60 -25.54 -13.96
N ARG D 41 -22.45 -25.77 -12.66
CA ARG D 41 -22.74 -27.08 -12.04
C ARG D 41 -24.14 -27.07 -11.43
N ASN D 42 -24.85 -25.93 -11.45
CA ASN D 42 -26.22 -25.88 -10.88
C ASN D 42 -27.25 -25.18 -11.81
N TYR D 43 -26.84 -24.58 -12.92
CA TYR D 43 -27.78 -23.99 -13.93
C TYR D 43 -27.59 -24.67 -15.27
N LEU D 44 -28.62 -25.39 -15.71
CA LEU D 44 -28.64 -26.14 -16.98
C LEU D 44 -28.34 -25.19 -18.15
N GLY D 45 -27.41 -25.58 -19.04
CA GLY D 45 -26.96 -24.79 -20.19
C GLY D 45 -26.15 -23.56 -19.76
N GLY D 46 -25.91 -23.40 -18.46
CA GLY D 46 -25.21 -22.23 -17.93
C GLY D 46 -23.70 -22.38 -17.96
N PHE D 47 -23.01 -21.28 -17.73
CA PHE D 47 -21.55 -21.20 -17.55
C PHE D 47 -21.30 -20.41 -16.26
N ALA D 48 -20.08 -20.49 -15.76
CA ALA D 48 -19.58 -19.61 -14.71
C ALA D 48 -18.30 -18.96 -15.19
N LEU D 49 -18.19 -17.67 -14.88
CA LEU D 49 -17.01 -16.82 -15.15
C LEU D 49 -16.30 -16.69 -13.80
N SER D 50 -15.02 -17.04 -13.75
CA SER D 50 -14.18 -16.90 -12.55
C SER D 50 -13.07 -15.89 -12.88
N VAL D 51 -12.97 -14.82 -12.08
CA VAL D 51 -12.07 -13.67 -12.32
C VAL D 51 -11.22 -13.42 -11.07
N ALA D 52 -9.91 -13.20 -11.26
CA ALA D 52 -9.01 -12.71 -10.18
C ALA D 52 -9.04 -11.18 -10.13
N HIS D 53 -9.29 -10.62 -8.94
CA HIS D 53 -9.14 -9.18 -8.66
C HIS D 53 -8.89 -8.99 -7.16
N GLY D 54 -7.90 -8.16 -6.81
CA GLY D 54 -7.54 -7.86 -5.41
C GLY D 54 -7.05 -9.10 -4.69
N ARG D 55 -6.40 -10.03 -5.41
CA ARG D 55 -5.86 -11.31 -4.90
C ARG D 55 -6.98 -12.25 -4.46
N LYS D 56 -8.24 -11.96 -4.79
CA LYS D 56 -9.42 -12.84 -4.49
C LYS D 56 -10.00 -13.39 -5.79
N ALA D 57 -10.82 -14.43 -5.68
CA ALA D 57 -11.57 -15.02 -6.80
C ALA D 57 -13.00 -14.49 -6.74
N HIS D 58 -13.56 -14.13 -7.89
CA HIS D 58 -14.96 -13.67 -8.07
C HIS D 58 -15.61 -14.58 -9.12
N HIS D 59 -16.80 -15.09 -8.80
CA HIS D 59 -17.54 -16.08 -9.61
C HIS D 59 -18.89 -15.49 -9.97
N TYR D 60 -19.24 -15.54 -11.26
CA TYR D 60 -20.52 -15.06 -11.81
C TYR D 60 -21.14 -16.20 -12.60
N THR D 61 -22.40 -16.52 -12.35
CA THR D 61 -23.17 -17.47 -13.16
C THR D 61 -23.64 -16.75 -14.41
N ILE D 62 -23.36 -17.31 -15.58
CA ILE D 62 -23.91 -16.91 -16.89
C ILE D 62 -25.05 -17.88 -17.24
N GLU D 63 -26.30 -17.44 -17.11
CA GLU D 63 -27.49 -18.25 -17.43
C GLU D 63 -27.75 -18.21 -18.92
N ARG D 64 -28.26 -19.30 -19.49
CA ARG D 64 -28.89 -19.35 -20.83
C ARG D 64 -30.35 -18.88 -20.65
N GLU D 65 -30.69 -17.74 -21.25
CA GLU D 65 -32.06 -17.17 -21.20
C GLU D 65 -32.98 -18.05 -22.07
N LEU D 66 -34.29 -17.91 -21.90
CA LEU D 66 -35.34 -18.62 -22.67
C LEU D 66 -35.10 -18.46 -24.18
N ASN D 67 -34.64 -17.29 -24.65
CA ASN D 67 -34.46 -16.99 -26.10
C ASN D 67 -33.07 -17.43 -26.60
N GLY D 68 -32.26 -18.08 -25.78
CA GLY D 68 -30.96 -18.68 -26.20
C GLY D 68 -29.83 -17.67 -26.16
N THR D 69 -30.04 -16.52 -25.54
CA THR D 69 -28.97 -15.54 -25.20
C THR D 69 -28.41 -15.91 -23.83
N TYR D 70 -27.36 -15.23 -23.40
CA TYR D 70 -26.61 -15.50 -22.15
C TYR D 70 -26.50 -14.21 -21.35
N ALA D 71 -26.74 -14.28 -20.03
CA ALA D 71 -26.66 -13.09 -19.14
C ALA D 71 -26.31 -13.53 -17.72
N ILE D 72 -25.46 -12.75 -17.08
CA ILE D 72 -25.36 -12.66 -15.60
C ILE D 72 -26.61 -11.91 -15.10
N ALA D 73 -27.23 -12.35 -14.02
CA ALA D 73 -28.44 -11.71 -13.44
C ALA D 73 -28.14 -10.21 -13.27
N GLY D 74 -29.01 -9.36 -13.86
CA GLY D 74 -28.95 -7.90 -13.76
C GLY D 74 -28.19 -7.25 -14.91
N GLY D 75 -27.68 -8.04 -15.85
CA GLY D 75 -26.81 -7.61 -16.96
C GLY D 75 -27.51 -7.73 -18.30
N ARG D 76 -26.95 -7.14 -19.34
CA ARG D 76 -27.48 -7.26 -20.72
C ARG D 76 -27.29 -8.69 -21.23
N THR D 77 -28.11 -9.09 -22.21
CA THR D 77 -27.99 -10.41 -22.89
C THR D 77 -26.85 -10.34 -23.91
N HIS D 78 -26.20 -11.47 -24.18
CA HIS D 78 -25.14 -11.63 -25.21
C HIS D 78 -25.47 -12.90 -26.00
N ALA D 79 -24.90 -13.05 -27.20
CA ALA D 79 -25.24 -14.17 -28.10
C ALA D 79 -24.60 -15.45 -27.59
N SER D 80 -23.48 -15.31 -26.87
CA SER D 80 -22.63 -16.44 -26.42
C SER D 80 -21.81 -16.05 -25.19
N PRO D 81 -21.30 -17.06 -24.44
CA PRO D 81 -20.38 -16.79 -23.33
C PRO D 81 -19.09 -16.07 -23.77
N ALA D 82 -18.57 -16.45 -24.95
CA ALA D 82 -17.41 -15.80 -25.57
C ALA D 82 -17.70 -14.29 -25.75
N ASP D 83 -18.87 -13.93 -26.29
CA ASP D 83 -19.24 -12.51 -26.54
C ASP D 83 -19.28 -11.77 -25.21
N LEU D 84 -19.83 -12.40 -24.17
CA LEU D 84 -19.95 -11.79 -22.82
C LEU D 84 -18.54 -11.47 -22.30
N CYS D 85 -17.62 -12.43 -22.43
CA CYS D 85 -16.21 -12.27 -22.00
C CYS D 85 -15.54 -11.14 -22.83
N HIS D 86 -15.74 -11.15 -24.15
CA HIS D 86 -15.16 -10.13 -25.07
C HIS D 86 -15.68 -8.74 -24.66
N TYR D 87 -17.00 -8.60 -24.48
CA TYR D 87 -17.65 -7.35 -24.02
C TYR D 87 -17.02 -6.84 -22.73
N HIS D 88 -16.83 -7.71 -21.73
CA HIS D 88 -16.33 -7.32 -20.38
C HIS D 88 -14.82 -7.10 -20.40
N SER D 89 -14.16 -7.43 -21.50
CA SER D 89 -12.75 -7.02 -21.76
C SER D 89 -12.69 -5.54 -22.23
N GLN D 90 -13.80 -4.94 -22.64
CA GLN D 90 -13.88 -3.54 -23.17
C GLN D 90 -14.55 -2.62 -22.14
N GLU D 91 -15.64 -3.07 -21.51
CA GLU D 91 -16.41 -2.29 -20.51
C GLU D 91 -16.60 -3.17 -19.27
N SER D 92 -16.20 -2.68 -18.10
CA SER D 92 -16.44 -3.37 -16.81
C SER D 92 -17.96 -3.54 -16.61
N ASP D 93 -18.74 -2.48 -16.89
CA ASP D 93 -20.24 -2.49 -16.88
C ASP D 93 -20.77 -3.25 -15.65
N GLY D 94 -20.18 -3.01 -14.47
CA GLY D 94 -20.69 -3.52 -13.19
C GLY D 94 -19.92 -4.72 -12.66
N LEU D 95 -19.09 -5.35 -13.51
CA LEU D 95 -18.21 -6.49 -13.12
C LEU D 95 -17.12 -5.93 -12.18
N VAL D 96 -16.56 -6.78 -11.32
CA VAL D 96 -15.52 -6.40 -10.33
C VAL D 96 -14.35 -5.67 -11.03
N CYS D 97 -13.99 -6.06 -12.26
CA CYS D 97 -12.94 -5.39 -13.06
C CYS D 97 -13.09 -5.75 -14.54
N LEU D 98 -12.25 -5.14 -15.38
CA LEU D 98 -12.13 -5.48 -16.83
C LEU D 98 -11.50 -6.88 -16.90
N LEU D 99 -12.00 -7.71 -17.80
CA LEU D 99 -11.32 -8.96 -18.22
C LEU D 99 -10.08 -8.60 -19.05
N LYS D 100 -8.88 -8.83 -18.51
CA LYS D 100 -7.59 -8.52 -19.16
C LYS D 100 -7.06 -9.77 -19.88
N LYS D 101 -6.85 -10.86 -19.13
CA LYS D 101 -6.03 -12.00 -19.61
C LYS D 101 -6.79 -13.31 -19.37
N PRO D 102 -7.18 -14.05 -20.43
CA PRO D 102 -7.69 -15.40 -20.25
C PRO D 102 -6.58 -16.28 -19.67
N PHE D 103 -6.92 -17.14 -18.71
CA PHE D 103 -6.10 -18.30 -18.30
C PHE D 103 -6.55 -19.47 -19.17
N ASN D 104 -5.69 -19.94 -20.08
CA ASN D 104 -6.02 -21.04 -21.00
C ASN D 104 -5.75 -22.37 -20.31
N ARG D 105 -6.47 -23.42 -20.73
CA ARG D 105 -6.18 -24.83 -20.35
C ARG D 105 -4.70 -25.09 -20.58
N PRO D 106 -3.93 -25.52 -19.57
CA PRO D 106 -2.54 -25.94 -19.79
C PRO D 106 -2.50 -27.06 -20.84
N GLN D 107 -1.34 -27.27 -21.46
CA GLN D 107 -1.14 -28.25 -22.58
C GLN D 107 -1.64 -29.63 -22.13
N GLY D 108 -2.45 -30.29 -22.98
CA GLY D 108 -2.97 -31.64 -22.74
C GLY D 108 -4.28 -31.67 -21.95
N VAL D 109 -4.61 -30.60 -21.21
CA VAL D 109 -5.81 -30.53 -20.34
C VAL D 109 -7.04 -30.23 -21.21
N GLN D 110 -8.03 -31.12 -21.18
CA GLN D 110 -9.31 -31.00 -21.92
C GLN D 110 -10.38 -30.40 -21.02
N PRO D 111 -11.49 -29.88 -21.58
CA PRO D 111 -12.68 -29.60 -20.79
C PRO D 111 -13.12 -30.87 -20.04
N LYS D 112 -13.35 -30.79 -18.74
CA LYS D 112 -13.91 -31.91 -17.96
C LYS D 112 -15.40 -32.07 -18.33
N THR D 113 -15.85 -33.31 -18.50
CA THR D 113 -17.26 -33.70 -18.74
C THR D 113 -17.72 -34.55 -17.56
N GLY D 114 -19.01 -34.51 -17.21
CA GLY D 114 -19.57 -35.32 -16.12
C GLY D 114 -20.27 -36.57 -16.61
N PRO D 115 -20.87 -37.36 -15.67
CA PRO D 115 -21.69 -38.52 -15.99
C PRO D 115 -22.83 -38.24 -16.97
N PHE D 116 -23.58 -37.15 -16.77
CA PHE D 116 -24.72 -36.78 -17.64
C PHE D 116 -24.23 -36.55 -19.08
N GLU D 117 -23.13 -35.83 -19.23
CA GLU D 117 -22.57 -35.47 -20.57
C GLU D 117 -22.27 -36.75 -21.36
N ASP D 118 -21.93 -37.85 -20.68
CA ASP D 118 -21.58 -39.16 -21.29
C ASP D 118 -22.85 -39.91 -21.74
N LEU D 119 -24.03 -39.62 -21.17
CA LEU D 119 -25.33 -40.26 -21.53
C LEU D 119 -26.07 -39.44 -22.60
N LYS D 120 -25.81 -38.13 -22.62
CA LYS D 120 -26.66 -37.08 -23.23
C LYS D 120 -27.03 -37.44 -24.68
N GLU D 121 -26.06 -37.77 -25.51
CA GLU D 121 -26.21 -37.97 -26.98
C GLU D 121 -27.16 -39.13 -27.25
N ASN D 122 -26.99 -40.24 -26.54
CA ASN D 122 -27.88 -41.42 -26.71
C ASN D 122 -29.30 -41.06 -26.24
N LEU D 123 -29.44 -40.31 -25.14
CA LEU D 123 -30.78 -39.99 -24.59
C LEU D 123 -31.51 -39.06 -25.56
N ILE D 124 -30.84 -38.06 -26.14
CA ILE D 124 -31.43 -37.12 -27.14
C ILE D 124 -31.90 -37.93 -28.34
N ARG D 125 -31.05 -38.83 -28.86
CA ARG D 125 -31.39 -39.67 -30.03
C ARG D 125 -32.70 -40.43 -29.75
N GLU D 126 -32.76 -41.15 -28.62
CA GLU D 126 -33.91 -42.03 -28.30
C GLU D 126 -35.17 -41.19 -28.08
N TYR D 127 -35.04 -40.02 -27.48
CA TYR D 127 -36.18 -39.08 -27.24
C TYR D 127 -36.76 -38.63 -28.58
N VAL D 128 -35.93 -38.19 -29.53
CA VAL D 128 -36.42 -37.66 -30.84
C VAL D 128 -37.10 -38.80 -31.60
N LYS D 129 -36.55 -40.02 -31.54
CA LYS D 129 -37.12 -41.21 -32.23
C LYS D 129 -38.53 -41.52 -31.69
N GLN D 130 -38.67 -41.55 -30.36
CA GLN D 130 -39.91 -42.02 -29.68
C GLN D 130 -40.96 -40.90 -29.68
N THR D 131 -40.59 -39.74 -29.17
CA THR D 131 -41.50 -38.61 -28.83
C THR D 131 -41.88 -37.83 -30.09
N TRP D 132 -40.92 -37.59 -30.99
CA TRP D 132 -41.18 -36.78 -32.20
C TRP D 132 -41.45 -37.71 -33.39
N ASN D 133 -41.29 -39.03 -33.22
CA ASN D 133 -41.56 -40.05 -34.25
C ASN D 133 -40.87 -39.67 -35.57
N LEU D 134 -39.56 -39.40 -35.50
CA LEU D 134 -38.70 -39.10 -36.68
C LEU D 134 -37.75 -40.27 -36.90
N GLN D 135 -37.38 -40.48 -38.17
CA GLN D 135 -36.39 -41.50 -38.58
C GLN D 135 -35.46 -40.88 -39.61
N GLY D 136 -34.38 -41.60 -39.94
CA GLY D 136 -33.43 -41.24 -41.00
C GLY D 136 -32.97 -39.80 -40.92
N GLN D 137 -33.11 -39.07 -42.02
CA GLN D 137 -32.48 -37.73 -42.23
C GLN D 137 -33.26 -36.70 -41.39
N ALA D 138 -34.58 -36.88 -41.28
CA ALA D 138 -35.47 -36.06 -40.43
C ALA D 138 -34.94 -36.11 -38.99
N LEU D 139 -34.68 -37.31 -38.48
CA LEU D 139 -34.13 -37.55 -37.12
C LEU D 139 -32.81 -36.78 -36.95
N GLU D 140 -31.87 -36.90 -37.91
CA GLU D 140 -30.54 -36.25 -37.82
C GLU D 140 -30.72 -34.73 -37.83
N GLN D 141 -31.63 -34.25 -38.69
CA GLN D 141 -31.84 -32.80 -38.88
C GLN D 141 -32.45 -32.22 -37.61
N ALA D 142 -33.41 -32.92 -37.02
CA ALA D 142 -34.07 -32.55 -35.74
C ALA D 142 -33.00 -32.42 -34.66
N ILE D 143 -32.18 -33.47 -34.46
CA ILE D 143 -31.13 -33.50 -33.39
C ILE D 143 -30.29 -32.23 -33.51
N ILE D 144 -29.74 -31.99 -34.71
CA ILE D 144 -28.86 -30.82 -35.01
C ILE D 144 -29.66 -29.52 -34.79
N SER D 145 -30.86 -29.45 -35.37
CA SER D 145 -31.61 -28.17 -35.54
C SER D 145 -31.98 -27.60 -34.16
N GLN D 146 -32.37 -28.45 -33.20
CA GLN D 146 -32.85 -28.01 -31.86
C GLN D 146 -32.03 -28.72 -30.77
N LYS D 147 -30.73 -28.95 -31.00
CA LYS D 147 -29.81 -29.50 -29.96
C LYS D 147 -30.04 -28.83 -28.60
N PRO D 148 -29.94 -27.48 -28.47
CA PRO D 148 -30.11 -26.85 -27.16
C PRO D 148 -31.44 -27.15 -26.42
N GLN D 149 -32.57 -27.18 -27.14
CA GLN D 149 -33.91 -27.47 -26.53
C GLN D 149 -33.95 -28.94 -26.11
N LEU D 150 -33.42 -29.85 -26.94
CA LEU D 150 -33.40 -31.30 -26.68
C LEU D 150 -32.53 -31.59 -25.45
N GLU D 151 -31.37 -30.94 -25.36
CA GLU D 151 -30.43 -31.05 -24.21
C GLU D 151 -31.18 -30.70 -22.93
N LYS D 152 -31.92 -29.58 -22.93
CA LYS D 152 -32.73 -29.11 -21.79
C LYS D 152 -33.80 -30.15 -21.42
N LEU D 153 -34.55 -30.63 -22.40
CA LEU D 153 -35.66 -31.59 -22.14
C LEU D 153 -35.09 -32.88 -21.49
N ILE D 154 -34.05 -33.44 -22.10
CA ILE D 154 -33.46 -34.75 -21.69
C ILE D 154 -32.75 -34.61 -20.34
N ALA D 155 -32.21 -33.42 -20.00
CA ALA D 155 -31.52 -33.18 -18.73
C ALA D 155 -32.49 -33.28 -17.55
N THR D 156 -33.74 -32.84 -17.69
CA THR D 156 -34.80 -32.92 -16.66
C THR D 156 -35.28 -34.35 -16.35
N THR D 157 -35.01 -35.32 -17.23
CA THR D 157 -35.50 -36.73 -17.13
C THR D 157 -34.34 -37.73 -17.05
N ALA D 158 -33.09 -37.30 -17.29
CA ALA D 158 -31.91 -38.18 -17.41
C ALA D 158 -31.68 -38.97 -16.11
N HIS D 159 -32.08 -38.42 -14.95
CA HIS D 159 -31.90 -39.06 -13.62
C HIS D 159 -32.61 -40.41 -13.57
N GLU D 160 -33.70 -40.57 -14.31
CA GLU D 160 -34.60 -41.75 -14.26
C GLU D 160 -33.83 -43.04 -14.56
N LYS D 161 -32.78 -42.98 -15.38
CA LYS D 161 -32.00 -44.18 -15.79
C LYS D 161 -30.65 -44.27 -15.06
N MET D 162 -30.33 -43.32 -14.18
CA MET D 162 -29.02 -43.31 -13.47
C MET D 162 -29.11 -44.25 -12.27
N PRO D 163 -28.01 -44.92 -11.90
CA PRO D 163 -28.06 -46.04 -10.96
C PRO D 163 -28.54 -45.70 -9.54
N TRP D 164 -28.43 -44.42 -9.13
CA TRP D 164 -28.73 -44.00 -7.74
C TRP D 164 -30.21 -43.64 -7.58
N PHE D 165 -30.97 -43.59 -8.68
CA PHE D 165 -32.41 -43.19 -8.62
C PHE D 165 -33.28 -44.46 -8.56
N HIS D 166 -34.08 -44.59 -7.50
CA HIS D 166 -34.87 -45.81 -7.16
C HIS D 166 -36.37 -45.53 -7.29
N GLY D 167 -36.77 -44.38 -7.88
CA GLY D 167 -38.17 -44.03 -8.17
C GLY D 167 -38.98 -43.88 -6.90
N LYS D 168 -40.28 -44.20 -6.95
CA LYS D 168 -41.21 -44.01 -5.80
C LYS D 168 -41.14 -45.27 -4.92
N ILE D 169 -40.27 -45.26 -3.92
CA ILE D 169 -40.16 -46.26 -2.84
C ILE D 169 -40.33 -45.52 -1.51
N SER D 170 -40.73 -46.25 -0.47
CA SER D 170 -41.07 -45.71 0.88
C SER D 170 -39.77 -45.37 1.63
N ARG D 171 -39.87 -44.55 2.67
CA ARG D 171 -38.76 -44.36 3.64
C ARG D 171 -38.24 -45.73 4.08
N GLU D 172 -39.16 -46.57 4.57
CA GLU D 172 -38.84 -47.90 5.17
C GLU D 172 -38.13 -48.76 4.13
N GLU D 173 -38.63 -48.80 2.90
CA GLU D 173 -38.02 -49.59 1.79
C GLU D 173 -36.59 -49.11 1.55
N SER D 174 -36.38 -47.79 1.55
CA SER D 174 -35.06 -47.18 1.23
C SER D 174 -34.05 -47.59 2.31
N GLU D 175 -34.45 -47.61 3.58
CA GLU D 175 -33.58 -48.07 4.70
C GLU D 175 -33.15 -49.51 4.47
N GLN D 176 -34.11 -50.37 4.13
CA GLN D 176 -33.87 -51.83 3.92
C GLN D 176 -32.86 -52.01 2.80
N ILE D 177 -33.05 -51.34 1.65
CA ILE D 177 -32.21 -51.54 0.44
C ILE D 177 -30.80 -51.00 0.72
N VAL D 178 -30.68 -49.90 1.46
CA VAL D 178 -29.36 -49.26 1.76
C VAL D 178 -28.59 -50.15 2.76
N LEU D 179 -29.29 -50.82 3.70
CA LEU D 179 -28.65 -51.60 4.79
C LEU D 179 -28.29 -53.02 4.33
N ILE D 180 -28.77 -53.44 3.18
CA ILE D 180 -28.42 -54.76 2.57
C ILE D 180 -27.05 -54.61 1.91
N GLY D 181 -26.21 -55.61 2.07
CA GLY D 181 -24.94 -55.69 1.30
C GLY D 181 -23.83 -54.93 1.97
N SER D 182 -22.78 -54.63 1.23
CA SER D 182 -21.57 -53.91 1.71
C SER D 182 -22.00 -52.58 2.32
N LYS D 183 -21.62 -52.30 3.56
CA LYS D 183 -22.04 -51.08 4.29
C LYS D 183 -21.00 -49.97 4.10
N THR D 184 -20.60 -49.74 2.85
CA THR D 184 -19.72 -48.61 2.44
C THR D 184 -20.33 -47.29 2.92
N ASN D 185 -19.62 -46.54 3.77
CA ASN D 185 -20.00 -45.16 4.14
C ASN D 185 -20.18 -44.29 2.88
N GLY D 186 -21.27 -43.55 2.81
CA GLY D 186 -21.59 -42.68 1.66
C GLY D 186 -22.46 -43.39 0.64
N LYS D 187 -22.68 -44.71 0.78
CA LYS D 187 -23.66 -45.44 -0.05
C LYS D 187 -24.97 -44.66 0.00
N PHE D 188 -25.61 -44.42 -1.14
CA PHE D 188 -26.74 -43.47 -1.20
C PHE D 188 -27.71 -43.87 -2.28
N LEU D 189 -28.95 -43.40 -2.14
CA LEU D 189 -29.92 -43.37 -3.26
C LEU D 189 -30.79 -42.13 -3.11
N ILE D 190 -31.49 -41.79 -4.19
CA ILE D 190 -32.54 -40.76 -4.18
C ILE D 190 -33.88 -41.43 -4.52
N ARG D 191 -34.93 -41.06 -3.78
CA ARG D 191 -36.29 -41.59 -4.01
C ARG D 191 -37.28 -40.43 -4.17
N ALA D 192 -38.33 -40.64 -4.97
CA ALA D 192 -39.48 -39.72 -5.12
C ALA D 192 -40.38 -39.84 -3.89
N ARG D 193 -40.96 -38.74 -3.42
CA ARG D 193 -42.04 -38.69 -2.40
C ARG D 193 -43.36 -38.32 -3.09
N ASP D 194 -44.41 -38.00 -2.31
CA ASP D 194 -45.79 -37.74 -2.81
C ASP D 194 -45.78 -36.64 -3.89
N ASN D 195 -45.53 -35.39 -3.47
CA ASN D 195 -45.55 -34.16 -4.31
C ASN D 195 -44.57 -34.37 -5.48
N ASN D 196 -45.03 -34.15 -6.72
CA ASN D 196 -44.35 -34.61 -7.96
C ASN D 196 -43.18 -33.67 -8.34
N GLY D 197 -42.58 -33.00 -7.35
CA GLY D 197 -41.22 -32.45 -7.45
C GLY D 197 -40.44 -32.62 -6.15
N SER D 198 -40.95 -33.40 -5.19
CA SER D 198 -40.28 -33.66 -3.88
C SER D 198 -39.55 -35.01 -3.93
N TYR D 199 -38.38 -35.06 -3.29
CA TYR D 199 -37.50 -36.25 -3.25
C TYR D 199 -36.85 -36.34 -1.87
N ALA D 200 -36.17 -37.45 -1.62
CA ALA D 200 -35.32 -37.64 -0.43
C ALA D 200 -34.01 -38.27 -0.85
N LEU D 201 -32.92 -37.80 -0.23
CA LEU D 201 -31.56 -38.36 -0.35
C LEU D 201 -31.36 -39.28 0.85
N CYS D 202 -31.02 -40.54 0.59
CA CYS D 202 -30.83 -41.57 1.65
C CYS D 202 -29.37 -41.98 1.62
N LEU D 203 -28.68 -41.84 2.75
CA LEU D 203 -27.20 -41.81 2.85
C LEU D 203 -26.79 -42.68 4.04
N LEU D 204 -25.88 -43.64 3.83
CA LEU D 204 -25.35 -44.53 4.89
C LEU D 204 -24.20 -43.81 5.60
N HIS D 205 -24.35 -43.58 6.92
CA HIS D 205 -23.35 -42.92 7.80
C HIS D 205 -23.16 -43.77 9.06
N GLU D 206 -22.00 -44.44 9.19
CA GLU D 206 -21.63 -45.29 10.37
C GLU D 206 -22.80 -46.22 10.70
N GLY D 207 -23.22 -47.03 9.73
CA GLY D 207 -24.29 -48.04 9.87
C GLY D 207 -25.69 -47.47 10.01
N LYS D 208 -25.87 -46.15 10.07
CA LYS D 208 -27.21 -45.51 10.19
C LYS D 208 -27.64 -44.90 8.84
N VAL D 209 -28.94 -44.94 8.53
CA VAL D 209 -29.46 -44.34 7.27
C VAL D 209 -29.97 -42.92 7.56
N LEU D 210 -29.33 -41.93 6.95
CA LEU D 210 -29.74 -40.50 7.01
C LEU D 210 -30.73 -40.23 5.88
N HIS D 211 -31.79 -39.48 6.16
CA HIS D 211 -32.76 -39.00 5.16
C HIS D 211 -32.71 -37.48 5.14
N TYR D 212 -32.38 -36.92 3.98
CA TYR D 212 -32.44 -35.46 3.71
C TYR D 212 -33.54 -35.23 2.69
N ARG D 213 -34.37 -34.22 2.94
CA ARG D 213 -35.48 -33.80 2.04
C ARG D 213 -34.88 -33.03 0.87
N ILE D 214 -35.38 -33.28 -0.34
CA ILE D 214 -35.12 -32.45 -1.54
C ILE D 214 -36.45 -31.88 -2.05
N ASP D 215 -36.58 -30.55 -2.02
CA ASP D 215 -37.81 -29.79 -2.36
C ASP D 215 -37.61 -29.03 -3.67
N LYS D 216 -38.65 -28.99 -4.48
CA LYS D 216 -38.79 -28.10 -5.66
C LYS D 216 -39.38 -26.76 -5.17
N ASP D 217 -38.69 -25.65 -5.38
CA ASP D 217 -39.20 -24.28 -5.07
C ASP D 217 -40.01 -23.79 -6.27
N LYS D 218 -40.47 -22.53 -6.25
CA LYS D 218 -41.38 -21.97 -7.27
C LYS D 218 -40.68 -21.88 -8.64
N THR D 219 -39.36 -21.67 -8.69
CA THR D 219 -38.54 -21.60 -9.94
C THR D 219 -38.52 -22.95 -10.66
N GLY D 220 -38.74 -24.06 -9.95
CA GLY D 220 -38.44 -25.43 -10.41
C GLY D 220 -37.09 -25.93 -9.89
N LYS D 221 -36.46 -25.18 -8.97
CA LYS D 221 -35.10 -25.48 -8.46
C LYS D 221 -35.18 -26.44 -7.25
N LEU D 222 -34.32 -27.45 -7.29
CA LEU D 222 -34.21 -28.54 -6.28
C LEU D 222 -33.14 -28.17 -5.27
N SER D 223 -33.44 -28.33 -3.99
CA SER D 223 -32.48 -28.16 -2.88
C SER D 223 -32.93 -28.95 -1.66
N ILE D 224 -31.94 -29.38 -0.89
CA ILE D 224 -32.06 -29.67 0.55
C ILE D 224 -32.25 -28.31 1.23
N PRO D 225 -33.16 -28.18 2.22
CA PRO D 225 -33.33 -26.92 2.93
C PRO D 225 -31.98 -26.33 3.36
N GLU D 226 -31.77 -25.02 3.09
CA GLU D 226 -30.55 -24.23 3.42
C GLU D 226 -29.40 -24.59 2.48
N GLY D 227 -29.65 -25.42 1.47
CA GLY D 227 -28.59 -25.96 0.60
C GLY D 227 -28.54 -25.26 -0.74
N LYS D 228 -27.47 -25.49 -1.51
CA LYS D 228 -27.34 -24.98 -2.89
C LYS D 228 -28.55 -25.46 -3.70
N LYS D 229 -29.01 -24.63 -4.63
CA LYS D 229 -30.15 -24.92 -5.55
C LYS D 229 -29.62 -25.39 -6.91
N PHE D 230 -30.29 -26.36 -7.50
CA PHE D 230 -29.89 -27.03 -8.75
C PHE D 230 -31.09 -27.14 -9.69
N ASP D 231 -30.85 -27.16 -10.99
CA ASP D 231 -31.91 -27.43 -11.99
C ASP D 231 -32.26 -28.91 -12.04
N THR D 232 -31.31 -29.81 -11.72
CA THR D 232 -31.53 -31.29 -11.88
C THR D 232 -30.95 -32.05 -10.69
N LEU D 233 -31.48 -33.25 -10.47
CA LEU D 233 -31.00 -34.20 -9.43
C LEU D 233 -29.58 -34.66 -9.77
N TRP D 234 -29.24 -34.83 -11.06
CA TRP D 234 -27.87 -35.30 -11.40
C TRP D 234 -26.85 -34.21 -11.05
N GLN D 235 -27.21 -32.93 -11.13
CA GLN D 235 -26.32 -31.82 -10.69
C GLN D 235 -26.13 -31.93 -9.17
N LEU D 236 -27.22 -32.18 -8.45
CA LEU D 236 -27.23 -32.28 -6.96
C LEU D 236 -26.30 -33.43 -6.51
N VAL D 237 -26.43 -34.60 -7.12
CA VAL D 237 -25.58 -35.78 -6.80
C VAL D 237 -24.11 -35.48 -7.13
N GLU D 238 -23.81 -34.87 -8.28
CA GLU D 238 -22.39 -34.52 -8.61
C GLU D 238 -21.84 -33.59 -7.52
N HIS D 239 -22.60 -32.59 -7.09
CA HIS D 239 -22.14 -31.60 -6.09
C HIS D 239 -21.80 -32.33 -4.78
N TYR D 240 -22.75 -33.10 -4.23
CA TYR D 240 -22.62 -33.72 -2.89
C TYR D 240 -21.72 -34.96 -2.97
N SER D 241 -21.37 -35.42 -4.16
CA SER D 241 -20.29 -36.43 -4.36
C SER D 241 -18.90 -35.77 -4.32
N TYR D 242 -18.79 -34.45 -4.55
CA TYR D 242 -17.51 -33.71 -4.58
C TYR D 242 -17.17 -33.24 -3.16
N LYS D 243 -18.13 -32.68 -2.44
CA LYS D 243 -17.93 -32.25 -1.04
C LYS D 243 -19.26 -32.36 -0.28
N ALA D 244 -19.16 -32.45 1.04
CA ALA D 244 -20.30 -32.75 1.95
C ALA D 244 -21.23 -31.54 1.97
N ASP D 245 -20.64 -30.34 2.09
CA ASP D 245 -21.37 -29.05 2.00
C ASP D 245 -22.64 -29.12 2.87
N GLY D 246 -22.51 -29.59 4.12
CA GLY D 246 -23.62 -29.65 5.09
C GLY D 246 -24.09 -31.07 5.39
N LEU D 247 -23.93 -32.01 4.46
CA LEU D 247 -24.21 -33.44 4.72
C LEU D 247 -23.20 -33.92 5.76
N LEU D 248 -23.51 -34.99 6.51
CA LEU D 248 -22.55 -35.55 7.50
C LEU D 248 -21.36 -36.16 6.76
N ARG D 249 -21.52 -36.50 5.49
CA ARG D 249 -20.39 -37.00 4.66
C ARG D 249 -20.80 -36.90 3.20
N VAL D 250 -19.80 -37.09 2.34
CA VAL D 250 -19.95 -37.01 0.87
C VAL D 250 -20.63 -38.29 0.39
N LEU D 251 -21.39 -38.21 -0.69
CA LEU D 251 -21.95 -39.38 -1.38
C LEU D 251 -20.80 -40.15 -2.02
N THR D 252 -20.82 -41.48 -1.97
CA THR D 252 -19.83 -42.36 -2.61
C THR D 252 -20.54 -43.28 -3.61
N VAL D 253 -20.86 -44.52 -3.23
CA VAL D 253 -21.33 -45.57 -4.20
C VAL D 253 -22.84 -45.52 -4.31
N PRO D 254 -23.40 -45.52 -5.52
CA PRO D 254 -24.84 -45.65 -5.67
C PRO D 254 -25.28 -46.99 -5.10
N CYS D 255 -26.39 -46.99 -4.36
CA CYS D 255 -27.08 -48.22 -3.91
C CYS D 255 -27.65 -48.93 -5.14
N GLN D 256 -27.19 -50.14 -5.44
CA GLN D 256 -27.64 -50.93 -6.63
C GLN D 256 -29.15 -51.17 -6.55
N LYS D 257 -29.85 -51.09 -7.69
CA LYS D 257 -31.31 -51.40 -7.77
C LYS D 257 -31.50 -52.92 -7.64
N ILE D 258 -32.66 -53.34 -7.14
CA ILE D 258 -33.04 -54.79 -7.01
C ILE D 258 -33.14 -55.39 -8.41
N GLY D 259 -32.00 -55.89 -8.94
CA GLY D 259 -31.89 -56.35 -10.34
C GLY D 259 -30.62 -57.13 -10.58
N SER E 5 29.25 -35.97 7.04
CA SER E 5 28.98 -36.67 5.71
C SER E 5 29.21 -38.21 5.80
N ALA E 6 28.25 -38.90 6.42
CA ALA E 6 28.32 -40.32 6.84
C ALA E 6 27.63 -41.26 5.83
N ASN E 7 27.44 -40.82 4.58
CA ASN E 7 26.77 -41.61 3.50
C ASN E 7 27.53 -42.90 3.21
N HIS E 8 28.84 -42.90 3.45
CA HIS E 8 29.76 -44.04 3.17
C HIS E 8 29.52 -45.19 4.16
N LEU E 9 28.90 -44.93 5.32
CA LEU E 9 28.64 -45.98 6.34
C LEU E 9 27.49 -46.87 5.88
N PRO E 10 27.65 -48.21 5.88
CA PRO E 10 26.58 -49.10 5.44
C PRO E 10 25.37 -49.20 6.38
N PHE E 11 25.51 -48.69 7.62
CA PHE E 11 24.46 -48.75 8.68
C PHE E 11 23.88 -47.34 8.92
N PHE E 12 24.16 -46.38 8.03
CA PHE E 12 23.57 -45.01 8.04
C PHE E 12 22.35 -44.97 7.11
N PHE E 13 21.18 -44.61 7.64
CA PHE E 13 19.89 -44.69 6.91
C PHE E 13 19.45 -43.31 6.45
N GLY E 14 20.23 -42.27 6.71
CA GLY E 14 19.89 -40.87 6.37
C GLY E 14 18.64 -40.42 7.11
N ASN E 15 17.79 -39.67 6.42
CA ASN E 15 16.62 -38.97 6.99
C ASN E 15 15.41 -39.91 7.16
N ILE E 16 15.54 -40.97 7.95
CA ILE E 16 14.40 -41.83 8.38
C ILE E 16 13.96 -41.33 9.75
N THR E 17 12.74 -41.68 10.15
CA THR E 17 12.14 -41.23 11.44
C THR E 17 12.54 -42.20 12.55
N ARG E 18 12.36 -41.77 13.79
CA ARG E 18 12.54 -42.66 14.96
C ARG E 18 11.75 -43.96 14.69
N GLU E 19 10.51 -43.84 14.22
CA GLU E 19 9.57 -44.98 14.08
C GLU E 19 10.11 -45.92 12.99
N GLU E 20 10.60 -45.38 11.87
CA GLU E 20 11.21 -46.20 10.80
C GLU E 20 12.45 -46.89 11.35
N ALA E 21 13.28 -46.19 12.15
CA ALA E 21 14.50 -46.79 12.76
C ALA E 21 14.08 -47.96 13.64
N GLU E 22 13.02 -47.79 14.43
CA GLU E 22 12.53 -48.87 15.32
C GLU E 22 11.99 -50.04 14.48
N ASP E 23 11.32 -49.79 13.35
CA ASP E 23 10.83 -50.87 12.43
C ASP E 23 12.03 -51.65 11.92
N TYR E 24 13.11 -50.96 11.57
CA TYR E 24 14.34 -51.59 11.02
C TYR E 24 15.01 -52.43 12.10
N LEU E 25 15.08 -51.95 13.36
CA LEU E 25 15.67 -52.75 14.47
C LEU E 25 14.84 -54.01 14.70
N VAL E 26 13.50 -53.91 14.65
CA VAL E 26 12.59 -55.09 14.78
C VAL E 26 12.92 -56.07 13.64
N GLN E 27 12.99 -55.58 12.39
CA GLN E 27 13.31 -56.38 11.19
C GLN E 27 14.67 -57.06 11.34
N GLY E 28 15.62 -56.41 12.02
CA GLY E 28 16.99 -56.93 12.22
C GLY E 28 17.10 -57.89 13.41
N GLY E 29 16.01 -58.12 14.15
CA GLY E 29 15.94 -59.14 15.21
C GLY E 29 15.80 -58.55 16.60
N MET E 30 16.02 -57.24 16.76
CA MET E 30 15.90 -56.54 18.07
C MET E 30 16.83 -57.18 19.11
N SER E 31 18.00 -57.68 18.65
CA SER E 31 19.04 -58.30 19.50
C SER E 31 19.78 -57.21 20.28
N ASP E 32 20.17 -57.51 21.52
CA ASP E 32 20.99 -56.61 22.38
C ASP E 32 22.22 -56.15 21.58
N GLY E 33 22.46 -54.84 21.56
CA GLY E 33 23.60 -54.23 20.87
C GLY E 33 23.38 -54.09 19.36
N LEU E 34 22.23 -54.47 18.81
CA LEU E 34 21.89 -54.14 17.40
C LEU E 34 21.69 -52.62 17.32
N TYR E 35 22.24 -51.96 16.29
CA TYR E 35 22.25 -50.49 16.23
C TYR E 35 22.31 -50.00 14.79
N LEU E 36 21.84 -48.77 14.57
CA LEU E 36 21.95 -48.07 13.26
C LEU E 36 22.12 -46.60 13.53
N LEU E 37 22.49 -45.87 12.49
CA LEU E 37 22.72 -44.41 12.52
C LEU E 37 21.73 -43.76 11.57
N ARG E 38 21.28 -42.56 11.90
CA ARG E 38 20.34 -41.78 11.05
C ARG E 38 20.69 -40.32 11.21
N GLN E 39 20.26 -39.50 10.25
CA GLN E 39 20.46 -38.03 10.29
C GLN E 39 19.52 -37.47 11.36
N SER E 40 20.01 -36.60 12.24
CA SER E 40 19.13 -35.91 13.21
C SER E 40 18.11 -35.10 12.41
N ARG E 41 16.86 -35.13 12.86
CA ARG E 41 15.75 -34.40 12.20
C ARG E 41 15.55 -33.03 12.86
N ASN E 42 16.22 -32.75 13.98
CA ASN E 42 16.05 -31.46 14.69
C ASN E 42 17.37 -30.77 15.09
N TYR E 43 18.53 -31.41 14.91
CA TYR E 43 19.85 -30.76 15.14
C TYR E 43 20.65 -30.73 13.84
N LEU E 44 20.90 -29.53 13.33
CA LEU E 44 21.63 -29.30 12.06
C LEU E 44 23.02 -29.97 12.15
N GLY E 45 23.39 -30.74 11.12
CA GLY E 45 24.66 -31.49 11.05
C GLY E 45 24.73 -32.62 12.05
N GLY E 46 23.65 -32.86 12.80
CA GLY E 46 23.60 -33.91 13.82
C GLY E 46 23.25 -35.27 13.24
N PHE E 47 23.40 -36.30 14.07
CA PHE E 47 23.01 -37.70 13.80
C PHE E 47 22.24 -38.19 15.01
N ALA E 48 21.60 -39.34 14.86
CA ALA E 48 21.00 -40.10 15.97
C ALA E 48 21.50 -41.52 15.87
N LEU E 49 21.77 -42.10 17.03
CA LEU E 49 22.12 -43.52 17.22
C LEU E 49 20.90 -44.18 17.80
N SER E 50 20.44 -45.27 17.18
CA SER E 50 19.31 -46.07 17.67
C SER E 50 19.83 -47.47 17.98
N VAL E 51 19.61 -47.95 19.22
CA VAL E 51 20.19 -49.21 19.75
C VAL E 51 19.07 -50.08 20.34
N ALA E 52 19.08 -51.37 20.06
CA ALA E 52 18.20 -52.37 20.71
C ALA E 52 18.87 -52.89 21.98
N HIS E 53 18.17 -52.83 23.11
CA HIS E 53 18.55 -53.51 24.38
C HIS E 53 17.30 -53.78 25.20
N GLY E 54 17.18 -54.99 25.74
CA GLY E 54 16.05 -55.42 26.60
C GLY E 54 14.74 -55.36 25.83
N ARG E 55 14.79 -55.69 24.52
CA ARG E 55 13.63 -55.73 23.58
C ARG E 55 13.05 -54.32 23.36
N LYS E 56 13.75 -53.25 23.79
CA LYS E 56 13.30 -51.84 23.60
C LYS E 56 14.29 -51.13 22.67
N ALA E 57 13.88 -49.96 22.15
CA ALA E 57 14.71 -49.07 21.34
C ALA E 57 15.19 -47.93 22.23
N HIS E 58 16.47 -47.56 22.08
CA HIS E 58 17.10 -46.42 22.78
C HIS E 58 17.71 -45.50 21.72
N HIS E 59 17.43 -44.21 21.81
CA HIS E 59 17.79 -43.19 20.81
C HIS E 59 18.63 -42.09 21.47
N TYR E 60 19.78 -41.77 20.87
CA TYR E 60 20.73 -40.74 21.35
C TYR E 60 20.99 -39.78 20.20
N THR E 61 20.83 -38.50 20.44
CA THR E 61 21.25 -37.42 19.52
C THR E 61 22.77 -37.26 19.61
N ILE E 62 23.44 -37.33 18.46
CA ILE E 62 24.89 -37.00 18.29
C ILE E 62 24.98 -35.61 17.67
N GLU E 63 25.29 -34.58 18.46
CA GLU E 63 25.43 -33.19 17.97
C GLU E 63 26.83 -33.00 17.36
N ARG E 64 26.92 -32.15 16.35
CA ARG E 64 28.19 -31.60 15.82
C ARG E 64 28.56 -30.41 16.71
N GLU E 65 29.67 -30.51 17.43
CA GLU E 65 30.18 -29.45 18.33
C GLU E 65 30.73 -28.30 17.47
N LEU E 66 30.92 -27.13 18.06
CA LEU E 66 31.50 -25.92 17.39
C LEU E 66 32.80 -26.26 16.66
N ASN E 67 33.64 -27.14 17.22
CA ASN E 67 34.99 -27.47 16.65
C ASN E 67 34.91 -28.63 15.64
N GLY E 68 33.71 -29.11 15.30
CA GLY E 68 33.51 -30.12 14.24
C GLY E 68 33.70 -31.54 14.74
N THR E 69 33.76 -31.73 16.06
CA THR E 69 33.72 -33.06 16.71
C THR E 69 32.24 -33.40 16.95
N TYR E 70 31.98 -34.62 17.41
CA TYR E 70 30.61 -35.18 17.60
C TYR E 70 30.47 -35.70 19.02
N ALA E 71 29.37 -35.38 19.71
CA ALA E 71 29.11 -35.87 21.07
C ALA E 71 27.60 -35.99 21.33
N ILE E 72 27.24 -37.07 22.02
CA ILE E 72 26.02 -37.18 22.84
C ILE E 72 26.17 -36.27 24.06
N ALA E 73 25.13 -35.51 24.41
CA ALA E 73 25.12 -34.59 25.58
C ALA E 73 25.66 -35.34 26.80
N GLY E 74 26.72 -34.77 27.42
CA GLY E 74 27.35 -35.28 28.67
C GLY E 74 28.48 -36.27 28.42
N GLY E 75 28.86 -36.47 27.15
CA GLY E 75 29.78 -37.55 26.71
C GLY E 75 31.01 -36.95 26.10
N ARG E 76 32.03 -37.76 25.85
CA ARG E 76 33.29 -37.28 25.22
C ARG E 76 33.05 -36.94 23.74
N THR E 77 33.88 -36.06 23.18
CA THR E 77 33.86 -35.72 21.73
C THR E 77 34.54 -36.85 20.95
N HIS E 78 34.12 -37.07 19.71
CA HIS E 78 34.71 -38.04 18.75
C HIS E 78 34.89 -37.32 17.43
N ALA E 79 35.76 -37.85 16.57
CA ALA E 79 36.14 -37.21 15.29
C ALA E 79 34.96 -37.24 14.32
N SER E 80 34.16 -38.31 14.43
CA SER E 80 33.12 -38.71 13.48
C SER E 80 32.09 -39.60 14.19
N PRO E 81 30.87 -39.72 13.63
CA PRO E 81 29.88 -40.69 14.11
C PRO E 81 30.37 -42.13 14.03
N ALA E 82 31.13 -42.48 12.98
CA ALA E 82 31.78 -43.80 12.86
C ALA E 82 32.67 -44.08 14.08
N ASP E 83 33.49 -43.12 14.48
CA ASP E 83 34.44 -43.27 15.64
C ASP E 83 33.62 -43.47 16.91
N LEU E 84 32.53 -42.72 17.06
CA LEU E 84 31.63 -42.82 18.25
C LEU E 84 31.07 -44.23 18.33
N CYS E 85 30.62 -44.78 17.21
CA CYS E 85 30.06 -46.16 17.13
C CYS E 85 31.18 -47.17 17.45
N HIS E 86 32.36 -46.99 16.86
CA HIS E 86 33.52 -47.89 17.09
C HIS E 86 33.88 -47.88 18.58
N TYR E 87 34.02 -46.69 19.18
CA TYR E 87 34.32 -46.49 20.61
C TYR E 87 33.32 -47.25 21.48
N HIS E 88 32.01 -47.10 21.21
CA HIS E 88 30.92 -47.67 22.05
C HIS E 88 30.76 -49.15 21.78
N SER E 89 31.43 -49.69 20.76
CA SER E 89 31.58 -51.16 20.56
C SER E 89 32.64 -51.75 21.52
N GLN E 90 33.48 -50.92 22.14
CA GLN E 90 34.56 -51.34 23.09
C GLN E 90 34.18 -51.01 24.54
N GLU E 91 33.65 -49.80 24.79
CA GLU E 91 33.28 -49.33 26.15
C GLU E 91 31.86 -48.77 26.11
N SER E 92 30.98 -49.26 26.99
CA SER E 92 29.59 -48.77 27.11
C SER E 92 29.63 -47.29 27.51
N ASP E 93 30.47 -46.93 28.49
CA ASP E 93 30.78 -45.54 28.93
C ASP E 93 29.49 -44.71 29.03
N GLY E 94 28.43 -45.28 29.63
CA GLY E 94 27.19 -44.53 29.94
C GLY E 94 26.05 -44.87 28.98
N LEU E 95 26.35 -45.51 27.85
CA LEU E 95 25.33 -45.98 26.87
C LEU E 95 24.61 -47.18 27.50
N VAL E 96 23.37 -47.44 27.08
CA VAL E 96 22.52 -48.54 27.62
C VAL E 96 23.26 -49.87 27.54
N CYS E 97 24.05 -50.10 26.49
CA CYS E 97 24.86 -51.34 26.32
C CYS E 97 25.98 -51.11 25.30
N LEU E 98 26.84 -52.11 25.15
CA LEU E 98 27.90 -52.13 24.12
C LEU E 98 27.22 -52.29 22.76
N LEU E 99 27.70 -51.54 21.76
CA LEU E 99 27.31 -51.74 20.35
C LEU E 99 27.95 -53.02 19.83
N LYS E 100 27.15 -54.06 19.58
CA LYS E 100 27.60 -55.39 19.11
C LYS E 100 27.52 -55.47 17.58
N LYS E 101 26.33 -55.26 17.01
CA LYS E 101 26.02 -55.62 15.61
C LYS E 101 25.37 -54.44 14.88
N PRO E 102 26.02 -53.83 13.87
CA PRO E 102 25.35 -52.84 13.03
C PRO E 102 24.24 -53.55 12.26
N PHE E 103 23.07 -52.90 12.16
CA PHE E 103 22.02 -53.27 11.18
C PHE E 103 22.29 -52.43 9.92
N ASN E 104 22.69 -53.07 8.83
CA ASN E 104 23.05 -52.35 7.58
C ASN E 104 21.77 -52.13 6.77
N ARG E 105 21.79 -51.10 5.92
CA ARG E 105 20.76 -50.87 4.89
C ARG E 105 20.57 -52.17 4.12
N PRO E 106 19.34 -52.73 4.05
CA PRO E 106 19.09 -53.89 3.20
C PRO E 106 19.46 -53.56 1.75
N GLN E 107 19.68 -54.59 0.92
CA GLN E 107 20.12 -54.44 -0.49
C GLN E 107 19.15 -53.50 -1.22
N GLY E 108 19.70 -52.53 -1.97
CA GLY E 108 18.95 -51.56 -2.79
C GLY E 108 18.57 -50.30 -2.02
N VAL E 109 18.52 -50.35 -0.68
CA VAL E 109 18.03 -49.24 0.18
C VAL E 109 19.15 -48.20 0.33
N GLN E 110 18.89 -46.96 -0.07
CA GLN E 110 19.82 -45.81 0.02
C GLN E 110 19.52 -45.01 1.28
N PRO E 111 20.44 -44.15 1.74
CA PRO E 111 20.11 -43.15 2.76
C PRO E 111 18.96 -42.29 2.22
N LYS E 112 17.92 -42.08 3.03
CA LYS E 112 16.81 -41.15 2.68
C LYS E 112 17.33 -39.72 2.78
N THR E 113 16.92 -38.89 1.84
CA THR E 113 17.23 -37.44 1.77
C THR E 113 15.92 -36.68 1.94
N GLY E 114 15.96 -35.52 2.60
CA GLY E 114 14.80 -34.60 2.71
C GLY E 114 14.87 -33.49 1.67
N PRO E 115 13.83 -32.64 1.56
CA PRO E 115 13.80 -31.53 0.60
C PRO E 115 15.02 -30.59 0.69
N PHE E 116 15.41 -30.18 1.89
CA PHE E 116 16.56 -29.27 2.10
C PHE E 116 17.84 -29.93 1.56
N GLU E 117 18.05 -31.20 1.90
CA GLU E 117 19.28 -31.95 1.54
CA GLU E 117 19.29 -31.94 1.55
C GLU E 117 19.46 -31.96 0.02
N ASP E 118 18.35 -31.92 -0.72
CA ASP E 118 18.34 -31.95 -2.22
C ASP E 118 18.73 -30.58 -2.80
N LEU E 119 18.51 -29.48 -2.06
CA LEU E 119 18.82 -28.09 -2.50
C LEU E 119 20.21 -27.68 -2.04
N LYS E 120 20.71 -28.27 -0.95
CA LYS E 120 21.85 -27.79 -0.12
C LYS E 120 23.06 -27.45 -1.01
N GLU E 121 23.49 -28.41 -1.84
CA GLU E 121 24.77 -28.34 -2.60
C GLU E 121 24.68 -27.19 -3.61
N ASN E 122 23.57 -27.06 -4.32
CA ASN E 122 23.37 -25.97 -5.29
C ASN E 122 23.34 -24.61 -4.57
N LEU E 123 22.70 -24.51 -3.40
CA LEU E 123 22.57 -23.21 -2.69
C LEU E 123 23.95 -22.77 -2.19
N ILE E 124 24.74 -23.70 -1.64
CA ILE E 124 26.13 -23.38 -1.17
C ILE E 124 26.96 -22.92 -2.38
N ARG E 125 26.90 -23.66 -3.48
CA ARG E 125 27.65 -23.35 -4.73
C ARG E 125 27.34 -21.91 -5.15
N GLU E 126 26.06 -21.55 -5.29
CA GLU E 126 25.66 -20.23 -5.85
C GLU E 126 26.07 -19.11 -4.88
N TYR E 127 26.00 -19.36 -3.58
CA TYR E 127 26.41 -18.38 -2.56
C TYR E 127 27.92 -18.09 -2.69
N VAL E 128 28.75 -19.13 -2.73
CA VAL E 128 30.24 -18.97 -2.78
C VAL E 128 30.63 -18.29 -4.10
N LYS E 129 29.95 -18.62 -5.21
CA LYS E 129 30.24 -18.07 -6.57
C LYS E 129 29.97 -16.56 -6.58
N GLN E 130 28.86 -16.11 -5.99
CA GLN E 130 28.51 -14.67 -5.91
C GLN E 130 29.40 -13.95 -4.87
N THR E 131 29.59 -14.54 -3.69
CA THR E 131 30.20 -13.87 -2.50
C THR E 131 31.74 -13.80 -2.61
N TRP E 132 32.41 -14.85 -3.06
CA TRP E 132 33.82 -15.13 -2.61
C TRP E 132 34.96 -14.79 -3.59
N ASN E 133 34.66 -14.49 -4.85
CA ASN E 133 35.67 -14.10 -5.88
C ASN E 133 36.83 -15.09 -5.93
N LEU E 134 36.57 -16.40 -5.92
CA LEU E 134 37.57 -17.49 -6.09
C LEU E 134 37.23 -18.21 -7.40
N GLN E 135 38.18 -18.95 -7.98
CA GLN E 135 38.10 -19.30 -9.42
C GLN E 135 37.85 -20.80 -9.61
N GLY E 136 38.86 -21.65 -9.41
CA GLY E 136 38.91 -23.03 -9.94
C GLY E 136 39.04 -24.02 -8.81
N GLN E 137 40.25 -24.56 -8.58
CA GLN E 137 40.54 -25.48 -7.46
C GLN E 137 40.52 -24.70 -6.14
N ALA E 138 40.91 -23.42 -6.16
CA ALA E 138 40.79 -22.47 -5.02
C ALA E 138 39.34 -22.46 -4.53
N LEU E 139 38.40 -22.25 -5.45
CA LEU E 139 36.93 -22.26 -5.19
C LEU E 139 36.52 -23.59 -4.54
N GLU E 140 36.93 -24.73 -5.11
CA GLU E 140 36.57 -26.08 -4.60
C GLU E 140 37.15 -26.26 -3.19
N GLN E 141 38.40 -25.82 -2.99
CA GLN E 141 39.13 -25.99 -1.71
C GLN E 141 38.44 -25.15 -0.63
N ALA E 142 38.05 -23.92 -0.97
CA ALA E 142 37.29 -23.02 -0.08
C ALA E 142 35.98 -23.70 0.35
N ILE E 143 35.17 -24.18 -0.61
CA ILE E 143 33.86 -24.84 -0.35
C ILE E 143 34.09 -25.95 0.69
N ILE E 144 35.02 -26.86 0.41
CA ILE E 144 35.37 -28.02 1.30
C ILE E 144 35.88 -27.49 2.65
N SER E 145 36.79 -26.51 2.62
CA SER E 145 37.47 -25.97 3.82
C SER E 145 36.46 -25.45 4.86
N GLN E 146 35.39 -24.77 4.43
CA GLN E 146 34.38 -24.16 5.35
C GLN E 146 32.98 -24.68 5.06
N LYS E 147 32.86 -25.94 4.60
CA LYS E 147 31.56 -26.61 4.37
C LYS E 147 30.69 -26.46 5.64
N PRO E 148 31.15 -26.82 6.85
CA PRO E 148 30.31 -26.68 8.06
C PRO E 148 29.72 -25.28 8.31
N GLN E 149 30.48 -24.21 8.12
CA GLN E 149 30.00 -22.82 8.34
C GLN E 149 28.97 -22.46 7.24
N LEU E 150 29.26 -22.84 5.99
CA LEU E 150 28.39 -22.58 4.82
C LEU E 150 27.05 -23.32 5.02
N GLU E 151 27.10 -24.58 5.45
CA GLU E 151 25.91 -25.43 5.72
C GLU E 151 25.03 -24.72 6.72
N LYS E 152 25.61 -24.21 7.83
CA LYS E 152 24.87 -23.49 8.88
C LYS E 152 24.22 -22.22 8.31
N LEU E 153 24.99 -21.40 7.59
CA LEU E 153 24.47 -20.11 7.05
C LEU E 153 23.29 -20.39 6.11
N ILE E 154 23.47 -21.31 5.16
CA ILE E 154 22.47 -21.58 4.08
C ILE E 154 21.24 -22.28 4.68
N ALA E 155 21.40 -23.08 5.74
CA ALA E 155 20.30 -23.84 6.38
C ALA E 155 19.34 -22.88 7.09
N THR E 156 19.88 -21.82 7.69
CA THR E 156 19.11 -20.82 8.48
C THR E 156 18.38 -19.85 7.55
N THR E 157 18.65 -19.83 6.24
CA THR E 157 17.99 -18.93 5.24
C THR E 157 17.24 -19.72 4.16
N ALA E 158 17.46 -21.03 4.04
CA ALA E 158 16.97 -21.89 2.92
C ALA E 158 15.44 -21.87 2.87
N HIS E 159 14.76 -21.69 4.00
CA HIS E 159 13.28 -21.68 4.10
C HIS E 159 12.69 -20.57 3.22
N GLU E 160 13.44 -19.47 3.01
CA GLU E 160 12.96 -18.25 2.31
C GLU E 160 12.48 -18.59 0.89
N LYS E 161 13.04 -19.61 0.24
CA LYS E 161 12.72 -19.97 -1.16
C LYS E 161 11.85 -21.24 -1.23
N MET E 162 11.51 -21.84 -0.09
CA MET E 162 10.69 -23.08 -0.08
C MET E 162 9.21 -22.70 -0.20
N PRO E 163 8.39 -23.53 -0.89
CA PRO E 163 7.07 -23.08 -1.33
C PRO E 163 6.06 -22.74 -0.22
N TRP E 164 6.27 -23.26 1.01
CA TRP E 164 5.32 -23.09 2.13
C TRP E 164 5.60 -21.80 2.91
N PHE E 165 6.70 -21.10 2.61
CA PHE E 165 7.08 -19.86 3.35
C PHE E 165 6.59 -18.63 2.58
N HIS E 166 5.74 -17.82 3.23
CA HIS E 166 5.00 -16.69 2.61
C HIS E 166 5.50 -15.34 3.16
N GLY E 167 6.63 -15.34 3.90
CA GLY E 167 7.28 -14.11 4.39
C GLY E 167 6.42 -13.39 5.41
N LYS E 168 6.54 -12.06 5.48
CA LYS E 168 5.81 -11.22 6.47
C LYS E 168 4.44 -10.86 5.88
N ILE E 169 3.43 -11.68 6.16
CA ILE E 169 2.00 -11.43 5.83
C ILE E 169 1.22 -11.50 7.15
N SER E 170 0.05 -10.87 7.17
CA SER E 170 -0.83 -10.71 8.36
C SER E 170 -1.53 -12.03 8.66
N ARG E 171 -2.03 -12.21 9.89
CA ARG E 171 -2.96 -13.31 10.24
C ARG E 171 -4.07 -13.35 9.19
N GLU E 172 -4.75 -12.21 8.98
CA GLU E 172 -5.93 -12.07 8.10
C GLU E 172 -5.56 -12.49 6.68
N GLU E 173 -4.42 -12.02 6.17
CA GLU E 173 -3.93 -12.37 4.81
C GLU E 173 -3.75 -13.88 4.70
N SER E 174 -3.16 -14.50 5.73
CA SER E 174 -2.82 -15.95 5.72
C SER E 174 -4.11 -16.77 5.65
N GLU E 175 -5.16 -16.36 6.37
CA GLU E 175 -6.48 -17.03 6.31
C GLU E 175 -7.03 -16.99 4.89
N GLN E 176 -6.98 -15.80 4.27
CA GLN E 176 -7.52 -15.58 2.90
C GLN E 176 -6.79 -16.48 1.91
N ILE E 177 -5.46 -16.51 1.95
CA ILE E 177 -4.62 -17.28 0.96
C ILE E 177 -4.86 -18.78 1.16
N VAL E 178 -5.01 -19.24 2.41
CA VAL E 178 -5.21 -20.69 2.73
C VAL E 178 -6.61 -21.13 2.29
N LEU E 179 -7.61 -20.24 2.40
CA LEU E 179 -9.04 -20.58 2.14
C LEU E 179 -9.38 -20.48 0.65
N ILE E 180 -8.48 -19.95 -0.18
CA ILE E 180 -8.66 -19.91 -1.65
C ILE E 180 -8.42 -21.33 -2.19
N GLY E 181 -9.28 -21.79 -3.09
CA GLY E 181 -9.07 -23.03 -3.84
C GLY E 181 -9.49 -24.25 -3.05
N SER E 182 -8.99 -25.41 -3.48
CA SER E 182 -9.28 -26.73 -2.87
C SER E 182 -8.98 -26.68 -1.38
N LYS E 183 -9.94 -27.07 -0.56
CA LYS E 183 -9.84 -27.01 0.92
C LYS E 183 -9.26 -28.32 1.44
N THR E 184 -8.15 -28.78 0.83
CA THR E 184 -7.36 -29.96 1.24
C THR E 184 -6.99 -29.82 2.72
N ASN E 185 -7.43 -30.77 3.54
CA ASN E 185 -7.03 -30.86 4.97
C ASN E 185 -5.49 -30.95 5.05
N GLY E 186 -4.89 -30.15 5.93
CA GLY E 186 -3.43 -30.13 6.10
C GLY E 186 -2.74 -29.08 5.22
N LYS E 187 -3.46 -28.46 4.29
CA LYS E 187 -2.90 -27.32 3.51
C LYS E 187 -2.34 -26.32 4.52
N PHE E 188 -1.15 -25.82 4.30
CA PHE E 188 -0.44 -25.05 5.35
C PHE E 188 0.49 -24.02 4.72
N LEU E 189 0.79 -22.98 5.50
CA LEU E 189 1.93 -22.09 5.22
C LEU E 189 2.54 -21.65 6.54
N ILE E 190 3.76 -21.12 6.47
CA ILE E 190 4.42 -20.46 7.62
C ILE E 190 4.66 -19.00 7.26
N ARG E 191 4.39 -18.10 8.21
CA ARG E 191 4.56 -16.63 8.02
C ARG E 191 5.43 -16.07 9.15
N ALA E 192 6.20 -15.02 8.86
CA ALA E 192 6.96 -14.23 9.86
C ALA E 192 6.00 -13.33 10.62
N ARG E 193 6.23 -13.13 11.92
CA ARG E 193 5.55 -12.10 12.76
C ARG E 193 6.53 -10.97 13.07
N ASP E 194 6.19 -10.07 13.99
CA ASP E 194 6.99 -8.85 14.33
C ASP E 194 8.43 -9.24 14.72
N ASN E 195 8.60 -9.87 15.89
CA ASN E 195 9.91 -10.26 16.47
C ASN E 195 10.66 -11.14 15.47
N ASN E 196 11.92 -10.78 15.17
CA ASN E 196 12.69 -11.28 13.99
C ASN E 196 13.26 -12.67 14.28
N GLY E 197 12.62 -13.45 15.14
CA GLY E 197 12.74 -14.93 15.16
C GLY E 197 11.42 -15.63 15.40
N SER E 198 10.29 -14.88 15.39
CA SER E 198 8.94 -15.42 15.67
C SER E 198 8.20 -15.68 14.35
N TYR E 199 7.41 -16.76 14.30
CA TYR E 199 6.66 -17.20 13.11
C TYR E 199 5.31 -17.76 13.56
N ALA E 200 4.44 -18.03 12.58
CA ALA E 200 3.16 -18.74 12.79
C ALA E 200 3.02 -19.80 11.70
N LEU E 201 2.53 -20.96 12.11
CA LEU E 201 2.08 -22.07 11.23
C LEU E 201 0.58 -21.93 11.05
N CYS E 202 0.13 -21.83 9.80
CA CYS E 202 -1.30 -21.70 9.42
C CYS E 202 -1.70 -22.99 8.70
N LEU E 203 -2.72 -23.67 9.24
CA LEU E 203 -3.05 -25.07 8.90
C LEU E 203 -4.56 -25.18 8.70
N LEU E 204 -4.99 -25.72 7.55
CA LEU E 204 -6.42 -25.91 7.24
C LEU E 204 -6.91 -27.22 7.86
N HIS E 205 -7.90 -27.12 8.75
CA HIS E 205 -8.57 -28.25 9.44
C HIS E 205 -10.09 -28.14 9.30
N GLU E 206 -10.72 -29.02 8.51
CA GLU E 206 -12.19 -29.08 8.28
C GLU E 206 -12.70 -27.67 7.97
N GLY E 207 -12.16 -27.03 6.93
CA GLY E 207 -12.56 -25.69 6.46
C GLY E 207 -12.17 -24.54 7.38
N LYS E 208 -11.59 -24.79 8.56
CA LYS E 208 -11.16 -23.73 9.50
C LYS E 208 -9.63 -23.54 9.47
N VAL E 209 -9.14 -22.31 9.60
CA VAL E 209 -7.68 -22.04 9.59
C VAL E 209 -7.17 -21.98 11.03
N LEU E 210 -6.28 -22.90 11.40
CA LEU E 210 -5.61 -22.95 12.72
C LEU E 210 -4.32 -22.12 12.64
N HIS E 211 -4.04 -21.35 13.69
CA HIS E 211 -2.77 -20.59 13.83
C HIS E 211 -2.02 -21.12 15.04
N TYR E 212 -0.82 -21.64 14.82
CA TYR E 212 0.11 -22.09 15.89
C TYR E 212 1.30 -21.13 15.86
N ARG E 213 1.71 -20.68 17.06
CA ARG E 213 2.87 -19.79 17.27
C ARG E 213 4.15 -20.62 17.13
N ILE E 214 5.16 -20.09 16.46
CA ILE E 214 6.54 -20.65 16.45
C ILE E 214 7.49 -19.59 17.01
N ASP E 215 8.12 -19.91 18.15
CA ASP E 215 9.00 -19.00 18.93
C ASP E 215 10.45 -19.46 18.84
N LYS E 216 11.36 -18.50 18.75
CA LYS E 216 12.83 -18.69 18.90
C LYS E 216 13.17 -18.56 20.39
N ASP E 217 13.77 -19.58 21.00
CA ASP E 217 14.26 -19.52 22.40
C ASP E 217 15.67 -18.91 22.38
N LYS E 218 16.35 -18.87 23.52
CA LYS E 218 17.67 -18.18 23.68
C LYS E 218 18.74 -18.89 22.84
N THR E 219 18.66 -20.21 22.65
CA THR E 219 19.61 -21.04 21.85
C THR E 219 19.55 -20.65 20.36
N GLY E 220 18.44 -20.08 19.90
CA GLY E 220 18.09 -19.94 18.47
C GLY E 220 17.17 -21.07 18.00
N LYS E 221 16.65 -21.89 18.92
CA LYS E 221 15.83 -23.08 18.62
C LYS E 221 14.35 -22.69 18.49
N LEU E 222 13.72 -23.19 17.42
CA LEU E 222 12.32 -22.91 17.01
C LEU E 222 11.43 -24.02 17.54
N SER E 223 10.32 -23.63 18.17
CA SER E 223 9.27 -24.58 18.62
C SER E 223 7.91 -23.87 18.68
N ILE E 224 6.86 -24.64 18.46
CA ILE E 224 5.49 -24.38 18.97
C ILE E 224 5.58 -24.61 20.47
N PRO E 225 4.96 -23.76 21.32
CA PRO E 225 5.01 -23.96 22.76
C PRO E 225 4.66 -25.40 23.15
N GLU E 226 5.49 -26.01 24.01
CA GLU E 226 5.35 -27.41 24.54
C GLU E 226 5.75 -28.43 23.47
N GLY E 227 6.24 -27.99 22.32
CA GLY E 227 6.54 -28.85 21.17
C GLY E 227 8.03 -29.16 21.02
N LYS E 228 8.37 -30.13 20.16
CA LYS E 228 9.77 -30.46 19.82
C LYS E 228 10.48 -29.19 19.33
N LYS E 229 11.75 -29.05 19.67
CA LYS E 229 12.63 -27.91 19.28
C LYS E 229 13.48 -28.30 18.07
N PHE E 230 13.66 -27.36 17.15
CA PHE E 230 14.37 -27.56 15.85
C PHE E 230 15.35 -26.42 15.64
N ASP E 231 16.43 -26.66 14.91
CA ASP E 231 17.37 -25.60 14.48
C ASP E 231 16.78 -24.76 13.36
N THR E 232 15.91 -25.33 12.50
CA THR E 232 15.36 -24.63 11.30
C THR E 232 13.87 -24.91 11.10
N LEU E 233 13.22 -24.02 10.34
CA LEU E 233 11.79 -24.15 9.94
C LEU E 233 11.61 -25.35 9.03
N TRP E 234 12.56 -25.65 8.17
CA TRP E 234 12.41 -26.79 7.22
C TRP E 234 12.44 -28.11 8.00
N GLN E 235 13.17 -28.18 9.13
CA GLN E 235 13.14 -29.38 9.99
C GLN E 235 11.74 -29.51 10.61
N LEU E 236 11.19 -28.39 11.07
CA LEU E 236 9.86 -28.33 11.74
C LEU E 236 8.78 -28.82 10.77
N VAL E 237 8.77 -28.32 9.53
CA VAL E 237 7.80 -28.73 8.48
C VAL E 237 7.95 -30.23 8.18
N GLU E 238 9.17 -30.75 8.03
CA GLU E 238 9.36 -32.20 7.77
C GLU E 238 8.74 -33.00 8.93
N HIS E 239 9.00 -32.59 10.17
CA HIS E 239 8.51 -33.34 11.36
C HIS E 239 6.97 -33.39 11.33
N TYR E 240 6.31 -32.23 11.24
CA TYR E 240 4.84 -32.12 11.38
C TYR E 240 4.16 -32.58 10.09
N SER E 241 4.90 -32.78 9.00
CA SER E 241 4.40 -33.46 7.77
C SER E 241 4.42 -34.98 7.95
N TYR E 242 5.20 -35.51 8.88
CA TYR E 242 5.29 -36.97 9.13
C TYR E 242 4.23 -37.39 10.15
N LYS E 243 4.09 -36.64 11.24
CA LYS E 243 3.06 -36.94 12.28
C LYS E 243 2.60 -35.65 12.94
N ALA E 244 1.41 -35.67 13.51
CA ALA E 244 0.70 -34.48 14.04
C ALA E 244 1.43 -33.98 15.28
N ASP E 245 1.80 -34.92 16.17
CA ASP E 245 2.60 -34.65 17.39
C ASP E 245 2.05 -33.41 18.11
N GLY E 246 0.72 -33.34 18.32
CA GLY E 246 0.05 -32.25 19.06
C GLY E 246 -0.78 -31.35 18.17
N LEU E 247 -0.44 -31.22 16.88
CA LEU E 247 -1.30 -30.48 15.91
C LEU E 247 -2.62 -31.25 15.79
N LEU E 248 -3.70 -30.62 15.36
CA LEU E 248 -4.99 -31.32 15.11
C LEU E 248 -4.83 -32.29 13.93
N ARG E 249 -3.86 -32.05 13.06
CA ARG E 249 -3.58 -33.00 11.95
C ARG E 249 -2.20 -32.71 11.36
N VAL E 250 -1.74 -33.62 10.51
CA VAL E 250 -0.41 -33.54 9.86
C VAL E 250 -0.49 -32.49 8.75
N LEU E 251 0.63 -31.81 8.48
CA LEU E 251 0.76 -30.91 7.32
C LEU E 251 0.76 -31.78 6.06
N THR E 252 0.10 -31.31 5.00
CA THR E 252 0.06 -31.98 3.67
C THR E 252 0.62 -31.01 2.64
N VAL E 253 -0.24 -30.31 1.89
CA VAL E 253 0.16 -29.57 0.65
C VAL E 253 0.58 -28.17 1.05
N PRO E 254 1.75 -27.68 0.59
CA PRO E 254 2.12 -26.29 0.82
C PRO E 254 1.09 -25.40 0.10
N CYS E 255 0.67 -24.34 0.76
CA CYS E 255 -0.23 -23.33 0.17
C CYS E 255 0.60 -22.55 -0.86
N GLN E 256 0.20 -22.62 -2.14
CA GLN E 256 0.89 -21.94 -3.27
C GLN E 256 0.99 -20.44 -3.01
N LYS E 257 2.13 -19.82 -3.34
CA LYS E 257 2.30 -18.34 -3.26
C LYS E 257 1.54 -17.67 -4.41
N ILE E 258 1.31 -16.37 -4.29
CA ILE E 258 0.31 -15.56 -5.07
C ILE E 258 1.05 -14.43 -5.82
N ASP F 4 -13.70 15.20 -42.87
CA ASP F 4 -14.25 16.52 -43.21
C ASP F 4 -13.69 17.00 -44.55
N SER F 5 -14.56 17.44 -45.46
CA SER F 5 -14.19 18.29 -46.61
C SER F 5 -13.96 19.74 -46.15
N ALA F 6 -13.58 19.96 -44.89
CA ALA F 6 -13.05 21.25 -44.35
C ALA F 6 -11.51 21.34 -44.53
N ASN F 7 -10.80 20.21 -44.57
CA ASN F 7 -9.35 20.14 -44.95
C ASN F 7 -9.15 20.61 -46.39
N HIS F 8 -10.17 20.44 -47.23
CA HIS F 8 -10.09 20.71 -48.69
C HIS F 8 -10.20 22.22 -48.92
N LEU F 9 -10.70 23.00 -47.94
CA LEU F 9 -10.87 24.47 -48.06
C LEU F 9 -9.51 25.16 -48.03
N PRO F 10 -9.17 26.02 -49.00
CA PRO F 10 -7.84 26.62 -49.06
C PRO F 10 -7.56 27.67 -47.98
N PHE F 11 -8.61 28.15 -47.29
CA PHE F 11 -8.55 29.19 -46.22
C PHE F 11 -8.77 28.57 -44.83
N PHE F 12 -8.71 27.23 -44.72
CA PHE F 12 -8.76 26.47 -43.43
C PHE F 12 -7.33 26.17 -42.97
N PHE F 13 -6.95 26.61 -41.78
CA PHE F 13 -5.55 26.53 -41.27
C PHE F 13 -5.39 25.40 -40.27
N GLY F 14 -6.47 24.65 -40.00
CA GLY F 14 -6.48 23.60 -38.97
C GLY F 14 -6.22 24.17 -37.59
N ASN F 15 -5.45 23.44 -36.78
CA ASN F 15 -5.23 23.70 -35.33
C ASN F 15 -4.17 24.81 -35.12
N ILE F 16 -4.43 26.02 -35.59
CA ILE F 16 -3.63 27.23 -35.26
C ILE F 16 -4.36 27.94 -34.14
N THR F 17 -3.67 28.80 -33.41
CA THR F 17 -4.20 29.55 -32.24
C THR F 17 -4.88 30.83 -32.72
N ARG F 18 -5.69 31.44 -31.86
CA ARG F 18 -6.25 32.78 -32.12
C ARG F 18 -5.11 33.70 -32.55
N GLU F 19 -3.99 33.66 -31.83
CA GLU F 19 -2.86 34.62 -32.03
C GLU F 19 -2.23 34.35 -33.40
N GLU F 20 -2.04 33.08 -33.78
CA GLU F 20 -1.49 32.72 -35.11
C GLU F 20 -2.48 33.21 -36.19
N ALA F 21 -3.79 33.04 -35.97
CA ALA F 21 -4.82 33.50 -36.93
C ALA F 21 -4.70 35.01 -37.10
N GLU F 22 -4.53 35.73 -36.00
CA GLU F 22 -4.38 37.22 -36.04
C GLU F 22 -3.07 37.60 -36.77
N ASP F 23 -1.97 36.84 -36.59
CA ASP F 23 -0.69 37.09 -37.30
C ASP F 23 -0.94 36.92 -38.80
N TYR F 24 -1.70 35.91 -39.20
CA TYR F 24 -1.99 35.62 -40.62
C TYR F 24 -2.86 36.73 -41.21
N LEU F 25 -3.84 37.23 -40.47
CA LEU F 25 -4.71 38.35 -40.96
C LEU F 25 -3.84 39.60 -41.15
N VAL F 26 -2.93 39.89 -40.22
CA VAL F 26 -1.98 41.04 -40.34
C VAL F 26 -1.14 40.85 -41.61
N GLN F 27 -0.56 39.66 -41.80
CA GLN F 27 0.27 39.31 -42.99
C GLN F 27 -0.54 39.49 -44.27
N GLY F 28 -1.86 39.22 -44.24
CA GLY F 28 -2.76 39.29 -45.40
C GLY F 28 -3.26 40.71 -45.66
N GLY F 29 -2.92 41.68 -44.79
CA GLY F 29 -3.21 43.11 -45.03
C GLY F 29 -4.21 43.68 -44.05
N MET F 30 -4.91 42.84 -43.28
CA MET F 30 -5.89 43.27 -42.23
C MET F 30 -6.99 44.13 -42.89
N SER F 31 -7.33 43.83 -44.15
CA SER F 31 -8.39 44.52 -44.93
C SER F 31 -9.77 44.09 -44.41
N ASP F 32 -10.72 45.02 -44.40
CA ASP F 32 -12.15 44.76 -44.06
C ASP F 32 -12.64 43.55 -44.86
N GLY F 33 -13.24 42.58 -44.17
CA GLY F 33 -13.80 41.37 -44.80
C GLY F 33 -12.75 40.31 -45.11
N LEU F 34 -11.47 40.53 -44.80
CA LEU F 34 -10.45 39.45 -44.87
C LEU F 34 -10.79 38.43 -43.78
N TYR F 35 -10.73 37.14 -44.07
CA TYR F 35 -11.17 36.09 -43.13
C TYR F 35 -10.45 34.78 -43.39
N LEU F 36 -10.40 33.94 -42.36
CA LEU F 36 -9.90 32.55 -42.45
C LEU F 36 -10.69 31.69 -41.49
N LEU F 37 -10.53 30.38 -41.63
CA LEU F 37 -11.19 29.35 -40.81
C LEU F 37 -10.09 28.57 -40.10
N ARG F 38 -10.37 28.14 -38.87
CA ARG F 38 -9.45 27.28 -38.09
C ARG F 38 -10.29 26.28 -37.33
N GLN F 39 -9.66 25.20 -36.87
CA GLN F 39 -10.29 24.19 -36.01
C GLN F 39 -10.47 24.82 -34.63
N SER F 40 -11.65 24.68 -34.04
CA SER F 40 -11.87 25.12 -32.65
C SER F 40 -10.93 24.33 -31.76
N ARG F 41 -10.34 25.00 -30.78
CA ARG F 41 -9.39 24.38 -29.82
C ARG F 41 -10.13 24.00 -28.55
N ASN F 42 -11.40 24.39 -28.39
CA ASN F 42 -12.16 24.06 -27.16
C ASN F 42 -13.56 23.47 -27.43
N TYR F 43 -14.05 23.42 -28.67
CA TYR F 43 -15.33 22.74 -29.02
C TYR F 43 -15.06 21.61 -30.02
N LEU F 44 -15.28 20.38 -29.57
CA LEU F 44 -15.06 19.15 -30.36
C LEU F 44 -15.87 19.24 -31.68
N GLY F 45 -15.24 18.95 -32.80
CA GLY F 45 -15.84 19.02 -34.14
C GLY F 45 -16.13 20.44 -34.58
N GLY F 46 -15.78 21.43 -33.76
CA GLY F 46 -16.06 22.86 -34.02
C GLY F 46 -14.99 23.50 -34.89
N PHE F 47 -15.28 24.70 -35.35
CA PHE F 47 -14.39 25.58 -36.13
C PHE F 47 -14.47 26.96 -35.49
N ALA F 48 -13.54 27.83 -35.87
CA ALA F 48 -13.60 29.26 -35.56
C ALA F 48 -13.40 30.03 -36.85
N LEU F 49 -14.14 31.12 -36.99
CA LEU F 49 -14.06 32.09 -38.10
C LEU F 49 -13.35 33.31 -37.52
N SER F 50 -12.27 33.76 -38.16
CA SER F 50 -11.54 34.98 -37.77
C SER F 50 -11.63 35.98 -38.92
N VAL F 51 -12.10 37.19 -38.64
CA VAL F 51 -12.40 38.24 -39.65
C VAL F 51 -11.72 39.54 -39.26
N ALA F 52 -11.11 40.22 -40.23
CA ALA F 52 -10.60 41.60 -40.06
C ALA F 52 -11.71 42.61 -40.38
N HIS F 53 -11.95 43.55 -39.47
CA HIS F 53 -12.82 44.73 -39.71
C HIS F 53 -12.40 45.85 -38.75
N GLY F 54 -12.29 47.08 -39.27
CA GLY F 54 -11.93 48.26 -38.47
C GLY F 54 -10.54 48.12 -37.87
N ARG F 55 -9.64 47.46 -38.59
CA ARG F 55 -8.22 47.20 -38.20
C ARG F 55 -8.15 46.25 -36.98
N LYS F 56 -9.25 45.62 -36.57
CA LYS F 56 -9.30 44.67 -35.43
C LYS F 56 -9.60 43.26 -35.93
N ALA F 57 -9.37 42.26 -35.09
CA ALA F 57 -9.71 40.84 -35.35
C ALA F 57 -11.00 40.53 -34.60
N HIS F 58 -11.92 39.80 -35.26
CA HIS F 58 -13.19 39.32 -34.67
C HIS F 58 -13.24 37.80 -34.86
N HIS F 59 -13.53 37.07 -33.79
CA HIS F 59 -13.49 35.59 -33.74
C HIS F 59 -14.87 35.06 -33.34
N TYR F 60 -15.38 34.10 -34.10
CA TYR F 60 -16.69 33.45 -33.90
C TYR F 60 -16.47 31.95 -33.84
N THR F 61 -17.00 31.28 -32.81
CA THR F 61 -16.99 29.82 -32.71
C THR F 61 -18.12 29.29 -33.59
N ILE F 62 -17.82 28.35 -34.48
CA ILE F 62 -18.80 27.58 -35.28
C ILE F 62 -18.93 26.21 -34.63
N GLU F 63 -20.00 25.96 -33.89
CA GLU F 63 -20.25 24.65 -33.21
C GLU F 63 -20.86 23.68 -34.20
N ARG F 64 -20.54 22.39 -34.07
CA ARG F 64 -21.23 21.25 -34.71
C ARG F 64 -22.43 20.93 -33.83
N GLU F 65 -23.65 21.12 -34.34
CA GLU F 65 -24.92 20.80 -33.63
C GLU F 65 -25.06 19.28 -33.54
N LEU F 66 -25.95 18.79 -32.67
CA LEU F 66 -26.24 17.34 -32.50
C LEU F 66 -26.55 16.67 -33.85
N ASN F 67 -27.25 17.37 -34.76
CA ASN F 67 -27.70 16.81 -36.07
C ASN F 67 -26.64 16.97 -37.15
N GLY F 68 -25.43 17.48 -36.83
CA GLY F 68 -24.29 17.55 -37.77
C GLY F 68 -24.35 18.78 -38.66
N THR F 69 -25.19 19.75 -38.33
CA THR F 69 -25.19 21.11 -38.93
C THR F 69 -24.23 21.97 -38.11
N TYR F 70 -23.95 23.19 -38.57
CA TYR F 70 -22.95 24.11 -38.00
C TYR F 70 -23.59 25.48 -37.76
N ALA F 71 -23.34 26.08 -36.60
CA ALA F 71 -23.90 27.41 -36.26
C ALA F 71 -23.00 28.16 -35.27
N ILE F 72 -22.85 29.45 -35.51
CA ILE F 72 -22.48 30.45 -34.49
C ILE F 72 -23.67 30.63 -33.55
N ALA F 73 -23.45 30.72 -32.24
CA ALA F 73 -24.48 31.07 -31.24
C ALA F 73 -25.29 32.27 -31.73
N GLY F 74 -26.61 32.11 -31.81
CA GLY F 74 -27.58 33.16 -32.22
C GLY F 74 -27.87 33.18 -33.72
N GLY F 75 -27.31 32.23 -34.47
CA GLY F 75 -27.35 32.22 -35.94
C GLY F 75 -28.09 31.01 -36.46
N ARG F 76 -28.41 31.00 -37.75
CA ARG F 76 -29.05 29.83 -38.42
C ARG F 76 -28.04 28.69 -38.53
N THR F 77 -28.52 27.45 -38.67
CA THR F 77 -27.67 26.26 -38.94
C THR F 77 -27.29 26.27 -40.43
N HIS F 78 -26.12 25.72 -40.76
CA HIS F 78 -25.62 25.52 -42.14
C HIS F 78 -25.13 24.08 -42.26
N ALA F 79 -25.05 23.54 -43.46
CA ALA F 79 -24.70 22.12 -43.68
C ALA F 79 -23.21 21.93 -43.40
N SER F 80 -22.41 22.98 -43.60
CA SER F 80 -20.93 22.95 -43.51
C SER F 80 -20.38 24.33 -43.18
N PRO F 81 -19.11 24.40 -42.69
CA PRO F 81 -18.42 25.68 -42.51
C PRO F 81 -18.27 26.46 -43.82
N ALA F 82 -18.01 25.78 -44.93
CA ALA F 82 -17.96 26.39 -46.28
C ALA F 82 -19.29 27.12 -46.57
N ASP F 83 -20.44 26.49 -46.32
CA ASP F 83 -21.78 27.08 -46.60
C ASP F 83 -21.95 28.34 -45.74
N LEU F 84 -21.52 28.26 -44.47
CA LEU F 84 -21.64 29.39 -43.51
C LEU F 84 -20.84 30.56 -44.05
N CYS F 85 -19.62 30.32 -44.52
CA CYS F 85 -18.72 31.37 -45.08
C CYS F 85 -19.35 31.93 -46.36
N HIS F 86 -19.85 31.07 -47.24
CA HIS F 86 -20.50 31.49 -48.51
C HIS F 86 -21.71 32.40 -48.20
N TYR F 87 -22.58 31.96 -47.29
CA TYR F 87 -23.76 32.72 -46.82
C TYR F 87 -23.34 34.12 -46.34
N HIS F 88 -22.31 34.21 -45.48
CA HIS F 88 -21.90 35.48 -44.83
C HIS F 88 -21.09 36.33 -45.80
N SER F 89 -20.73 35.81 -46.97
CA SER F 89 -20.20 36.61 -48.10
C SER F 89 -21.33 37.37 -48.82
N GLN F 90 -22.61 36.99 -48.61
CA GLN F 90 -23.80 37.62 -49.26
C GLN F 90 -24.56 38.49 -48.26
N GLU F 91 -24.78 37.99 -47.04
CA GLU F 91 -25.56 38.69 -45.98
C GLU F 91 -24.73 38.73 -44.69
N SER F 92 -24.54 39.92 -44.13
CA SER F 92 -23.84 40.10 -42.84
C SER F 92 -24.63 39.36 -41.76
N ASP F 93 -25.96 39.53 -41.74
CA ASP F 93 -26.92 38.82 -40.86
C ASP F 93 -26.38 38.75 -39.42
N GLY F 94 -25.84 39.86 -38.90
CA GLY F 94 -25.42 39.98 -37.49
C GLY F 94 -23.90 39.87 -37.30
N LEU F 95 -23.17 39.40 -38.32
CA LEU F 95 -21.69 39.36 -38.31
C LEU F 95 -21.17 40.80 -38.42
N VAL F 96 -19.95 41.03 -37.92
CA VAL F 96 -19.33 42.39 -37.87
C VAL F 96 -19.33 43.02 -39.27
N CYS F 97 -19.13 42.23 -40.32
CA CYS F 97 -19.15 42.70 -41.73
C CYS F 97 -19.32 41.50 -42.67
N LEU F 98 -19.48 41.78 -43.95
CA LEU F 98 -19.55 40.77 -45.04
C LEU F 98 -18.17 40.13 -45.16
N LEU F 99 -18.13 38.82 -45.34
CA LEU F 99 -16.89 38.10 -45.72
C LEU F 99 -16.58 38.42 -47.19
N LYS F 100 -15.53 39.20 -47.44
CA LYS F 100 -15.14 39.68 -48.79
C LYS F 100 -14.07 38.77 -49.36
N LYS F 101 -12.94 38.62 -48.66
CA LYS F 101 -11.72 37.98 -49.22
C LYS F 101 -11.20 36.90 -48.27
N PRO F 102 -11.23 35.62 -48.67
CA PRO F 102 -10.54 34.58 -47.90
C PRO F 102 -9.04 34.87 -47.91
N PHE F 103 -8.37 34.71 -46.76
CA PHE F 103 -6.89 34.60 -46.68
C PHE F 103 -6.56 33.12 -46.76
N ASN F 104 -5.94 32.69 -47.86
CA ASN F 104 -5.62 31.26 -48.09
C ASN F 104 -4.30 30.93 -47.40
N ARG F 105 -4.13 29.65 -47.06
CA ARG F 105 -2.84 29.08 -46.61
C ARG F 105 -1.79 29.49 -47.61
N PRO F 106 -0.70 30.18 -47.20
CA PRO F 106 0.41 30.47 -48.10
C PRO F 106 0.95 29.17 -48.71
N GLN F 107 1.66 29.25 -49.83
CA GLN F 107 2.20 28.07 -50.59
C GLN F 107 3.00 27.19 -49.63
N GLY F 108 2.73 25.88 -49.66
CA GLY F 108 3.44 24.85 -48.86
C GLY F 108 2.82 24.61 -47.49
N VAL F 109 2.05 25.58 -46.96
CA VAL F 109 1.49 25.53 -45.58
C VAL F 109 0.26 24.63 -45.57
N GLN F 110 0.28 23.56 -44.76
CA GLN F 110 -0.82 22.60 -44.57
C GLN F 110 -1.64 22.99 -43.34
N PRO F 111 -2.88 22.46 -43.20
CA PRO F 111 -3.61 22.56 -41.95
C PRO F 111 -2.75 21.95 -40.83
N LYS F 112 -2.60 22.65 -39.71
CA LYS F 112 -1.97 22.05 -38.50
C LYS F 112 -2.94 21.02 -37.91
N THR F 113 -2.41 19.88 -37.48
CA THR F 113 -3.13 18.86 -36.68
C THR F 113 -2.47 18.80 -35.30
N GLY F 114 -3.24 18.50 -34.25
CA GLY F 114 -2.72 18.26 -32.89
C GLY F 114 -2.53 16.77 -32.62
N PRO F 115 -2.01 16.41 -31.41
CA PRO F 115 -1.77 15.02 -31.04
C PRO F 115 -3.00 14.10 -31.17
N PHE F 116 -4.17 14.53 -30.69
CA PHE F 116 -5.41 13.73 -30.75
C PHE F 116 -5.78 13.47 -32.21
N GLU F 117 -5.72 14.50 -33.06
CA GLU F 117 -6.14 14.40 -34.48
C GLU F 117 -5.33 13.30 -35.17
N ASP F 118 -4.08 13.06 -34.73
CA ASP F 118 -3.16 12.06 -35.32
C ASP F 118 -3.55 10.63 -34.86
N LEU F 119 -4.21 10.48 -33.71
CA LEU F 119 -4.62 9.16 -33.14
C LEU F 119 -6.05 8.81 -33.57
N LYS F 120 -6.87 9.82 -33.88
CA LYS F 120 -8.36 9.75 -33.93
C LYS F 120 -8.83 8.54 -34.77
N GLU F 121 -8.35 8.45 -36.01
CA GLU F 121 -8.86 7.47 -37.01
C GLU F 121 -8.52 6.05 -36.55
N ASN F 122 -7.31 5.81 -36.05
CA ASN F 122 -6.93 4.49 -35.51
C ASN F 122 -7.79 4.13 -34.29
N LEU F 123 -8.06 5.08 -33.39
CA LEU F 123 -8.84 4.79 -32.15
C LEU F 123 -10.29 4.43 -32.52
N ILE F 124 -10.89 5.16 -33.45
CA ILE F 124 -12.27 4.87 -33.93
C ILE F 124 -12.30 3.48 -34.55
N ARG F 125 -11.34 3.19 -35.44
CA ARG F 125 -11.22 1.89 -36.14
C ARG F 125 -11.19 0.76 -35.10
N GLU F 126 -10.28 0.84 -34.11
CA GLU F 126 -10.05 -0.25 -33.14
C GLU F 126 -11.29 -0.43 -32.26
N TYR F 127 -11.97 0.67 -31.91
CA TYR F 127 -13.22 0.62 -31.10
C TYR F 127 -14.31 -0.15 -31.86
N VAL F 128 -14.55 0.20 -33.13
CA VAL F 128 -15.64 -0.42 -33.94
C VAL F 128 -15.30 -1.91 -34.15
N LYS F 129 -14.03 -2.25 -34.37
CA LYS F 129 -13.57 -3.65 -34.63
C LYS F 129 -13.83 -4.52 -33.39
N GLN F 130 -13.48 -4.02 -32.21
CA GLN F 130 -13.63 -4.75 -30.92
C GLN F 130 -15.11 -4.80 -30.49
N THR F 131 -15.86 -3.69 -30.65
CA THR F 131 -17.25 -3.55 -30.17
C THR F 131 -18.25 -4.30 -31.08
N TRP F 132 -18.08 -4.18 -32.40
CA TRP F 132 -19.08 -4.66 -33.40
C TRP F 132 -18.50 -5.94 -33.99
N ASN F 133 -18.81 -6.27 -35.25
CA ASN F 133 -18.43 -7.56 -35.90
C ASN F 133 -18.60 -7.45 -37.42
N LEU F 134 -17.95 -6.44 -38.03
CA LEU F 134 -18.07 -6.06 -39.46
C LEU F 134 -16.72 -6.32 -40.14
N GLN F 135 -16.63 -6.17 -41.47
CA GLN F 135 -15.36 -6.38 -42.23
C GLN F 135 -15.18 -5.42 -43.42
N GLY F 136 -16.07 -5.50 -44.40
CA GLY F 136 -15.88 -4.91 -45.73
C GLY F 136 -16.49 -3.53 -45.82
N GLN F 137 -17.38 -3.35 -46.81
CA GLN F 137 -18.06 -2.07 -47.09
C GLN F 137 -19.12 -1.82 -46.02
N ALA F 138 -19.72 -2.87 -45.44
CA ALA F 138 -20.63 -2.79 -44.27
C ALA F 138 -19.91 -2.03 -43.14
N LEU F 139 -18.69 -2.47 -42.80
CA LEU F 139 -17.82 -1.84 -41.77
C LEU F 139 -17.61 -0.36 -42.10
N GLU F 140 -17.23 -0.04 -43.34
CA GLU F 140 -16.95 1.35 -43.78
C GLU F 140 -18.24 2.19 -43.68
N GLN F 141 -19.37 1.61 -44.08
CA GLN F 141 -20.68 2.32 -44.12
C GLN F 141 -21.12 2.61 -42.68
N ALA F 142 -20.94 1.65 -41.77
CA ALA F 142 -21.21 1.82 -40.32
C ALA F 142 -20.39 3.00 -39.78
N ILE F 143 -19.07 2.98 -40.00
CA ILE F 143 -18.13 4.04 -39.51
C ILE F 143 -18.65 5.40 -39.99
N ILE F 144 -18.89 5.54 -41.29
CA ILE F 144 -19.40 6.80 -41.93
C ILE F 144 -20.77 7.16 -41.34
N SER F 145 -21.68 6.18 -41.21
CA SER F 145 -23.08 6.37 -40.76
C SER F 145 -23.12 7.00 -39.36
N GLN F 146 -22.22 6.63 -38.43
CA GLN F 146 -22.21 7.18 -37.04
C GLN F 146 -20.90 7.88 -36.70
N LYS F 147 -20.19 8.42 -37.68
CA LYS F 147 -18.88 9.09 -37.48
C LYS F 147 -19.00 10.13 -36.36
N PRO F 148 -19.96 11.09 -36.39
CA PRO F 148 -20.07 12.10 -35.33
C PRO F 148 -20.16 11.53 -33.89
N GLN F 149 -20.95 10.48 -33.67
CA GLN F 149 -21.13 9.87 -32.32
C GLN F 149 -19.84 9.16 -31.91
N LEU F 150 -19.21 8.44 -32.85
CA LEU F 150 -17.93 7.70 -32.62
C LEU F 150 -16.82 8.70 -32.25
N GLU F 151 -16.73 9.81 -32.99
CA GLU F 151 -15.74 10.89 -32.76
C GLU F 151 -15.89 11.40 -31.33
N LYS F 152 -17.13 11.67 -30.89
CA LYS F 152 -17.44 12.16 -29.52
C LYS F 152 -17.01 11.12 -28.48
N LEU F 153 -17.39 9.85 -28.66
CA LEU F 153 -17.07 8.78 -27.70
C LEU F 153 -15.56 8.64 -27.53
N ILE F 154 -14.82 8.54 -28.64
CA ILE F 154 -13.35 8.30 -28.64
C ILE F 154 -12.61 9.54 -28.06
N ALA F 155 -13.13 10.76 -28.30
CA ALA F 155 -12.49 12.01 -27.85
C ALA F 155 -12.56 12.14 -26.33
N THR F 156 -13.66 11.69 -25.73
CA THR F 156 -13.92 11.78 -24.27
C THR F 156 -13.15 10.70 -23.50
N THR F 157 -12.53 9.73 -24.17
CA THR F 157 -11.74 8.64 -23.52
C THR F 157 -10.26 8.65 -23.96
N ALA F 158 -9.92 9.39 -25.03
CA ALA F 158 -8.57 9.36 -25.67
C ALA F 158 -7.47 9.74 -24.67
N HIS F 159 -7.78 10.60 -23.69
CA HIS F 159 -6.81 11.11 -22.69
C HIS F 159 -6.22 9.95 -21.88
N GLU F 160 -6.98 8.86 -21.71
CA GLU F 160 -6.63 7.71 -20.83
C GLU F 160 -5.29 7.10 -21.25
N LYS F 161 -4.91 7.18 -22.53
CA LYS F 161 -3.67 6.55 -23.06
C LYS F 161 -2.57 7.59 -23.32
N MET F 162 -2.85 8.88 -23.09
CA MET F 162 -1.86 9.96 -23.38
C MET F 162 -0.89 10.06 -22.19
N PRO F 163 0.39 10.39 -22.44
CA PRO F 163 1.44 10.19 -21.44
C PRO F 163 1.31 11.04 -20.16
N TRP F 164 0.58 12.16 -20.21
CA TRP F 164 0.46 13.11 -19.07
C TRP F 164 -0.67 12.70 -18.13
N PHE F 165 -1.48 11.70 -18.49
CA PHE F 165 -2.64 11.27 -17.65
C PHE F 165 -2.22 10.07 -16.78
N HIS F 166 -2.33 10.23 -15.46
CA HIS F 166 -1.83 9.27 -14.43
C HIS F 166 -3.00 8.62 -13.67
N GLY F 167 -4.23 8.77 -14.15
CA GLY F 167 -5.43 8.12 -13.59
C GLY F 167 -5.74 8.60 -12.19
N LYS F 168 -6.34 7.73 -11.37
CA LYS F 168 -6.77 8.06 -9.97
C LYS F 168 -5.59 7.81 -9.04
N ILE F 169 -4.79 8.85 -8.81
CA ILE F 169 -3.67 8.88 -7.81
C ILE F 169 -3.96 10.05 -6.88
N SER F 170 -3.37 9.99 -5.68
CA SER F 170 -3.57 10.96 -4.56
C SER F 170 -2.83 12.25 -4.87
N ARG F 171 -3.23 13.37 -4.25
CA ARG F 171 -2.43 14.63 -4.24
C ARG F 171 -0.97 14.27 -3.90
N GLU F 172 -0.77 13.57 -2.77
CA GLU F 172 0.54 13.22 -2.19
C GLU F 172 1.35 12.43 -3.23
N GLU F 173 0.74 11.43 -3.85
CA GLU F 173 1.40 10.58 -4.87
C GLU F 173 1.86 11.45 -6.03
N SER F 174 1.02 12.39 -6.47
CA SER F 174 1.28 13.23 -7.66
C SER F 174 2.50 14.12 -7.37
N GLU F 175 2.62 14.67 -6.15
CA GLU F 175 3.80 15.49 -5.75
C GLU F 175 5.06 14.65 -5.85
N GLN F 176 5.02 13.43 -5.31
CA GLN F 176 6.19 12.52 -5.28
C GLN F 176 6.65 12.23 -6.72
N ILE F 177 5.72 11.87 -7.61
CA ILE F 177 6.06 11.44 -9.00
C ILE F 177 6.58 12.66 -9.79
N VAL F 178 6.05 13.86 -9.56
CA VAL F 178 6.46 15.10 -10.28
C VAL F 178 7.86 15.53 -9.78
N LEU F 179 8.17 15.32 -8.49
CA LEU F 179 9.42 15.82 -7.84
C LEU F 179 10.57 14.83 -8.05
N ILE F 180 10.31 13.66 -8.61
CA ILE F 180 11.38 12.68 -8.98
C ILE F 180 12.06 13.20 -10.24
N GLY F 181 13.40 13.14 -10.27
CA GLY F 181 14.19 13.45 -11.45
C GLY F 181 14.37 14.95 -11.65
N SER F 182 14.75 15.31 -12.88
CA SER F 182 15.03 16.70 -13.28
C SER F 182 13.79 17.55 -12.99
N LYS F 183 13.99 18.67 -12.30
CA LYS F 183 12.93 19.61 -11.88
C LYS F 183 12.68 20.63 -13.00
N THR F 184 12.52 20.15 -14.24
CA THR F 184 12.14 20.94 -15.43
C THR F 184 10.87 21.73 -15.12
N ASN F 185 10.97 23.05 -15.19
CA ASN F 185 9.81 23.96 -15.05
C ASN F 185 8.76 23.60 -16.10
N GLY F 186 7.49 23.48 -15.68
CA GLY F 186 6.39 23.15 -16.58
C GLY F 186 6.12 21.66 -16.66
N LYS F 187 6.99 20.82 -16.12
CA LYS F 187 6.71 19.36 -15.97
C LYS F 187 5.31 19.24 -15.32
N PHE F 188 4.46 18.38 -15.85
CA PHE F 188 3.04 18.37 -15.45
C PHE F 188 2.46 16.97 -15.60
N LEU F 189 1.39 16.73 -14.84
CA LEU F 189 0.49 15.59 -15.10
C LEU F 189 -0.93 16.00 -14.73
N ILE F 190 -1.90 15.24 -15.21
CA ILE F 190 -3.32 15.38 -14.79
C ILE F 190 -3.75 14.10 -14.10
N ARG F 191 -4.48 14.23 -12.99
CA ARG F 191 -4.98 13.08 -12.20
C ARG F 191 -6.49 13.23 -11.99
N ALA F 192 -7.21 12.10 -11.90
CA ALA F 192 -8.64 12.02 -11.53
C ALA F 192 -8.77 12.23 -10.02
N ARG F 193 -9.83 12.91 -9.59
CA ARG F 193 -10.27 13.03 -8.17
C ARG F 193 -11.54 12.19 -7.98
N ASP F 194 -12.28 12.36 -6.87
CA ASP F 194 -13.43 11.51 -6.47
C ASP F 194 -14.49 11.47 -7.59
N ASN F 195 -15.22 12.57 -7.81
CA ASN F 195 -16.29 12.70 -8.84
C ASN F 195 -15.68 12.40 -10.21
N ASN F 196 -16.23 11.45 -10.99
CA ASN F 196 -15.57 10.94 -12.23
C ASN F 196 -15.81 11.89 -13.41
N GLY F 197 -15.94 13.18 -13.12
CA GLY F 197 -15.70 14.30 -14.06
C GLY F 197 -14.76 15.36 -13.48
N SER F 198 -14.25 15.19 -12.26
CA SER F 198 -13.31 16.12 -11.59
C SER F 198 -11.86 15.64 -11.74
N TYR F 199 -10.94 16.57 -11.94
CA TYR F 199 -9.49 16.29 -12.16
C TYR F 199 -8.66 17.38 -11.49
N ALA F 200 -7.36 17.15 -11.43
CA ALA F 200 -6.36 18.16 -10.98
C ALA F 200 -5.19 18.16 -11.98
N LEU F 201 -4.73 19.36 -12.28
CA LEU F 201 -3.49 19.62 -13.05
C LEU F 201 -2.37 19.85 -12.03
N CYS F 202 -1.30 19.07 -12.11
CA CYS F 202 -0.11 19.17 -11.22
C CYS F 202 1.06 19.66 -12.06
N LEU F 203 1.62 20.81 -11.67
CA LEU F 203 2.55 21.61 -12.50
C LEU F 203 3.74 22.01 -11.64
N LEU F 204 4.95 21.70 -12.10
CA LEU F 204 6.21 22.04 -11.38
C LEU F 204 6.62 23.48 -11.70
N HIS F 205 6.69 24.32 -10.66
CA HIS F 205 7.06 25.76 -10.73
C HIS F 205 8.16 26.04 -9.70
N GLU F 206 9.39 26.30 -10.15
CA GLU F 206 10.58 26.62 -9.29
C GLU F 206 10.64 25.62 -8.13
N GLY F 207 10.71 24.32 -8.44
CA GLY F 207 10.83 23.22 -7.46
C GLY F 207 9.59 22.97 -6.61
N LYS F 208 8.51 23.76 -6.75
CA LYS F 208 7.24 23.54 -5.99
C LYS F 208 6.17 22.93 -6.90
N VAL F 209 5.33 22.04 -6.40
CA VAL F 209 4.23 21.43 -7.19
C VAL F 209 2.95 22.23 -6.97
N LEU F 210 2.43 22.84 -8.02
CA LEU F 210 1.13 23.57 -8.00
C LEU F 210 0.02 22.57 -8.36
N HIS F 211 -1.11 22.67 -7.67
CA HIS F 211 -2.33 21.87 -7.95
C HIS F 211 -3.44 22.83 -8.36
N TYR F 212 -3.94 22.66 -9.59
CA TYR F 212 -5.10 23.40 -10.11
C TYR F 212 -6.25 22.40 -10.27
N ARG F 213 -7.43 22.78 -9.80
CA ARG F 213 -8.68 21.98 -9.89
C ARG F 213 -9.19 22.06 -11.33
N ILE F 214 -9.64 20.93 -11.88
CA ILE F 214 -10.39 20.87 -13.17
C ILE F 214 -11.77 20.26 -12.89
N ASP F 215 -12.83 21.06 -13.10
CA ASP F 215 -14.24 20.71 -12.81
C ASP F 215 -15.03 20.52 -14.11
N LYS F 216 -15.92 19.53 -14.12
CA LYS F 216 -16.95 19.33 -15.17
C LYS F 216 -18.18 20.15 -14.77
N ASP F 217 -18.63 21.08 -15.61
CA ASP F 217 -19.88 21.85 -15.38
C ASP F 217 -21.05 21.04 -15.94
N LYS F 218 -22.26 21.60 -15.93
CA LYS F 218 -23.50 20.86 -16.32
C LYS F 218 -23.47 20.49 -17.82
N THR F 219 -22.83 21.30 -18.67
CA THR F 219 -22.68 21.05 -20.14
C THR F 219 -21.85 19.79 -20.41
N GLY F 220 -21.00 19.38 -19.46
CA GLY F 220 -19.91 18.42 -19.68
C GLY F 220 -18.57 19.10 -19.97
N LYS F 221 -18.51 20.43 -19.81
CA LYS F 221 -17.32 21.26 -20.13
C LYS F 221 -16.36 21.30 -18.93
N LEU F 222 -15.08 21.06 -19.21
CA LEU F 222 -13.95 21.01 -18.26
C LEU F 222 -13.29 22.39 -18.21
N SER F 223 -13.05 22.89 -17.01
CA SER F 223 -12.29 24.14 -16.79
C SER F 223 -11.64 24.12 -15.40
N ILE F 224 -10.52 24.80 -15.31
CA ILE F 224 -10.00 25.39 -14.04
C ILE F 224 -10.93 26.54 -13.72
N PRO F 225 -11.35 26.74 -12.45
CA PRO F 225 -12.26 27.82 -12.12
C PRO F 225 -11.80 29.14 -12.72
N GLU F 226 -12.72 29.87 -13.38
CA GLU F 226 -12.53 31.20 -14.02
C GLU F 226 -11.71 31.08 -15.31
N GLY F 227 -11.44 29.85 -15.75
CA GLY F 227 -10.59 29.56 -16.93
C GLY F 227 -11.41 29.22 -18.16
N LYS F 228 -10.76 29.19 -19.33
CA LYS F 228 -11.39 28.75 -20.60
C LYS F 228 -12.00 27.35 -20.39
N LYS F 229 -13.15 27.11 -21.02
CA LYS F 229 -13.89 25.81 -20.96
C LYS F 229 -13.58 24.99 -22.21
N PHE F 230 -13.44 23.68 -22.04
CA PHE F 230 -13.04 22.71 -23.08
C PHE F 230 -13.99 21.52 -23.05
N ASP F 231 -14.18 20.86 -24.19
CA ASP F 231 -14.94 19.57 -24.25
C ASP F 231 -14.07 18.43 -23.71
N THR F 232 -12.75 18.49 -23.84
CA THR F 232 -11.84 17.38 -23.44
C THR F 232 -10.57 17.87 -22.72
N LEU F 233 -9.94 16.96 -21.97
CA LEU F 233 -8.66 17.19 -21.26
C LEU F 233 -7.54 17.43 -22.27
N TRP F 234 -7.55 16.73 -23.40
CA TRP F 234 -6.46 16.88 -24.40
C TRP F 234 -6.54 18.28 -25.02
N GLN F 235 -7.72 18.88 -25.14
CA GLN F 235 -7.84 20.29 -25.60
C GLN F 235 -7.22 21.22 -24.55
N LEU F 236 -7.50 20.96 -23.28
CA LEU F 236 -7.03 21.77 -22.13
C LEU F 236 -5.49 21.76 -22.09
N VAL F 237 -4.88 20.59 -22.22
CA VAL F 237 -3.40 20.43 -22.23
C VAL F 237 -2.80 21.19 -23.43
N GLU F 238 -3.37 21.06 -24.62
CA GLU F 238 -2.84 21.79 -25.81
C GLU F 238 -2.89 23.29 -25.52
N HIS F 239 -3.99 23.80 -24.96
CA HIS F 239 -4.16 25.25 -24.69
C HIS F 239 -3.05 25.74 -23.74
N TYR F 240 -2.93 25.09 -22.58
CA TYR F 240 -2.05 25.55 -21.49
C TYR F 240 -0.59 25.18 -21.81
N SER F 241 -0.35 24.35 -22.82
CA SER F 241 1.01 24.12 -23.38
C SER F 241 1.40 25.25 -24.35
N TYR F 242 0.44 26.01 -24.88
CA TYR F 242 0.72 27.13 -25.82
C TYR F 242 0.95 28.42 -25.03
N LYS F 243 0.11 28.71 -24.04
CA LYS F 243 0.27 29.93 -23.20
C LYS F 243 -0.28 29.65 -21.79
N ALA F 244 0.19 30.42 -20.81
CA ALA F 244 -0.06 30.19 -19.37
C ALA F 244 -1.53 30.49 -19.08
N ASP F 245 -2.03 31.60 -19.62
CA ASP F 245 -3.45 32.02 -19.54
C ASP F 245 -3.94 31.85 -18.10
N GLY F 246 -3.16 32.35 -17.13
CA GLY F 246 -3.54 32.36 -15.69
C GLY F 246 -2.72 31.40 -14.86
N LEU F 247 -2.19 30.32 -15.44
CA LEU F 247 -1.23 29.41 -14.74
C LEU F 247 0.03 30.23 -14.44
N LEU F 248 0.81 29.85 -13.43
CA LEU F 248 2.09 30.56 -13.14
C LEU F 248 3.07 30.34 -14.30
N ARG F 249 2.89 29.28 -15.09
CA ARG F 249 3.72 29.09 -16.30
C ARG F 249 3.04 28.09 -17.23
N VAL F 250 3.57 27.97 -18.44
CA VAL F 250 3.04 27.07 -19.50
C VAL F 250 3.44 25.63 -19.14
N LEU F 251 2.61 24.66 -19.53
CA LEU F 251 2.96 23.22 -19.43
C LEU F 251 4.07 22.95 -20.46
N THR F 252 5.04 22.12 -20.09
CA THR F 252 6.15 21.69 -20.96
C THR F 252 6.11 20.16 -21.07
N VAL F 253 6.95 19.45 -20.30
CA VAL F 253 7.21 18.00 -20.50
C VAL F 253 6.19 17.18 -19.69
N PRO F 254 5.53 16.19 -20.31
CA PRO F 254 4.64 15.31 -19.55
C PRO F 254 5.48 14.54 -18.53
N CYS F 255 4.98 14.42 -17.31
CA CYS F 255 5.62 13.59 -16.26
C CYS F 255 5.43 12.12 -16.66
N GLN F 256 6.53 11.40 -16.91
CA GLN F 256 6.52 9.97 -17.32
C GLN F 256 5.79 9.13 -16.27
N LYS F 257 5.01 8.14 -16.72
CA LYS F 257 4.33 7.17 -15.81
C LYS F 257 5.34 6.13 -15.34
N ILE F 258 4.86 5.18 -14.54
CA ILE F 258 5.61 3.98 -14.08
C ILE F 258 4.64 2.79 -13.97
N PRO G 3 -38.62 -38.01 10.67
CA PRO G 3 -37.78 -36.80 10.84
C PRO G 3 -36.56 -36.81 9.92
N GLN G 5 -32.72 -35.32 8.59
CA GLN G 5 -31.43 -34.73 8.97
C GLN G 5 -31.32 -33.33 8.38
N GLU G 6 -30.70 -32.40 9.11
CA GLU G 6 -30.48 -31.01 8.61
C GLU G 6 -29.01 -30.83 8.22
N LEU G 7 -28.78 -29.94 7.27
CA LEU G 7 -27.41 -29.55 6.84
C LEU G 7 -26.70 -28.88 8.00
N GLN G 8 -25.40 -29.12 8.13
CA GLN G 8 -24.51 -28.53 9.16
C GLN G 8 -23.61 -27.47 8.52
N GLY G 9 -23.18 -26.50 9.33
CA GLY G 9 -22.36 -25.36 8.90
C GLY G 9 -23.20 -24.36 8.12
N GLN G 10 -22.55 -23.54 7.29
CA GLN G 10 -23.23 -22.62 6.34
C GLN G 10 -22.50 -22.69 5.00
N ARG G 11 -23.20 -22.30 3.93
CA ARG G 11 -22.68 -22.30 2.54
C ARG G 11 -21.76 -21.07 2.43
N SER G 12 -20.55 -21.25 1.90
CA SER G 12 -19.64 -20.13 1.50
C SER G 12 -19.49 -20.15 -0.02
N ASP G 13 -20.57 -20.50 -0.73
CA ASP G 13 -20.64 -20.49 -2.23
C ASP G 13 -21.65 -19.41 -2.63
N VAL G 14 -21.32 -18.13 -2.39
CA VAL G 14 -22.14 -16.97 -2.86
C VAL G 14 -21.54 -16.43 -4.17
N SER G 16 -21.28 -13.70 -7.27
CA SER G 16 -21.49 -12.31 -7.67
C SER G 16 -22.45 -12.25 -8.85
N ASP G 17 -23.15 -11.13 -9.03
CA ASP G 17 -24.06 -10.87 -10.18
C ASP G 17 -23.87 -9.42 -10.60
N LEU G 18 -24.70 -8.95 -11.53
CA LEU G 18 -24.73 -7.55 -12.01
C LEU G 18 -26.00 -6.85 -11.52
N ASN G 19 -26.55 -7.26 -10.38
CA ASN G 19 -27.73 -6.61 -9.74
C ASN G 19 -27.22 -5.51 -8.80
N THR G 20 -27.96 -4.42 -8.77
CA THR G 20 -27.58 -3.17 -8.05
C THR G 20 -28.57 -2.94 -6.92
N PRO H 3 -5.08 25.40 -0.68
CA PRO H 3 -4.60 24.07 -1.11
C PRO H 3 -4.61 23.87 -2.63
N GLN H 5 -4.10 26.00 -6.24
CA GLN H 5 -3.63 27.24 -6.84
C GLN H 5 -4.77 27.85 -7.65
N GLU H 6 -4.88 29.17 -7.65
CA GLU H 6 -5.89 29.90 -8.46
C GLU H 6 -5.23 30.53 -9.68
N LEU H 7 -5.98 30.68 -10.76
CA LEU H 7 -5.54 31.38 -11.98
C LEU H 7 -5.32 32.85 -11.63
N GLN H 8 -4.31 33.47 -12.24
CA GLN H 8 -3.95 34.90 -12.02
C GLN H 8 -4.34 35.72 -13.26
N GLY H 9 -4.68 36.99 -13.06
CA GLY H 9 -5.22 37.88 -14.11
C GLY H 9 -6.65 37.51 -14.45
N GLN H 10 -7.08 37.84 -15.67
CA GLN H 10 -8.42 37.48 -16.21
C GLN H 10 -8.24 37.08 -17.69
N ARG H 11 -9.22 36.36 -18.24
CA ARG H 11 -9.23 35.85 -19.63
C ARG H 11 -9.51 37.04 -20.56
N SER H 12 -8.71 37.20 -21.61
CA SER H 12 -8.93 38.20 -22.70
C SER H 12 -9.20 37.45 -24.01
N ASP H 13 -9.87 36.29 -23.93
CA ASP H 13 -10.21 35.42 -25.09
C ASP H 13 -11.74 35.42 -25.28
N VAL H 14 -12.31 36.55 -25.69
CA VAL H 14 -13.77 36.76 -25.85
C VAL H 14 -14.15 36.59 -27.33
N SER H 16 -16.89 36.86 -30.43
CA SER H 16 -18.11 37.50 -30.91
C SER H 16 -19.21 36.46 -31.20
N ASP H 17 -20.47 36.86 -31.20
CA ASP H 17 -21.63 35.99 -31.56
C ASP H 17 -22.60 36.78 -32.44
N LEU H 18 -23.79 36.23 -32.70
CA LEU H 18 -24.84 36.91 -33.51
C LEU H 18 -26.01 37.34 -32.61
N ASN H 19 -26.20 36.73 -31.43
CA ASN H 19 -26.94 37.34 -30.28
C ASN H 19 -27.41 36.25 -29.30
N PRO I 3 -6.35 -15.35 19.17
CA PRO I 3 -5.91 -16.49 19.98
C PRO I 3 -5.21 -17.56 19.13
N GLN I 5 -3.90 -21.64 18.63
CA GLN I 5 -4.17 -23.02 18.95
C GLN I 5 -2.99 -23.59 19.75
N GLU I 6 -3.26 -24.45 20.72
CA GLU I 6 -2.23 -25.11 21.56
C GLU I 6 -2.09 -26.57 21.11
N LEU I 7 -0.92 -27.15 21.36
CA LEU I 7 -0.67 -28.60 21.12
C LEU I 7 -1.53 -29.39 22.10
N GLN I 8 -2.06 -30.53 21.67
CA GLN I 8 -2.90 -31.46 22.48
C GLN I 8 -2.09 -32.71 22.80
N GLY I 9 -2.40 -33.37 23.93
CA GLY I 9 -1.64 -34.50 24.48
C GLY I 9 -0.32 -34.02 25.08
N GLN I 10 0.67 -34.90 25.18
CA GLN I 10 2.06 -34.55 25.58
C GLN I 10 3.03 -35.30 24.66
N ARG I 11 4.27 -34.82 24.58
CA ARG I 11 5.34 -35.37 23.72
C ARG I 11 5.85 -36.66 24.37
N SER I 12 5.94 -37.73 23.58
CA SER I 12 6.53 -39.04 23.98
C SER I 12 7.78 -39.29 23.12
N ASP I 13 8.55 -38.24 22.87
CA ASP I 13 9.82 -38.25 22.10
C ASP I 13 10.96 -37.93 23.07
N VAL I 14 11.32 -38.91 23.89
CA VAL I 14 12.42 -38.79 24.89
C VAL I 14 13.70 -39.41 24.32
N SER I 16 17.57 -40.66 25.04
CA SER I 16 18.52 -41.03 26.09
C SER I 16 19.78 -40.16 25.97
N ASP I 17 20.52 -40.00 27.06
CA ASP I 17 21.82 -39.26 27.11
C ASP I 17 22.78 -40.05 27.99
N LEU I 18 23.93 -39.48 28.34
CA LEU I 18 24.96 -40.13 29.19
C LEU I 18 24.95 -39.55 30.61
N ASN I 19 24.51 -38.28 30.77
CA ASN I 19 24.02 -37.70 32.06
C ASN I 19 23.67 -36.21 31.87
N SER J 2 32.23 8.86 7.95
CA SER J 2 31.63 8.54 9.29
C SER J 2 31.09 9.82 9.95
N PRO J 3 29.99 10.40 9.42
CA PRO J 3 29.42 11.62 9.97
C PRO J 3 28.71 11.37 11.30
N GLN J 5 28.71 9.09 14.85
CA GLN J 5 29.51 8.24 15.72
C GLN J 5 28.75 6.92 15.91
N GLU J 6 29.47 5.81 16.02
CA GLU J 6 28.92 4.46 16.23
C GLU J 6 29.10 4.05 17.70
N LEU J 7 28.20 3.20 18.20
CA LEU J 7 28.32 2.62 19.57
C LEU J 7 29.55 1.71 19.57
N GLN J 8 30.27 1.66 20.70
CA GLN J 8 31.46 0.82 20.91
C GLN J 8 31.10 -0.36 21.83
N GLY J 9 31.77 -1.51 21.65
CA GLY J 9 31.46 -2.77 22.36
C GLY J 9 30.20 -3.39 21.82
N GLN J 10 29.55 -4.24 22.63
CA GLN J 10 28.19 -4.79 22.35
C GLN J 10 27.38 -4.74 23.65
N ARG J 11 26.05 -4.79 23.51
CA ARG J 11 25.08 -4.71 24.64
C ARG J 11 25.10 -6.04 25.38
N SER J 12 25.22 -5.98 26.71
CA SER J 12 25.10 -7.14 27.64
C SER J 12 23.86 -6.94 28.52
N ASP J 13 22.78 -6.44 27.92
CA ASP J 13 21.45 -6.23 28.57
C ASP J 13 20.46 -7.21 27.93
N VAL J 14 20.59 -8.50 28.21
CA VAL J 14 19.69 -9.56 27.66
C VAL J 14 18.61 -9.92 28.68
N SER J 16 15.44 -12.32 29.84
CA SER J 16 14.76 -13.60 29.61
C SER J 16 13.30 -13.35 29.25
N ASP J 17 12.63 -14.33 28.62
CA ASP J 17 11.16 -14.32 28.33
C ASP J 17 10.57 -15.69 28.68
N LEU J 18 9.33 -15.96 28.27
CA LEU J 18 8.61 -17.22 28.55
C LEU J 18 8.54 -18.13 27.31
N ASN J 19 8.88 -17.64 26.10
CA ASN J 19 9.15 -18.48 24.89
C ASN J 19 9.22 -17.55 23.67
N PRO K 3 28.43 42.03 5.69
CA PRO K 3 27.55 40.88 5.91
C PRO K 3 27.67 39.84 4.79
N GLN K 5 25.71 36.67 2.65
CA GLN K 5 24.43 36.12 2.27
C GLN K 5 24.28 34.72 2.89
N GLU K 6 23.07 34.36 3.29
CA GLU K 6 22.73 33.00 3.78
C GLU K 6 21.98 32.25 2.69
N LEU K 7 22.05 30.91 2.74
CA LEU K 7 21.28 30.03 1.84
C LEU K 7 19.80 30.18 2.16
N GLN K 8 18.95 30.14 1.14
CA GLN K 8 17.46 30.25 1.27
C GLN K 8 16.81 28.88 1.03
N GLY K 9 15.65 28.64 1.65
CA GLY K 9 14.98 27.33 1.67
C GLY K 9 15.70 26.36 2.59
N GLN K 10 15.56 25.05 2.34
CA GLN K 10 16.33 23.98 3.02
C GLN K 10 16.74 22.94 1.97
N ARG K 11 17.76 22.14 2.29
CA ARG K 11 18.35 21.12 1.38
C ARG K 11 17.38 19.94 1.30
N SER K 12 17.05 19.50 0.08
CA SER K 12 16.27 18.26 -0.18
C SER K 12 17.17 17.26 -0.92
N ASP K 13 18.48 17.27 -0.63
CA ASP K 13 19.46 16.27 -1.16
C ASP K 13 19.97 15.45 0.02
N VAL K 14 19.11 14.58 0.54
CA VAL K 14 19.41 13.72 1.73
C VAL K 14 19.81 12.32 1.25
N SER K 16 20.66 8.34 1.92
CA SER K 16 20.04 7.30 2.71
C SER K 16 21.11 6.60 3.56
N ASP K 17 20.66 5.87 4.58
CA ASP K 17 21.48 5.30 5.69
C ASP K 17 21.22 3.79 5.81
N LEU K 18 21.91 3.13 6.72
CA LEU K 18 21.89 1.66 6.88
C LEU K 18 21.16 1.26 8.17
N ASN K 19 20.23 0.29 8.08
CA ASN K 19 19.38 -0.23 9.18
C ASN K 19 19.34 -1.77 9.16
N GLU L 1 -17.59 -9.49 -7.26
CA GLU L 1 -18.37 -8.46 -6.50
C GLU L 1 -19.56 -8.01 -7.34
N SER L 2 -20.68 -7.81 -6.65
CA SER L 2 -21.93 -7.23 -7.19
C SER L 2 -21.80 -5.71 -7.23
N PRO L 3 -22.21 -5.07 -8.35
CA PRO L 3 -22.10 -3.62 -8.49
C PRO L 3 -23.10 -2.89 -7.59
N GLN L 5 -25.74 0.60 -7.33
CA GLN L 5 -26.59 1.44 -8.15
C GLN L 5 -25.92 2.82 -8.29
N GLU L 6 -26.02 3.41 -9.46
CA GLU L 6 -25.42 4.72 -9.79
C GLU L 6 -26.51 5.80 -9.73
N LEU L 7 -26.08 7.00 -9.39
CA LEU L 7 -26.98 8.18 -9.35
C LEU L 7 -27.39 8.49 -10.79
N GLN L 8 -28.63 8.91 -11.01
CA GLN L 8 -29.18 9.24 -12.36
C GLN L 8 -29.25 10.74 -12.58
N GLY L 9 -29.10 11.17 -13.83
CA GLY L 9 -28.97 12.59 -14.22
C GLY L 9 -27.60 13.12 -13.84
N GLN L 10 -27.49 14.43 -13.58
CA GLN L 10 -26.25 15.08 -13.09
C GLN L 10 -26.63 16.07 -11.99
N ARG L 11 -25.65 16.48 -11.17
CA ARG L 11 -25.84 17.41 -10.02
C ARG L 11 -26.03 18.81 -10.58
N SER L 12 -27.09 19.52 -10.15
CA SER L 12 -27.26 20.98 -10.30
C SER L 12 -27.23 21.61 -8.91
N ASP L 13 -26.37 21.08 -8.03
CA ASP L 13 -26.05 21.64 -6.69
C ASP L 13 -24.59 22.09 -6.73
N VAL L 14 -24.28 23.13 -7.51
CA VAL L 14 -22.92 23.74 -7.60
C VAL L 14 -22.88 24.97 -6.68
N SER L 16 -20.82 28.34 -5.53
CA SER L 16 -19.85 29.32 -6.01
C SER L 16 -18.65 29.37 -5.04
N ASP L 17 -17.52 29.89 -5.54
CA ASP L 17 -16.25 30.08 -4.81
C ASP L 17 -15.80 31.54 -4.98
N LEU L 18 -14.65 31.87 -4.39
CA LEU L 18 -13.99 33.19 -4.56
C LEU L 18 -12.75 32.98 -5.44
N ASN L 19 -12.86 33.43 -6.72
CA ASN L 19 -11.98 33.06 -7.87
C ASN L 19 -11.70 31.55 -7.81
N THR L 20 -10.42 31.13 -7.80
CA THR L 20 -9.86 29.76 -7.56
C THR L 20 -9.25 29.22 -8.87
#